data_5MSK
#
_entry.id   5MSK
#
_cell.length_a   86.840
_cell.length_b   132.610
_cell.length_c   90.930
_cell.angle_alpha   90.00
_cell.angle_beta   92.19
_cell.angle_gamma   90.00
#
_symmetry.space_group_name_H-M   'P 1 21 1'
#
_entity_poly.entity_id   1
_entity_poly.type   'polypeptide(L)'
_entity_poly.pdbx_seq_one_letter_code
;MAKPCGVRLSGEARKQVDVFRQNLFQEADDFLCTFLPRKIISLSQLLQEDSLNVADLSSLRAPLDIPIPDPPPKDDEMET
DKQEKKEVPKCGYLPGNEKLLALLALVKPEVWTLKEKCILVITWIQHLIPKIEDGNDFGVAIQEKVLERVNAVKTKVEAF
QTTISKYFSERGDAVAKASKDTHVMDYRALVHERDEAAYGALRAMVLDLRAFYAELYHIISSNLEKIVNPKGEEKPSMY
;
_entity_poly.pdbx_strand_id   A,B,C,D,E,F,G
#
# COMPACT_ATOMS: atom_id res chain seq x y z
N ARG A 8 41.49 -5.19 -14.94
CA ARG A 8 42.84 -5.13 -14.28
C ARG A 8 43.95 -4.82 -15.31
N LEU A 9 43.60 -4.01 -16.31
CA LEU A 9 44.48 -3.74 -17.47
C LEU A 9 45.60 -2.69 -17.24
N SER A 10 45.26 -1.61 -16.53
CA SER A 10 46.18 -0.47 -16.33
C SER A 10 45.91 0.33 -15.05
N GLY A 11 46.91 1.07 -14.60
CA GLY A 11 46.77 2.06 -13.53
C GLY A 11 47.30 1.68 -12.16
N GLU A 12 48.08 2.60 -11.58
CA GLU A 12 48.56 2.55 -10.19
C GLU A 12 47.37 2.59 -9.19
N ALA A 13 46.18 2.91 -9.72
CA ALA A 13 44.93 3.01 -8.96
C ALA A 13 44.42 1.71 -8.31
N ARG A 14 45.05 0.57 -8.63
CA ARG A 14 44.74 -0.70 -7.95
C ARG A 14 45.39 -0.76 -6.56
N LYS A 15 46.55 -0.11 -6.42
CA LYS A 15 47.15 0.16 -5.11
C LYS A 15 46.34 1.23 -4.36
N GLN A 16 45.47 1.92 -5.11
CA GLN A 16 44.60 2.97 -4.59
C GLN A 16 43.15 2.51 -4.30
N VAL A 17 42.78 1.29 -4.72
CA VAL A 17 41.56 0.66 -4.16
C VAL A 17 41.92 -0.15 -2.92
N ASP A 18 43.20 -0.50 -2.81
CA ASP A 18 43.79 -1.07 -1.61
C ASP A 18 43.79 -0.12 -0.43
N VAL A 19 44.19 1.14 -0.67
CA VAL A 19 44.24 2.17 0.40
C VAL A 19 42.88 2.35 1.07
N PHE A 20 41.82 2.42 0.25
CA PHE A 20 40.46 2.49 0.74
C PHE A 20 40.07 1.23 1.52
N ARG A 21 40.33 0.07 0.93
CA ARG A 21 40.02 -1.24 1.53
C ARG A 21 40.65 -1.36 2.91
N GLN A 22 41.95 -1.11 2.99
CA GLN A 22 42.73 -1.12 4.24
C GLN A 22 42.22 -0.09 5.25
N ASN A 23 41.91 1.11 4.76
CA ASN A 23 41.38 2.22 5.56
C ASN A 23 40.03 1.88 6.17
N LEU A 24 39.16 1.27 5.36
CA LEU A 24 37.83 0.79 5.77
C LEU A 24 37.91 -0.29 6.84
N PHE A 25 38.76 -1.29 6.61
CA PHE A 25 38.94 -2.40 7.55
C PHE A 25 39.44 -1.92 8.91
N GLN A 26 40.39 -0.99 8.87
CA GLN A 26 40.89 -0.35 10.08
C GLN A 26 39.79 0.43 10.78
N GLU A 27 38.99 1.16 10.00
CA GLU A 27 37.83 1.91 10.51
C GLU A 27 36.82 1.02 11.23
N ALA A 28 36.47 -0.10 10.59
CA ALA A 28 35.50 -1.05 11.12
C ALA A 28 35.99 -1.74 12.40
N ASP A 29 37.25 -2.18 12.38
CA ASP A 29 37.90 -2.81 13.53
C ASP A 29 38.07 -1.82 14.70
N ASP A 30 38.29 -0.56 14.36
CA ASP A 30 38.35 0.54 15.33
C ASP A 30 36.98 0.79 15.96
N PHE A 31 35.95 0.90 15.10
CA PHE A 31 34.56 1.12 15.53
C PHE A 31 34.07 0.02 16.48
N LEU A 32 34.33 -1.23 16.11
CA LEU A 32 33.87 -2.40 16.85
C LEU A 32 34.49 -2.51 18.24
N CYS A 33 35.77 -2.19 18.35
CA CYS A 33 36.54 -2.38 19.58
C CYS A 33 36.46 -1.22 20.56
N THR A 34 36.63 0.01 20.06
CA THR A 34 36.67 1.20 20.91
C THR A 34 35.34 1.94 20.97
N PHE A 35 34.83 2.36 19.80
CA PHE A 35 33.65 3.22 19.67
C PHE A 35 32.38 2.62 20.25
N LEU A 36 32.03 1.41 19.80
CA LEU A 36 30.78 0.74 20.18
C LEU A 36 30.58 0.57 21.70
N PRO A 37 31.59 0.02 22.44
CA PRO A 37 31.41 -0.10 23.90
C PRO A 37 31.25 1.25 24.60
N ARG A 38 32.00 2.26 24.16
CA ARG A 38 31.93 3.62 24.70
C ARG A 38 30.55 4.24 24.49
N LYS A 39 30.01 4.09 23.27
CA LYS A 39 28.68 4.57 22.89
C LYS A 39 27.60 3.89 23.74
N ILE A 40 27.57 2.55 23.73
CA ILE A 40 26.68 1.72 24.58
C ILE A 40 26.51 2.27 26.00
N ILE A 41 27.63 2.62 26.62
CA ILE A 41 27.66 3.18 27.97
C ILE A 41 27.16 4.62 27.96
N SER A 42 27.73 5.45 27.08
CA SER A 42 27.45 6.89 27.02
C SER A 42 25.96 7.24 26.95
N LEU A 43 25.18 6.51 26.13
CA LEU A 43 23.74 6.70 26.08
C LEU A 43 23.02 6.15 27.30
N SER A 44 23.44 5.00 27.80
CA SER A 44 22.84 4.41 29.00
C SER A 44 23.07 5.34 30.20
N GLN A 45 24.18 6.08 30.16
CA GLN A 45 24.47 7.17 31.09
C GLN A 45 23.60 8.40 30.86
N LEU A 46 23.26 8.66 29.59
CA LEU A 46 22.32 9.72 29.20
C LEU A 46 20.93 9.40 29.74
N LEU A 47 20.54 8.13 29.65
CA LEU A 47 19.27 7.64 30.18
C LEU A 47 19.09 7.87 31.68
N GLN A 48 20.20 8.04 32.39
CA GLN A 48 20.17 8.41 33.81
C GLN A 48 19.78 9.87 34.05
N GLU A 49 20.14 10.74 33.11
CA GLU A 49 19.87 12.18 33.22
C GLU A 49 18.39 12.51 33.36
N ASP A 50 18.13 13.57 34.10
CA ASP A 50 16.79 13.92 34.58
C ASP A 50 15.79 14.31 33.49
N SER A 51 16.27 14.99 32.46
CA SER A 51 15.46 15.44 31.31
C SER A 51 14.76 14.29 30.59
N LEU A 52 15.34 13.09 30.69
CA LEU A 52 14.80 11.88 30.08
C LEU A 52 14.02 10.98 31.05
N ASN A 53 14.02 11.35 32.33
CA ASN A 53 13.25 10.63 33.35
C ASN A 53 12.37 11.59 34.12
N VAL A 54 11.34 12.08 33.43
CA VAL A 54 10.41 13.03 34.02
C VAL A 54 9.24 12.27 34.63
N ALA A 55 9.03 12.51 35.92
CA ALA A 55 7.93 11.91 36.67
C ALA A 55 6.59 12.45 36.17
N ASP A 56 6.34 13.75 36.40
CA ASP A 56 5.12 14.41 35.97
C ASP A 56 5.26 14.98 34.56
N LEU A 57 4.51 14.41 33.62
CA LEU A 57 4.54 14.82 32.21
C LEU A 57 3.86 16.17 31.96
N SER A 58 3.17 16.69 32.98
CA SER A 58 2.58 18.02 32.95
C SER A 58 3.63 19.13 33.02
N SER A 59 4.81 18.80 33.57
CA SER A 59 5.95 19.71 33.60
C SER A 59 6.53 19.97 32.21
N LEU A 60 6.32 19.01 31.30
CA LEU A 60 6.67 19.15 29.88
C LEU A 60 5.88 20.26 29.17
N ARG A 61 4.59 20.39 29.54
CA ARG A 61 3.64 21.36 28.96
C ARG A 61 4.25 22.76 28.81
N ALA A 62 4.14 23.31 27.60
CA ALA A 62 4.64 24.65 27.28
C ALA A 62 3.49 25.68 27.32
N PRO A 63 3.81 26.96 27.64
CA PRO A 63 2.75 27.98 27.68
C PRO A 63 2.17 28.25 26.30
N LEU A 64 0.88 28.52 26.23
CA LEU A 64 0.19 28.63 24.95
C LEU A 64 -0.31 30.04 24.59
N ASP A 65 -0.58 30.88 25.59
CA ASP A 65 -1.00 32.29 25.42
C ASP A 65 -2.04 32.59 24.31
N ILE A 66 -3.00 31.71 24.08
CA ILE A 66 -4.03 32.01 23.08
C ILE A 66 -5.26 32.56 23.81
N PRO A 67 -5.78 33.74 23.36
CA PRO A 67 -6.96 34.34 24.00
C PRO A 67 -8.20 33.45 23.92
N ILE A 68 -8.78 33.16 25.09
CA ILE A 68 -10.04 32.42 25.20
C ILE A 68 -11.18 33.34 24.74
N PRO A 69 -12.06 32.85 23.84
CA PRO A 69 -13.22 33.65 23.41
C PRO A 69 -14.31 33.76 24.49
N ASP A 70 -15.12 34.81 24.40
CA ASP A 70 -16.25 35.01 25.31
C ASP A 70 -17.59 35.00 24.56
N PRO A 71 -18.58 34.21 25.07
CA PRO A 71 -19.88 34.06 24.41
C PRO A 71 -20.79 35.30 24.55
N PRO A 72 -21.59 35.61 23.50
CA PRO A 72 -22.54 36.72 23.55
C PRO A 72 -23.76 36.40 24.41
N PRO A 89 -9.54 40.29 17.69
CA PRO A 89 -8.63 39.86 18.76
C PRO A 89 -7.67 38.76 18.27
N LYS A 90 -6.50 39.18 17.80
CA LYS A 90 -5.50 38.27 17.23
C LYS A 90 -4.29 38.05 18.13
N CYS A 91 -3.69 36.87 18.01
CA CYS A 91 -2.66 36.35 18.91
C CYS A 91 -1.29 37.04 18.78
N GLY A 92 -0.51 36.97 19.85
CA GLY A 92 0.87 37.50 19.90
C GLY A 92 1.88 36.52 19.33
N TYR A 93 2.88 36.18 20.14
CA TYR A 93 3.96 35.27 19.71
C TYR A 93 3.96 33.93 20.46
N LEU A 94 3.94 32.84 19.70
CA LEU A 94 3.81 31.48 20.24
C LEU A 94 5.10 30.67 20.16
N PRO A 95 5.82 30.52 21.30
CA PRO A 95 7.12 29.86 21.29
C PRO A 95 7.03 28.33 21.21
N GLY A 96 8.10 27.70 20.76
CA GLY A 96 8.22 26.24 20.77
C GLY A 96 8.51 25.70 22.16
N ASN A 97 8.28 24.41 22.36
CA ASN A 97 8.58 23.74 23.62
C ASN A 97 10.10 23.56 23.77
N GLU A 98 10.67 24.34 24.68
CA GLU A 98 12.12 24.36 24.95
C GLU A 98 12.66 23.02 25.41
N LYS A 99 11.90 22.36 26.31
CA LYS A 99 12.29 21.09 26.91
C LYS A 99 12.49 20.00 25.86
N LEU A 100 11.55 19.93 24.91
CA LEU A 100 11.64 19.00 23.78
C LEU A 100 12.78 19.34 22.84
N LEU A 101 12.97 20.63 22.56
CA LEU A 101 14.08 21.13 21.73
C LEU A 101 15.44 20.73 22.28
N ALA A 102 15.62 20.89 23.59
CA ALA A 102 16.84 20.50 24.30
C ALA A 102 17.05 18.98 24.27
N LEU A 103 15.96 18.23 24.40
CA LEU A 103 15.99 16.77 24.28
C LEU A 103 16.32 16.33 22.86
N LEU A 104 15.68 16.97 21.88
CA LEU A 104 15.90 16.68 20.45
C LEU A 104 17.36 16.85 20.06
N ALA A 105 17.98 17.93 20.53
CA ALA A 105 19.41 18.20 20.31
C ALA A 105 20.35 17.12 20.88
N LEU A 106 19.83 16.27 21.76
CA LEU A 106 20.59 15.16 22.33
C LEU A 106 20.40 13.84 21.58
N VAL A 107 19.15 13.50 21.26
CA VAL A 107 18.82 12.25 20.54
C VAL A 107 19.14 12.31 19.05
N LYS A 108 18.88 13.46 18.43
CA LYS A 108 18.99 13.66 16.98
C LYS A 108 20.37 13.36 16.39
N PRO A 109 21.48 13.85 17.02
CA PRO A 109 22.80 13.49 16.48
C PRO A 109 23.14 12.01 16.67
N GLU A 110 22.54 11.39 17.70
CA GLU A 110 22.74 9.96 17.98
C GLU A 110 22.10 9.06 16.92
N VAL A 111 20.95 9.48 16.39
CA VAL A 111 20.24 8.77 15.31
C VAL A 111 21.11 8.78 14.04
N TRP A 112 21.61 9.96 13.67
CA TRP A 112 22.44 10.14 12.48
C TRP A 112 23.75 9.35 12.54
N THR A 113 24.44 9.42 13.69
CA THR A 113 25.71 8.72 13.88
C THR A 113 25.59 7.21 13.80
N LEU A 114 24.47 6.65 14.26
CA LEU A 114 24.20 5.21 14.13
C LEU A 114 23.93 4.81 12.68
N LYS A 115 23.09 5.58 11.99
CA LYS A 115 22.80 5.37 10.58
C LYS A 115 24.09 5.32 9.75
N GLU A 116 25.01 6.23 10.06
CA GLU A 116 26.35 6.26 9.47
C GLU A 116 27.15 4.99 9.75
N LYS A 117 27.09 4.53 11.00
CA LYS A 117 27.82 3.32 11.44
C LYS A 117 27.22 2.04 10.86
N CYS A 118 25.91 2.05 10.62
CA CYS A 118 25.22 0.96 9.93
C CYS A 118 25.76 0.77 8.51
N ILE A 119 25.97 1.89 7.81
CA ILE A 119 26.58 1.92 6.47
C ILE A 119 28.01 1.36 6.51
N LEU A 120 28.77 1.76 7.54
CA LEU A 120 30.14 1.28 7.75
C LEU A 120 30.24 -0.24 7.93
N VAL A 121 29.39 -0.79 8.80
CA VAL A 121 29.29 -2.23 9.06
C VAL A 121 28.89 -2.99 7.78
N ILE A 122 27.93 -2.43 7.04
CA ILE A 122 27.46 -2.98 5.77
C ILE A 122 28.62 -3.06 4.75
N THR A 123 29.32 -1.94 4.53
CA THR A 123 30.48 -1.88 3.61
C THR A 123 31.55 -2.89 4.02
N TRP A 124 31.74 -3.05 5.33
CA TRP A 124 32.71 -3.99 5.90
C TRP A 124 32.38 -5.45 5.59
N ILE A 125 31.18 -5.89 5.97
CA ILE A 125 30.74 -7.29 5.79
C ILE A 125 30.69 -7.68 4.30
N GLN A 126 30.30 -6.74 3.44
CA GLN A 126 30.19 -6.98 2.00
C GLN A 126 31.54 -7.17 1.31
N HIS A 127 32.58 -6.49 1.82
CA HIS A 127 33.96 -6.69 1.38
C HIS A 127 34.56 -8.00 1.90
N LEU A 128 33.86 -8.63 2.84
CA LEU A 128 34.24 -9.93 3.39
C LEU A 128 33.50 -11.09 2.74
N ILE A 129 32.51 -10.78 1.90
CA ILE A 129 31.85 -11.78 1.05
C ILE A 129 32.84 -12.31 0.00
N PRO A 130 33.09 -13.63 0.01
CA PRO A 130 34.04 -14.18 -0.93
C PRO A 130 33.41 -14.47 -2.29
N LYS A 131 34.24 -14.94 -3.22
CA LYS A 131 33.83 -15.48 -4.52
C LYS A 131 32.65 -16.45 -4.34
N ILE A 132 31.57 -16.22 -5.09
CA ILE A 132 30.42 -17.15 -5.03
C ILE A 132 30.85 -18.48 -5.65
N GLU A 133 30.93 -19.48 -4.77
CA GLU A 133 31.48 -20.78 -5.10
C GLU A 133 30.57 -21.86 -4.52
N ASP A 134 30.48 -22.98 -5.23
CA ASP A 134 29.61 -24.10 -4.85
C ASP A 134 30.06 -24.79 -3.56
N GLY A 135 31.37 -24.79 -3.33
CA GLY A 135 31.96 -25.38 -2.13
C GLY A 135 31.65 -24.58 -0.88
N ASN A 136 31.13 -25.28 0.14
CA ASN A 136 30.88 -24.76 1.49
C ASN A 136 29.92 -23.56 1.53
N ASP A 137 28.64 -23.84 1.26
CA ASP A 137 27.58 -22.81 1.22
C ASP A 137 27.22 -22.20 2.56
N PHE A 138 27.33 -22.99 3.64
CA PHE A 138 26.89 -22.59 4.99
C PHE A 138 27.50 -21.29 5.52
N GLY A 139 28.81 -21.11 5.30
CA GLY A 139 29.54 -19.95 5.78
C GLY A 139 29.01 -18.62 5.27
N VAL A 140 28.71 -18.55 3.97
CA VAL A 140 28.19 -17.34 3.32
C VAL A 140 26.77 -17.01 3.80
N ALA A 141 25.99 -18.05 4.13
CA ALA A 141 24.64 -17.90 4.68
C ALA A 141 24.61 -17.14 6.01
N ILE A 142 25.66 -17.33 6.82
CA ILE A 142 25.86 -16.61 8.07
C ILE A 142 26.06 -15.11 7.81
N GLN A 143 26.85 -14.81 6.77
CA GLN A 143 27.23 -13.44 6.42
C GLN A 143 26.00 -12.64 5.99
N GLU A 144 25.14 -13.29 5.20
CA GLU A 144 23.91 -12.71 4.69
C GLU A 144 22.88 -12.44 5.80
N LYS A 145 22.85 -13.32 6.81
CA LYS A 145 21.97 -13.16 7.98
C LYS A 145 22.37 -11.94 8.83
N VAL A 146 23.66 -11.82 9.13
CA VAL A 146 24.18 -10.66 9.88
C VAL A 146 23.93 -9.38 9.10
N LEU A 147 24.13 -9.45 7.78
CA LEU A 147 23.92 -8.31 6.89
C LEU A 147 22.46 -7.84 6.83
N GLU A 148 21.53 -8.78 6.70
CA GLU A 148 20.09 -8.47 6.67
C GLU A 148 19.59 -7.89 8.01
N ARG A 149 20.26 -8.28 9.09
CA ARG A 149 19.99 -7.78 10.44
C ARG A 149 20.38 -6.31 10.58
N VAL A 150 21.59 -5.97 10.11
CA VAL A 150 22.11 -4.59 10.11
C VAL A 150 21.22 -3.68 9.26
N ASN A 151 20.77 -4.20 8.10
CA ASN A 151 19.82 -3.51 7.23
C ASN A 151 18.48 -3.22 7.90
N ALA A 152 18.03 -4.15 8.75
CA ALA A 152 16.80 -4.00 9.53
C ALA A 152 16.92 -2.94 10.62
N VAL A 153 18.14 -2.78 11.16
CA VAL A 153 18.45 -1.74 12.13
C VAL A 153 18.44 -0.36 11.44
N LYS A 154 19.10 -0.27 10.28
CA LYS A 154 19.11 0.95 9.44
C LYS A 154 17.70 1.41 9.06
N THR A 155 16.85 0.45 8.68
CA THR A 155 15.43 0.69 8.34
C THR A 155 14.68 1.35 9.52
N LYS A 156 14.87 0.79 10.72
CA LYS A 156 14.28 1.35 11.95
C LYS A 156 14.82 2.72 12.33
N VAL A 157 16.11 2.94 12.09
CA VAL A 157 16.78 4.22 12.34
C VAL A 157 16.23 5.30 11.39
N GLU A 158 16.01 4.92 10.13
CA GLU A 158 15.40 5.82 9.13
C GLU A 158 13.92 6.10 9.44
N ALA A 159 13.27 5.14 10.08
CA ALA A 159 11.91 5.32 10.60
C ALA A 159 11.88 6.29 11.78
N PHE A 160 12.99 6.40 12.52
CA PHE A 160 13.13 7.38 13.60
C PHE A 160 13.25 8.81 13.07
N GLN A 161 14.03 9.00 12.01
CA GLN A 161 14.21 10.31 11.38
C GLN A 161 12.91 10.87 10.80
N THR A 162 12.09 9.99 10.26
CA THR A 162 10.77 10.36 9.73
C THR A 162 9.74 10.64 10.84
N THR A 163 10.02 10.15 12.05
CA THR A 163 9.23 10.48 13.26
C THR A 163 9.60 11.88 13.78
N ILE A 164 10.88 12.23 13.71
CA ILE A 164 11.39 13.55 14.12
C ILE A 164 10.88 14.65 13.17
N SER A 165 10.99 14.41 11.86
CA SER A 165 10.48 15.31 10.83
C SER A 165 8.97 15.53 10.96
N LYS A 166 8.26 14.48 11.38
CA LYS A 166 6.82 14.50 11.63
C LYS A 166 6.43 15.41 12.79
N TYR A 167 7.33 15.56 13.77
CA TYR A 167 7.04 16.35 14.99
C TYR A 167 6.81 17.83 14.75
N PHE A 168 7.76 18.48 14.07
CA PHE A 168 7.74 19.93 13.87
C PHE A 168 6.58 20.41 12.99
N SER A 169 6.36 19.72 11.87
CA SER A 169 5.25 20.03 10.96
C SER A 169 3.89 19.80 11.60
N GLU A 170 3.79 18.74 12.41
CA GLU A 170 2.55 18.41 13.11
C GLU A 170 2.24 19.33 14.29
N ARG A 171 3.26 19.70 15.06
CA ARG A 171 3.08 20.67 16.16
C ARG A 171 2.78 22.06 15.61
N GLY A 172 3.42 22.39 14.49
CA GLY A 172 3.19 23.65 13.78
C GLY A 172 1.76 23.81 13.29
N ASP A 173 1.27 22.79 12.59
CA ASP A 173 -0.13 22.74 12.12
C ASP A 173 -1.13 22.73 13.28
N ALA A 174 -0.69 22.22 14.42
CA ALA A 174 -1.49 22.15 15.64
C ALA A 174 -1.72 23.51 16.27
N VAL A 175 -0.64 24.27 16.48
CA VAL A 175 -0.73 25.64 17.02
C VAL A 175 -1.38 26.62 16.05
N ALA A 176 -1.14 26.40 14.75
CA ALA A 176 -1.75 27.20 13.68
C ALA A 176 -3.26 27.02 13.63
N LYS A 177 -3.71 25.79 13.85
CA LYS A 177 -5.14 25.48 13.95
C LYS A 177 -5.75 26.00 15.24
N ALA A 178 -5.01 25.88 16.35
CA ALA A 178 -5.45 26.32 17.67
C ALA A 178 -5.60 27.84 17.79
N SER A 179 -4.72 28.58 17.11
CA SER A 179 -4.75 30.04 17.10
C SER A 179 -5.85 30.58 16.17
N LYS A 180 -5.97 30.00 14.98
CA LYS A 180 -7.02 30.36 14.00
C LYS A 180 -8.43 30.12 14.54
N ASP A 181 -8.63 28.96 15.18
CA ASP A 181 -9.88 28.61 15.86
C ASP A 181 -9.64 28.56 17.37
N THR A 182 -9.83 29.71 18.03
CA THR A 182 -9.58 29.86 19.47
C THR A 182 -10.59 29.09 20.33
N HIS A 183 -11.81 28.96 19.83
CA HIS A 183 -12.96 28.39 20.56
C HIS A 183 -12.85 26.91 20.91
N VAL A 184 -12.06 26.17 20.12
CA VAL A 184 -11.87 24.73 20.34
C VAL A 184 -10.69 24.45 21.28
N MET A 185 -11.00 23.83 22.42
CA MET A 185 -10.01 23.57 23.46
C MET A 185 -9.18 22.32 23.19
N ASP A 186 -9.73 21.43 22.35
CA ASP A 186 -9.08 20.16 22.00
C ASP A 186 -7.88 20.35 21.08
N TYR A 187 -7.94 21.39 20.24
CA TYR A 187 -6.81 21.82 19.40
C TYR A 187 -5.64 22.25 20.27
N ARG A 188 -5.95 23.02 21.32
CA ARG A 188 -4.98 23.44 22.35
C ARG A 188 -4.41 22.23 23.09
N ALA A 189 -5.32 21.30 23.44
CA ALA A 189 -5.00 20.11 24.21
C ALA A 189 -4.09 19.13 23.46
N LEU A 190 -4.25 19.05 22.15
CA LEU A 190 -3.42 18.17 21.33
C LEU A 190 -1.99 18.64 21.19
N VAL A 191 -1.78 19.97 21.20
CA VAL A 191 -0.43 20.55 21.09
C VAL A 191 0.44 20.06 22.25
N HIS A 192 -0.12 20.12 23.45
CA HIS A 192 0.50 19.58 24.66
C HIS A 192 0.65 18.06 24.59
N GLU A 193 -0.29 17.40 23.89
CA GLU A 193 -0.28 15.95 23.70
C GLU A 193 0.81 15.47 22.75
N ARG A 194 1.05 16.24 21.68
CA ARG A 194 2.13 15.99 20.72
C ARG A 194 3.50 16.02 21.39
N ASP A 195 3.69 16.99 22.29
CA ASP A 195 4.90 17.13 23.09
C ASP A 195 5.13 15.94 24.02
N GLU A 196 4.05 15.44 24.64
CA GLU A 196 4.09 14.23 25.45
C GLU A 196 4.34 13.00 24.58
N ALA A 197 3.68 12.95 23.42
CA ALA A 197 3.84 11.86 22.45
C ALA A 197 5.25 11.82 21.87
N ALA A 198 5.79 13.00 21.59
CA ALA A 198 7.18 13.15 21.12
C ALA A 198 8.15 12.71 22.21
N TYR A 199 7.98 13.25 23.43
CA TYR A 199 8.82 12.89 24.59
C TYR A 199 8.92 11.39 24.78
N GLY A 200 7.76 10.73 24.85
CA GLY A 200 7.68 9.28 25.02
C GLY A 200 8.37 8.51 23.91
N ALA A 201 8.21 8.99 22.68
CA ALA A 201 8.83 8.40 21.49
C ALA A 201 10.34 8.59 21.50
N LEU A 202 10.79 9.78 21.89
CA LEU A 202 12.21 10.13 21.99
C LEU A 202 12.92 9.36 23.10
N ARG A 203 12.18 9.07 24.18
CA ARG A 203 12.67 8.21 25.24
C ARG A 203 12.86 6.77 24.74
N ALA A 204 11.84 6.26 24.04
CA ALA A 204 11.87 4.94 23.39
C ALA A 204 13.00 4.83 22.38
N MET A 205 13.27 5.94 21.68
CA MET A 205 14.36 6.04 20.71
C MET A 205 15.73 5.72 21.31
N VAL A 206 16.05 6.33 22.46
CA VAL A 206 17.34 6.08 23.08
C VAL A 206 17.53 4.66 23.59
N LEU A 207 16.48 4.12 24.21
CA LEU A 207 16.39 2.71 24.58
C LEU A 207 16.66 1.78 23.39
N ASP A 208 15.99 2.05 22.27
CA ASP A 208 16.16 1.32 21.02
C ASP A 208 17.59 1.41 20.49
N LEU A 209 18.14 2.63 20.43
CA LEU A 209 19.52 2.87 19.95
C LEU A 209 20.55 2.13 20.79
N ARG A 210 20.37 2.16 22.11
CA ARG A 210 21.21 1.39 23.04
C ARG A 210 21.13 -0.09 22.72
N ALA A 211 19.89 -0.58 22.59
CA ALA A 211 19.61 -1.97 22.24
C ALA A 211 20.16 -2.36 20.86
N PHE A 212 20.11 -1.44 19.90
CA PHE A 212 20.62 -1.66 18.55
C PHE A 212 22.14 -1.81 18.52
N TYR A 213 22.84 -0.86 19.15
CA TYR A 213 24.30 -0.92 19.31
C TYR A 213 24.72 -2.22 20.01
N ALA A 214 24.02 -2.53 21.11
CA ALA A 214 24.23 -3.75 21.90
C ALA A 214 24.02 -5.02 21.10
N GLU A 215 22.94 -5.03 20.32
CA GLU A 215 22.55 -6.14 19.46
C GLU A 215 23.58 -6.40 18.37
N LEU A 216 24.06 -5.32 17.74
CA LEU A 216 25.08 -5.42 16.70
C LEU A 216 26.37 -6.00 17.24
N TYR A 217 26.86 -5.44 18.34
CA TYR A 217 28.06 -5.93 19.02
C TYR A 217 27.98 -7.44 19.26
N HIS A 218 26.91 -7.87 19.91
CA HIS A 218 26.72 -9.27 20.28
C HIS A 218 26.65 -10.23 19.08
N ILE A 219 25.91 -9.84 18.03
CA ILE A 219 25.75 -10.65 16.82
C ILE A 219 27.07 -10.78 16.04
N ILE A 220 27.78 -9.66 15.89
CA ILE A 220 29.08 -9.64 15.22
C ILE A 220 30.16 -10.37 16.06
N SER A 221 30.30 -9.98 17.33
CA SER A 221 31.30 -10.55 18.25
C SER A 221 31.27 -12.07 18.32
N SER A 222 30.09 -12.62 18.61
CA SER A 222 29.90 -14.06 18.76
C SER A 222 30.15 -14.86 17.47
N ASN A 223 29.93 -14.21 16.32
CA ASN A 223 30.08 -14.86 15.02
C ASN A 223 31.29 -14.43 14.18
N LEU A 224 32.10 -13.50 14.71
CA LEU A 224 33.20 -12.85 13.96
C LEU A 224 34.10 -13.81 13.20
N GLU A 225 34.46 -14.90 13.87
CA GLU A 225 35.21 -16.02 13.32
C GLU A 225 34.74 -16.39 11.90
N LYS A 226 33.46 -16.73 11.80
CA LYS A 226 32.82 -17.09 10.53
C LYS A 226 32.61 -15.91 9.59
N ILE A 227 32.43 -14.71 10.16
CA ILE A 227 32.21 -13.47 9.39
C ILE A 227 33.44 -13.06 8.56
N VAL A 228 34.63 -13.23 9.13
CA VAL A 228 35.88 -12.83 8.43
C VAL A 228 36.25 -13.84 7.34
N ASN A 229 36.16 -15.13 7.65
CA ASN A 229 36.36 -16.20 6.64
C ASN A 229 35.28 -17.29 6.71
N PRO A 230 34.22 -17.14 5.89
CA PRO A 230 33.13 -18.14 5.81
C PRO A 230 33.61 -19.50 5.30
N LYS A 231 34.73 -19.50 4.58
CA LYS A 231 35.32 -20.69 3.98
C LYS A 231 36.21 -21.49 4.94
N GLY A 232 36.93 -20.79 5.82
CA GLY A 232 37.93 -21.39 6.69
C GLY A 232 39.32 -20.88 6.38
N GLU A 233 40.20 -21.79 5.97
CA GLU A 233 41.60 -21.52 5.56
C GLU A 233 42.36 -20.50 6.42
N GLY B 6 37.68 -15.65 17.69
CA GLY B 6 36.97 -15.00 18.78
C GLY B 6 37.02 -13.50 18.61
N VAL B 7 36.37 -12.77 19.49
CA VAL B 7 36.37 -11.30 19.40
C VAL B 7 37.48 -10.68 20.26
N ARG B 8 38.24 -9.77 19.64
CA ARG B 8 39.29 -9.01 20.35
C ARG B 8 38.71 -7.84 21.15
N LEU B 9 39.25 -7.65 22.36
CA LEU B 9 38.73 -6.65 23.31
C LEU B 9 39.81 -5.90 24.06
N SER B 10 39.63 -4.58 24.13
CA SER B 10 40.40 -3.73 25.06
C SER B 10 39.92 -4.02 26.47
N GLY B 11 40.84 -3.90 27.44
CA GLY B 11 40.54 -4.12 28.86
C GLY B 11 39.41 -3.26 29.40
N GLU B 12 39.44 -1.98 29.01
CA GLU B 12 38.39 -1.00 29.33
C GLU B 12 37.08 -1.36 28.63
N ALA B 13 37.18 -1.68 27.33
CA ALA B 13 36.03 -2.01 26.49
C ALA B 13 35.32 -3.29 26.94
N ARG B 14 36.10 -4.29 27.37
CA ARG B 14 35.55 -5.55 27.90
C ARG B 14 34.86 -5.32 29.23
N LYS B 15 35.40 -4.42 30.05
CA LYS B 15 34.75 -3.99 31.29
C LYS B 15 33.45 -3.24 30.99
N GLN B 16 33.49 -2.36 29.99
CA GLN B 16 32.34 -1.55 29.57
C GLN B 16 31.21 -2.35 28.90
N VAL B 17 31.59 -3.39 28.16
CA VAL B 17 30.63 -4.31 27.56
C VAL B 17 29.96 -5.16 28.65
N ASP B 18 30.78 -5.63 29.58
CA ASP B 18 30.34 -6.51 30.67
C ASP B 18 29.39 -5.87 31.66
N VAL B 19 29.71 -4.65 32.12
CA VAL B 19 28.88 -3.93 33.08
C VAL B 19 27.44 -3.75 32.58
N PHE B 20 27.32 -3.37 31.30
CA PHE B 20 26.02 -3.24 30.65
C PHE B 20 25.33 -4.60 30.54
N ARG B 21 26.05 -5.61 30.04
CA ARG B 21 25.55 -6.97 29.88
C ARG B 21 24.96 -7.49 31.20
N GLN B 22 25.76 -7.43 32.26
CA GLN B 22 25.37 -7.84 33.61
C GLN B 22 24.18 -7.03 34.15
N ASN B 23 24.22 -5.72 33.92
CA ASN B 23 23.16 -4.79 34.34
C ASN B 23 21.84 -5.09 33.65
N LEU B 24 21.91 -5.38 32.35
CA LEU B 24 20.75 -5.76 31.54
C LEU B 24 20.13 -7.08 32.01
N PHE B 25 20.97 -8.09 32.22
CA PHE B 25 20.51 -9.41 32.67
C PHE B 25 19.81 -9.34 34.02
N GLN B 26 20.39 -8.55 34.93
CA GLN B 26 19.79 -8.29 36.22
C GLN B 26 18.45 -7.57 36.08
N GLU B 27 18.40 -6.58 35.18
CA GLU B 27 17.18 -5.83 34.86
C GLU B 27 16.05 -6.74 34.37
N ALA B 28 16.38 -7.62 33.42
CA ALA B 28 15.43 -8.55 32.81
C ALA B 28 14.91 -9.58 33.81
N ASP B 29 15.83 -10.15 34.60
CA ASP B 29 15.48 -11.12 35.65
C ASP B 29 14.65 -10.47 36.77
N ASP B 30 14.93 -9.19 37.03
CA ASP B 30 14.15 -8.38 37.98
C ASP B 30 12.75 -8.13 37.44
N PHE B 31 12.66 -7.69 36.19
CA PHE B 31 11.38 -7.42 35.51
C PHE B 31 10.46 -8.64 35.47
N LEU B 32 11.03 -9.79 35.11
CA LEU B 32 10.29 -11.05 34.95
C LEU B 32 9.70 -11.56 36.26
N CYS B 33 10.47 -11.43 37.35
CA CYS B 33 10.12 -12.01 38.65
C CYS B 33 9.24 -11.12 39.51
N THR B 34 9.59 -9.84 39.62
CA THR B 34 8.89 -8.90 40.50
C THR B 34 7.86 -8.03 39.76
N PHE B 35 8.34 -7.29 38.75
CA PHE B 35 7.55 -6.28 38.03
C PHE B 35 6.31 -6.84 37.34
N LEU B 36 6.52 -7.85 36.48
CA LEU B 36 5.46 -8.43 35.65
C LEU B 36 4.24 -8.94 36.44
N PRO B 37 4.45 -9.78 37.49
CA PRO B 37 3.27 -10.22 38.27
C PRO B 37 2.52 -9.06 38.95
N ARG B 38 3.26 -8.08 39.46
CA ARG B 38 2.68 -6.89 40.10
C ARG B 38 1.84 -6.08 39.13
N LYS B 39 2.37 -5.88 37.92
CA LYS B 39 1.71 -5.15 36.84
C LYS B 39 0.41 -5.88 36.43
N ILE B 40 0.53 -7.16 36.07
CA ILE B 40 -0.60 -8.06 35.75
C ILE B 40 -1.81 -7.84 36.67
N ILE B 41 -1.54 -7.79 37.97
CA ILE B 41 -2.55 -7.58 39.01
C ILE B 41 -3.01 -6.12 39.00
N SER B 42 -2.06 -5.19 39.05
CA SER B 42 -2.36 -3.75 39.17
C SER B 42 -3.37 -3.23 38.16
N LEU B 43 -3.23 -3.64 36.89
CA LEU B 43 -4.18 -3.26 35.84
C LEU B 43 -5.51 -3.99 35.96
N SER B 44 -5.47 -5.28 36.29
CA SER B 44 -6.70 -6.05 36.48
C SER B 44 -7.50 -5.48 37.65
N GLN B 45 -6.79 -4.89 38.62
CA GLN B 45 -7.38 -4.11 39.71
C GLN B 45 -7.92 -2.76 39.24
N LEU B 46 -7.25 -2.16 38.25
CA LEU B 46 -7.70 -0.93 37.59
C LEU B 46 -9.00 -1.20 36.85
N LEU B 47 -9.08 -2.35 36.18
CA LEU B 47 -10.28 -2.79 35.47
C LEU B 47 -11.52 -2.91 36.36
N GLN B 48 -11.31 -3.05 37.67
CA GLN B 48 -12.39 -3.03 38.65
C GLN B 48 -12.97 -1.65 38.90
N GLU B 49 -12.12 -0.62 38.78
CA GLU B 49 -12.53 0.77 39.03
C GLU B 49 -13.67 1.24 38.12
N ASP B 50 -14.50 2.11 38.68
CA ASP B 50 -15.80 2.49 38.10
C ASP B 50 -15.71 3.26 36.78
N SER B 51 -14.68 4.11 36.65
CA SER B 51 -14.44 4.91 35.44
C SER B 51 -14.29 4.07 34.16
N LEU B 52 -13.84 2.82 34.34
CA LEU B 52 -13.65 1.86 33.25
C LEU B 52 -14.80 0.87 33.08
N ASN B 53 -15.76 0.91 33.99
CA ASN B 53 -16.96 0.06 33.91
C ASN B 53 -18.22 0.92 34.00
N VAL B 54 -18.46 1.67 32.94
CA VAL B 54 -19.61 2.57 32.88
C VAL B 54 -20.78 1.83 32.24
N ALA B 55 -21.90 1.77 32.98
CA ALA B 55 -23.13 1.15 32.52
C ALA B 55 -23.73 1.96 31.36
N ASP B 56 -24.19 3.18 31.66
CA ASP B 56 -24.77 4.08 30.67
C ASP B 56 -23.69 4.95 30.01
N LEU B 57 -23.46 4.72 28.72
CA LEU B 57 -22.45 5.46 27.94
C LEU B 57 -22.85 6.91 27.63
N SER B 58 -24.11 7.24 27.92
CA SER B 58 -24.62 8.61 27.80
C SER B 58 -24.07 9.53 28.89
N SER B 59 -23.64 8.94 30.01
CA SER B 59 -22.98 9.67 31.10
C SER B 59 -21.59 10.17 30.69
N LEU B 60 -20.99 9.50 29.71
CA LEU B 60 -19.72 9.93 29.11
C LEU B 60 -19.82 11.26 28.37
N ARG B 61 -20.97 11.46 27.70
CA ARG B 61 -21.27 12.63 26.88
C ARG B 61 -20.91 13.95 27.58
N ALA B 62 -20.18 14.79 26.85
CA ALA B 62 -19.73 16.10 27.35
C ALA B 62 -20.64 17.22 26.81
N PRO B 63 -20.78 18.33 27.57
CA PRO B 63 -21.61 19.45 27.10
C PRO B 63 -21.02 20.11 25.85
N LEU B 64 -21.89 20.54 24.94
CA LEU B 64 -21.43 21.05 23.66
C LEU B 64 -21.63 22.56 23.42
N ASP B 65 -22.63 23.15 24.07
CA ASP B 65 -22.92 24.60 24.02
C ASP B 65 -22.85 25.30 22.64
N ILE B 66 -23.25 24.62 21.58
CA ILE B 66 -23.25 25.27 20.26
C ILE B 66 -24.68 25.78 19.97
N PRO B 67 -24.81 27.09 19.61
CA PRO B 67 -26.13 27.66 19.32
C PRO B 67 -26.83 26.97 18.15
N ILE B 68 -28.05 26.50 18.40
CA ILE B 68 -28.92 25.90 17.37
C ILE B 68 -29.45 27.04 16.48
N PRO B 69 -29.34 26.90 15.14
CA PRO B 69 -29.89 27.92 14.23
C PRO B 69 -31.42 27.88 14.17
N ASP B 70 -32.00 29.02 13.78
CA ASP B 70 -33.46 29.14 13.60
C ASP B 70 -33.82 29.48 12.14
N PRO B 71 -34.78 28.71 11.56
CA PRO B 71 -35.17 28.90 10.15
C PRO B 71 -36.00 30.16 9.92
N CYS B 91 -19.35 30.13 18.75
CA CYS B 91 -18.81 30.97 19.81
C CYS B 91 -18.80 30.27 21.18
N GLY B 92 -18.12 30.90 22.15
CA GLY B 92 -17.88 30.30 23.46
C GLY B 92 -16.65 29.43 23.43
N TYR B 93 -16.22 28.95 24.60
CA TYR B 93 -15.12 27.99 24.65
C TYR B 93 -15.63 26.58 24.92
N LEU B 94 -15.32 25.66 24.00
CA LEU B 94 -15.84 24.30 24.05
C LEU B 94 -14.84 23.36 24.72
N PRO B 95 -15.12 22.95 25.98
CA PRO B 95 -14.14 22.18 26.76
C PRO B 95 -14.04 20.71 26.34
N GLY B 96 -12.85 20.14 26.50
CA GLY B 96 -12.62 18.72 26.21
C GLY B 96 -13.27 17.82 27.24
N ASN B 97 -13.70 16.63 26.80
CA ASN B 97 -14.35 15.64 27.66
C ASN B 97 -13.41 15.22 28.78
N GLU B 98 -13.72 15.68 29.99
CA GLU B 98 -12.93 15.47 31.20
C GLU B 98 -12.78 13.99 31.55
N LYS B 99 -13.88 13.24 31.40
CA LYS B 99 -13.94 11.82 31.74
C LYS B 99 -12.93 11.00 30.94
N LEU B 100 -12.86 11.28 29.63
CA LEU B 100 -11.89 10.65 28.73
C LEU B 100 -10.46 11.05 29.05
N LEU B 101 -10.24 12.34 29.33
CA LEU B 101 -8.94 12.87 29.73
C LEU B 101 -8.37 12.19 30.98
N ALA B 102 -9.24 12.01 31.98
CA ALA B 102 -8.89 11.31 33.22
C ALA B 102 -8.57 9.83 32.97
N LEU B 103 -9.32 9.21 32.07
CA LEU B 103 -9.09 7.83 31.64
C LEU B 103 -7.78 7.72 30.85
N LEU B 104 -7.57 8.65 29.92
CA LEU B 104 -6.35 8.70 29.10
C LEU B 104 -5.09 8.76 29.95
N ALA B 105 -5.11 9.61 30.99
CA ALA B 105 -4.01 9.75 31.93
C ALA B 105 -3.67 8.47 32.71
N LEU B 106 -4.58 7.50 32.66
CA LEU B 106 -4.41 6.20 33.30
C LEU B 106 -3.86 5.13 32.36
N VAL B 107 -4.43 5.03 31.16
CA VAL B 107 -4.01 4.04 30.15
C VAL B 107 -2.71 4.41 29.43
N LYS B 108 -2.56 5.70 29.13
CA LYS B 108 -1.44 6.23 28.33
C LYS B 108 -0.04 5.92 28.90
N PRO B 109 0.20 6.09 30.22
CA PRO B 109 1.53 5.72 30.74
C PRO B 109 1.76 4.20 30.73
N GLU B 110 0.67 3.44 30.80
CA GLU B 110 0.72 1.97 30.76
C GLU B 110 1.15 1.43 29.39
N VAL B 111 0.73 2.12 28.33
CA VAL B 111 1.10 1.79 26.94
C VAL B 111 2.60 1.99 26.75
N TRP B 112 3.10 3.14 27.18
CA TRP B 112 4.52 3.51 27.07
C TRP B 112 5.44 2.58 27.85
N THR B 113 5.06 2.28 29.10
CA THR B 113 5.86 1.41 29.97
C THR B 113 5.97 -0.03 29.45
N LEU B 114 4.93 -0.53 28.80
CA LEU B 114 4.98 -1.85 28.14
C LEU B 114 5.88 -1.86 26.91
N LYS B 115 5.75 -0.84 26.06
CA LYS B 115 6.60 -0.66 24.88
C LYS B 115 8.09 -0.67 25.28
N GLU B 116 8.41 0.03 26.37
CA GLU B 116 9.74 0.03 26.97
C GLU B 116 10.19 -1.37 27.40
N LYS B 117 9.29 -2.11 28.06
CA LYS B 117 9.59 -3.46 28.55
C LYS B 117 9.72 -4.49 27.42
N CYS B 118 9.01 -4.25 26.32
CA CYS B 118 9.15 -5.04 25.10
C CYS B 118 10.56 -4.95 24.54
N ILE B 119 11.10 -3.72 24.53
CA ILE B 119 12.49 -3.46 24.12
C ILE B 119 13.49 -4.19 25.04
N LEU B 120 13.21 -4.15 26.35
CA LEU B 120 14.04 -4.82 27.36
C LEU B 120 14.11 -6.34 27.16
N VAL B 121 12.96 -6.97 26.96
CA VAL B 121 12.85 -8.41 26.69
C VAL B 121 13.57 -8.78 25.39
N ILE B 122 13.40 -7.94 24.36
CA ILE B 122 14.08 -8.11 23.07
C ILE B 122 15.61 -8.08 23.23
N THR B 123 16.14 -7.04 23.88
CA THR B 123 17.58 -6.91 24.14
C THR B 123 18.12 -8.11 24.94
N TRP B 124 17.31 -8.60 25.87
CA TRP B 124 17.64 -9.76 26.69
C TRP B 124 17.78 -11.06 25.88
N ILE B 125 16.72 -11.42 25.15
CA ILE B 125 16.70 -12.67 24.36
C ILE B 125 17.79 -12.69 23.27
N GLN B 126 18.06 -11.52 22.67
CA GLN B 126 19.05 -11.39 21.60
C GLN B 126 20.48 -11.57 22.11
N HIS B 127 20.74 -11.17 23.35
CA HIS B 127 22.02 -11.42 24.02
C HIS B 127 22.18 -12.88 24.46
N LEU B 128 21.08 -13.63 24.39
CA LEU B 128 21.07 -15.06 24.67
C LEU B 128 21.16 -15.94 23.42
N ILE B 129 21.06 -15.31 22.25
CA ILE B 129 21.31 -15.99 20.98
C ILE B 129 22.81 -16.35 20.89
N PRO B 130 23.11 -17.67 20.75
CA PRO B 130 24.50 -18.10 20.68
C PRO B 130 25.09 -17.95 19.28
N LYS B 131 26.37 -18.29 19.17
CA LYS B 131 27.08 -18.44 17.91
C LYS B 131 26.26 -19.26 16.92
N ILE B 132 26.03 -18.74 15.71
CA ILE B 132 25.31 -19.49 14.67
C ILE B 132 26.17 -20.67 14.25
N GLU B 133 25.69 -21.86 14.62
CA GLU B 133 26.43 -23.11 14.47
C GLU B 133 25.49 -24.16 13.90
N ASP B 134 26.06 -25.06 13.10
CA ASP B 134 25.30 -26.12 12.42
C ASP B 134 24.73 -27.15 13.41
N GLY B 135 25.45 -27.39 14.50
CA GLY B 135 25.02 -28.31 15.55
C GLY B 135 23.83 -27.81 16.34
N ASN B 136 22.81 -28.66 16.43
CA ASN B 136 21.60 -28.46 17.26
C ASN B 136 20.80 -27.19 16.88
N ASP B 137 20.15 -27.24 15.72
CA ASP B 137 19.37 -26.11 15.18
C ASP B 137 18.09 -25.80 15.95
N PHE B 138 17.46 -26.84 16.51
CA PHE B 138 16.13 -26.73 17.15
C PHE B 138 16.04 -25.68 18.27
N GLY B 139 17.07 -25.61 19.11
CA GLY B 139 17.10 -24.69 20.26
C GLY B 139 16.98 -23.23 19.88
N VAL B 140 17.72 -22.82 18.85
CA VAL B 140 17.72 -21.43 18.36
C VAL B 140 16.37 -21.05 17.73
N ALA B 141 15.71 -22.04 17.11
CA ALA B 141 14.38 -21.85 16.52
C ALA B 141 13.32 -21.44 17.55
N ILE B 142 13.46 -21.95 18.77
CA ILE B 142 12.62 -21.57 19.91
C ILE B 142 12.81 -20.10 20.28
N GLN B 143 14.06 -19.65 20.25
CA GLN B 143 14.45 -18.29 20.65
C GLN B 143 13.86 -17.28 19.69
N GLU B 144 13.91 -17.61 18.40
CA GLU B 144 13.38 -16.77 17.32
C GLU B 144 11.85 -16.66 17.35
N LYS B 145 11.18 -17.74 17.75
CA LYS B 145 9.71 -17.76 17.92
C LYS B 145 9.24 -16.84 19.05
N VAL B 146 9.89 -16.96 20.22
CA VAL B 146 9.59 -16.09 21.37
C VAL B 146 9.86 -14.63 21.01
N LEU B 147 10.97 -14.40 20.31
CA LEU B 147 11.37 -13.05 19.87
C LEU B 147 10.37 -12.42 18.89
N GLU B 148 9.92 -13.18 17.90
CA GLU B 148 8.93 -12.70 16.91
C GLU B 148 7.57 -12.41 17.56
N ARG B 149 7.26 -13.13 18.62
CA ARG B 149 6.06 -12.93 19.42
C ARG B 149 6.09 -11.59 20.18
N VAL B 150 7.22 -11.31 20.83
CA VAL B 150 7.44 -10.05 21.56
C VAL B 150 7.37 -8.85 20.60
N ASN B 151 7.95 -9.02 19.41
CA ASN B 151 7.87 -8.02 18.32
C ASN B 151 6.44 -7.75 17.86
N ALA B 152 5.62 -8.79 17.83
CA ALA B 152 4.19 -8.68 17.48
C ALA B 152 3.38 -7.93 18.54
N VAL B 153 3.80 -8.07 19.80
CA VAL B 153 3.21 -7.33 20.93
C VAL B 153 3.57 -5.83 20.84
N LYS B 154 4.85 -5.55 20.58
CA LYS B 154 5.36 -4.17 20.36
C LYS B 154 4.63 -3.47 19.21
N THR B 155 4.42 -4.20 18.12
CA THR B 155 3.68 -3.71 16.94
C THR B 155 2.25 -3.28 17.30
N LYS B 156 1.55 -4.12 18.07
CA LYS B 156 0.21 -3.83 18.55
C LYS B 156 0.16 -2.66 19.53
N VAL B 157 1.20 -2.54 20.34
CA VAL B 157 1.25 -1.48 21.32
C VAL B 157 1.62 -0.12 20.68
N GLU B 158 2.40 -0.16 19.59
CA GLU B 158 2.61 1.02 18.74
C GLU B 158 1.36 1.40 17.93
N ALA B 159 0.53 0.40 17.62
CA ALA B 159 -0.79 0.62 17.02
C ALA B 159 -1.78 1.29 17.99
N PHE B 160 -1.56 1.08 19.29
CA PHE B 160 -2.35 1.74 20.33
C PHE B 160 -2.02 3.23 20.44
N GLN B 161 -0.73 3.57 20.37
CA GLN B 161 -0.28 4.97 20.44
C GLN B 161 -0.79 5.81 19.28
N THR B 162 -0.87 5.19 18.10
CA THR B 162 -1.42 5.84 16.91
C THR B 162 -2.95 5.96 16.94
N THR B 163 -3.60 5.16 17.79
CA THR B 163 -5.04 5.30 18.07
C THR B 163 -5.31 6.48 19.03
N ILE B 164 -4.41 6.67 20.01
CA ILE B 164 -4.49 7.77 20.97
C ILE B 164 -4.25 9.12 20.29
N SER B 165 -3.21 9.19 19.46
CA SER B 165 -2.89 10.37 18.66
C SER B 165 -4.02 10.74 17.70
N LYS B 166 -4.71 9.71 17.20
CA LYS B 166 -5.86 9.85 16.32
C LYS B 166 -7.07 10.49 17.02
N TYR B 167 -7.20 10.29 18.34
CA TYR B 167 -8.35 10.79 19.11
C TYR B 167 -8.47 12.31 19.17
N PHE B 168 -7.38 12.98 19.59
CA PHE B 168 -7.40 14.43 19.80
C PHE B 168 -7.60 15.25 18.53
N SER B 169 -6.86 14.88 17.48
CA SER B 169 -6.98 15.53 16.16
C SER B 169 -8.35 15.32 15.54
N GLU B 170 -8.91 14.12 15.71
CA GLU B 170 -10.23 13.79 15.18
C GLU B 170 -11.38 14.42 15.94
N ARG B 171 -11.28 14.47 17.27
CA ARG B 171 -12.29 15.15 18.09
C ARG B 171 -12.23 16.66 17.88
N GLY B 172 -11.01 17.18 17.70
CA GLY B 172 -10.78 18.58 17.40
C GLY B 172 -11.40 19.03 16.10
N ASP B 173 -11.14 18.27 15.03
CA ASP B 173 -11.73 18.52 13.70
C ASP B 173 -13.26 18.37 13.71
N ALA B 174 -13.74 17.54 14.64
CA ALA B 174 -15.16 17.28 14.82
C ALA B 174 -15.91 18.46 15.40
N VAL B 175 -15.41 19.01 16.52
CA VAL B 175 -15.99 20.21 17.15
C VAL B 175 -15.81 21.47 16.31
N ALA B 176 -14.69 21.53 15.58
CA ALA B 176 -14.40 22.65 14.67
C ALA B 176 -15.37 22.67 13.50
N LYS B 177 -15.71 21.48 12.98
CA LYS B 177 -16.73 21.34 11.94
C LYS B 177 -18.14 21.62 12.46
N ALA B 178 -18.42 21.14 13.67
CA ALA B 178 -19.73 21.29 14.31
C ALA B 178 -20.06 22.75 14.66
N SER B 179 -19.04 23.51 15.06
CA SER B 179 -19.19 24.93 15.40
C SER B 179 -19.32 25.81 14.15
N LYS B 180 -18.48 25.54 13.15
CA LYS B 180 -18.51 26.26 11.86
C LYS B 180 -19.84 26.09 11.13
N ASP B 181 -20.34 24.85 11.09
CA ASP B 181 -21.66 24.55 10.52
C ASP B 181 -22.60 24.10 11.64
N THR B 182 -23.32 25.07 12.20
CA THR B 182 -24.23 24.84 13.33
C THR B 182 -25.49 24.06 12.93
N HIS B 183 -25.88 24.20 11.66
CA HIS B 183 -27.12 23.63 11.12
C HIS B 183 -27.15 22.11 10.95
N VAL B 184 -25.97 21.48 10.97
CA VAL B 184 -25.87 20.03 10.79
C VAL B 184 -25.66 19.28 12.11
N MET B 185 -26.69 18.53 12.49
CA MET B 185 -26.73 17.80 13.77
C MET B 185 -25.81 16.58 13.78
N ASP B 186 -25.51 16.06 12.59
CA ASP B 186 -24.65 14.87 12.41
C ASP B 186 -23.22 15.08 12.90
N TYR B 187 -22.68 16.28 12.66
CA TYR B 187 -21.36 16.68 13.19
C TYR B 187 -21.36 16.66 14.71
N ARG B 188 -22.42 17.22 15.30
CA ARG B 188 -22.60 17.32 16.76
C ARG B 188 -22.74 15.95 17.44
N ALA B 189 -23.42 15.02 16.76
CA ALA B 189 -23.65 13.66 17.27
C ALA B 189 -22.38 12.81 17.25
N LEU B 190 -21.53 13.06 16.25
CA LEU B 190 -20.27 12.34 16.04
C LEU B 190 -19.22 12.63 17.11
N VAL B 191 -19.21 13.86 17.62
CA VAL B 191 -18.26 14.27 18.67
C VAL B 191 -18.47 13.41 19.91
N HIS B 192 -19.74 13.25 20.30
CA HIS B 192 -20.14 12.37 21.39
C HIS B 192 -19.84 10.91 21.06
N GLU B 193 -19.91 10.57 19.77
CA GLU B 193 -19.63 9.21 19.27
C GLU B 193 -18.15 8.85 19.34
N ARG B 194 -17.29 9.83 19.04
CA ARG B 194 -15.82 9.67 19.13
C ARG B 194 -15.40 9.36 20.55
N ASP B 195 -16.02 10.06 21.52
CA ASP B 195 -15.79 9.85 22.95
C ASP B 195 -16.19 8.45 23.40
N GLU B 196 -17.32 7.97 22.89
CA GLU B 196 -17.77 6.59 23.11
C GLU B 196 -16.85 5.58 22.43
N ALA B 197 -16.45 5.88 21.20
CA ALA B 197 -15.53 5.05 20.41
C ALA B 197 -14.15 4.99 21.06
N ALA B 198 -13.68 6.12 21.57
CA ALA B 198 -12.42 6.20 22.32
C ALA B 198 -12.51 5.39 23.61
N TYR B 199 -13.57 5.64 24.41
CA TYR B 199 -13.81 4.92 25.65
C TYR B 199 -13.73 3.40 25.47
N GLY B 200 -14.51 2.90 24.51
CA GLY B 200 -14.55 1.48 24.19
C GLY B 200 -13.20 0.92 23.78
N ALA B 201 -12.47 1.70 22.98
CA ALA B 201 -11.12 1.35 22.53
C ALA B 201 -10.11 1.34 23.68
N LEU B 202 -10.22 2.34 24.56
CA LEU B 202 -9.36 2.47 25.74
C LEU B 202 -9.62 1.38 26.77
N ARG B 203 -10.86 0.92 26.86
CA ARG B 203 -11.23 -0.23 27.67
C ARG B 203 -10.60 -1.51 27.12
N ALA B 204 -10.71 -1.70 25.81
CA ALA B 204 -10.09 -2.82 25.09
C ALA B 204 -8.57 -2.83 25.23
N MET B 205 -7.98 -1.63 25.26
CA MET B 205 -6.55 -1.43 25.47
C MET B 205 -6.04 -2.05 26.76
N VAL B 206 -6.72 -1.78 27.88
CA VAL B 206 -6.31 -2.32 29.19
C VAL B 206 -6.37 -3.85 29.18
N LEU B 207 -7.49 -4.39 28.67
CA LEU B 207 -7.67 -5.84 28.54
C LEU B 207 -6.54 -6.47 27.74
N ASP B 208 -6.21 -5.84 26.60
CA ASP B 208 -5.11 -6.27 25.74
C ASP B 208 -3.77 -6.24 26.46
N LEU B 209 -3.47 -5.12 27.10
CA LEU B 209 -2.24 -4.92 27.87
C LEU B 209 -2.06 -5.96 28.97
N ARG B 210 -3.13 -6.25 29.70
CA ARG B 210 -3.17 -7.32 30.71
C ARG B 210 -2.85 -8.65 30.07
N ALA B 211 -3.54 -8.94 28.97
CA ALA B 211 -3.36 -10.15 28.18
C ALA B 211 -1.94 -10.27 27.61
N PHE B 212 -1.37 -9.13 27.17
CA PHE B 212 0.00 -9.09 26.63
C PHE B 212 1.06 -9.41 27.67
N TYR B 213 0.99 -8.74 28.83
CA TYR B 213 1.86 -9.02 29.97
C TYR B 213 1.75 -10.48 30.39
N ALA B 214 0.52 -10.97 30.51
CA ALA B 214 0.21 -12.36 30.86
C ALA B 214 0.77 -13.36 29.87
N GLU B 215 0.60 -13.04 28.58
CA GLU B 215 1.06 -13.86 27.48
C GLU B 215 2.57 -13.99 27.45
N LEU B 216 3.26 -12.86 27.66
CA LEU B 216 4.71 -12.78 27.73
C LEU B 216 5.26 -13.65 28.86
N TYR B 217 4.74 -13.45 30.07
CA TYR B 217 5.11 -14.24 31.24
C TYR B 217 5.02 -15.73 30.96
N HIS B 218 3.85 -16.18 30.48
CA HIS B 218 3.60 -17.59 30.22
C HIS B 218 4.52 -18.21 29.16
N ILE B 219 4.73 -17.49 28.06
CA ILE B 219 5.60 -17.95 26.95
C ILE B 219 7.06 -18.05 27.38
N ILE B 220 7.55 -17.02 28.09
CA ILE B 220 8.92 -17.01 28.61
C ILE B 220 9.12 -18.03 29.73
N SER B 221 8.25 -17.99 30.75
CA SER B 221 8.32 -18.90 31.92
C SER B 221 8.38 -20.38 31.55
N SER B 222 7.42 -20.82 30.73
CA SER B 222 7.33 -22.23 30.32
C SER B 222 8.51 -22.69 29.48
N ASN B 223 9.14 -21.78 28.75
CA ASN B 223 10.25 -22.11 27.86
C ASN B 223 11.64 -21.64 28.30
N LEU B 224 11.71 -20.98 29.47
CA LEU B 224 12.94 -20.30 29.95
C LEU B 224 14.21 -21.16 29.88
N GLU B 225 14.07 -22.41 30.30
CA GLU B 225 15.08 -23.45 30.20
C GLU B 225 15.83 -23.40 28.86
N LYS B 226 15.06 -23.55 27.77
CA LYS B 226 15.59 -23.51 26.41
C LYS B 226 16.02 -22.11 25.97
N ILE B 227 15.36 -21.08 26.50
CA ILE B 227 15.65 -19.67 26.16
C ILE B 227 17.05 -19.23 26.62
N VAL B 228 17.47 -19.67 27.81
CA VAL B 228 18.78 -19.28 28.36
C VAL B 228 19.93 -20.04 27.67
N ASN B 229 19.77 -21.35 27.48
CA ASN B 229 20.73 -22.14 26.71
C ASN B 229 20.05 -23.07 25.69
N PRO B 230 19.91 -22.61 24.43
CA PRO B 230 19.33 -23.41 23.35
C PRO B 230 20.16 -24.66 23.01
N LYS B 231 21.45 -24.61 23.34
CA LYS B 231 22.39 -25.69 23.09
C LYS B 231 22.28 -26.82 24.10
N GLY B 232 21.67 -26.54 25.25
CA GLY B 232 21.49 -27.52 26.31
C GLY B 232 22.76 -27.71 27.11
N GLU B 233 23.51 -26.61 27.26
CA GLU B 233 24.72 -26.56 28.07
C GLU B 233 24.35 -26.79 29.53
N GLU B 234 25.09 -27.69 30.19
CA GLU B 234 24.77 -28.19 31.54
C GLU B 234 24.68 -27.10 32.61
N LYS B 235 23.58 -27.10 33.34
CA LYS B 235 23.28 -26.10 34.37
C LYS B 235 23.93 -26.48 35.71
N GLU C 12 5.29 -16.05 46.39
CA GLU C 12 4.46 -14.81 46.45
C GLU C 12 4.04 -14.34 45.05
N ALA C 13 5.01 -14.30 44.14
CA ALA C 13 4.79 -13.89 42.74
C ALA C 13 3.93 -14.92 41.99
N ARG C 14 4.12 -16.20 42.30
CA ARG C 14 3.32 -17.29 41.73
C ARG C 14 1.87 -17.25 42.22
N LYS C 15 1.68 -16.84 43.48
CA LYS C 15 0.34 -16.70 44.09
C LYS C 15 -0.52 -15.65 43.38
N GLN C 16 0.12 -14.56 42.94
CA GLN C 16 -0.54 -13.47 42.23
C GLN C 16 -0.78 -13.78 40.74
N VAL C 17 0.12 -14.55 40.14
CA VAL C 17 -0.07 -15.04 38.77
C VAL C 17 -1.18 -16.12 38.75
N ASP C 18 -1.20 -16.96 39.78
CA ASP C 18 -2.17 -18.04 39.92
C ASP C 18 -3.62 -17.58 40.01
N VAL C 19 -3.88 -16.58 40.86
CA VAL C 19 -5.23 -16.03 41.04
C VAL C 19 -5.82 -15.53 39.72
N PHE C 20 -5.00 -14.81 38.94
CA PHE C 20 -5.38 -14.34 37.61
C PHE C 20 -5.61 -15.52 36.65
N ARG C 21 -4.66 -16.44 36.62
CA ARG C 21 -4.72 -17.62 35.75
C ARG C 21 -6.02 -18.39 35.98
N GLN C 22 -6.28 -18.73 37.24
CA GLN C 22 -7.48 -19.43 37.68
C GLN C 22 -8.76 -18.64 37.36
N ASN C 23 -8.72 -17.34 37.59
CA ASN C 23 -9.83 -16.42 37.33
C ASN C 23 -10.15 -16.34 35.83
N LEU C 24 -9.10 -16.28 35.02
CA LEU C 24 -9.21 -16.28 33.56
C LEU C 24 -9.81 -17.58 33.01
N PHE C 25 -9.31 -18.72 33.49
CA PHE C 25 -9.79 -20.03 33.06
C PHE C 25 -11.25 -20.23 33.39
N GLN C 26 -11.65 -19.80 34.59
CA GLN C 26 -13.04 -19.82 35.01
C GLN C 26 -13.89 -18.91 34.13
N GLU C 27 -13.37 -17.72 33.81
CA GLU C 27 -14.02 -16.75 32.92
C GLU C 27 -14.28 -17.34 31.53
N ALA C 28 -13.26 -17.97 30.95
CA ALA C 28 -13.32 -18.56 29.62
C ALA C 28 -14.30 -19.74 29.56
N ASP C 29 -14.21 -20.62 30.55
CA ASP C 29 -15.12 -21.78 30.69
C ASP C 29 -16.56 -21.35 30.93
N ASP C 30 -16.73 -20.24 31.65
CA ASP C 30 -18.03 -19.61 31.87
C ASP C 30 -18.59 -19.04 30.57
N PHE C 31 -17.76 -18.27 29.86
CA PHE C 31 -18.12 -17.66 28.57
C PHE C 31 -18.57 -18.69 27.54
N LEU C 32 -17.79 -19.77 27.42
CA LEU C 32 -18.00 -20.82 26.43
C LEU C 32 -19.31 -21.58 26.65
N CYS C 33 -19.63 -21.85 27.92
CA CYS C 33 -20.76 -22.71 28.29
C CYS C 33 -22.09 -21.97 28.41
N THR C 34 -22.08 -20.81 29.09
CA THR C 34 -23.31 -20.07 29.36
C THR C 34 -23.53 -18.90 28.40
N PHE C 35 -22.56 -17.98 28.34
CA PHE C 35 -22.66 -16.73 27.59
C PHE C 35 -22.88 -16.92 26.09
N LEU C 36 -22.00 -17.69 25.46
CA LEU C 36 -22.01 -17.87 23.99
C LEU C 36 -23.34 -18.40 23.43
N PRO C 37 -23.90 -19.51 23.98
CA PRO C 37 -25.19 -19.98 23.48
C PRO C 37 -26.32 -18.95 23.65
N ARG C 38 -26.34 -18.26 24.78
CA ARG C 38 -27.33 -17.22 25.08
C ARG C 38 -27.26 -16.06 24.08
N LYS C 39 -26.04 -15.62 23.80
CA LYS C 39 -25.75 -14.55 22.85
C LYS C 39 -26.19 -14.95 21.42
N ILE C 40 -25.69 -16.09 20.94
CA ILE C 40 -26.11 -16.71 19.65
C ILE C 40 -27.62 -16.60 19.38
N ILE C 41 -28.40 -16.93 20.40
CA ILE C 41 -29.87 -16.87 20.33
C ILE C 41 -30.34 -15.42 20.38
N SER C 42 -29.86 -14.68 21.37
CA SER C 42 -30.31 -13.30 21.63
C SER C 42 -30.27 -12.38 20.41
N LEU C 43 -29.18 -12.45 19.63
CA LEU C 43 -29.11 -11.66 18.39
C LEU C 43 -29.93 -12.23 17.24
N SER C 44 -30.01 -13.57 17.14
CA SER C 44 -30.89 -14.19 16.14
C SER C 44 -32.36 -13.84 16.41
N GLN C 45 -32.67 -13.64 17.69
CA GLN C 45 -33.97 -13.10 18.14
C GLN C 45 -34.13 -11.62 17.81
N LEU C 46 -33.03 -10.88 17.87
CA LEU C 46 -32.97 -9.46 17.47
C LEU C 46 -33.24 -9.34 15.97
N LEU C 47 -32.67 -10.26 15.20
CA LEU C 47 -32.88 -10.32 13.75
C LEU C 47 -34.34 -10.50 13.35
N GLN C 48 -35.15 -11.02 14.27
CA GLN C 48 -36.59 -11.12 14.06
C GLN C 48 -37.32 -9.78 14.16
N GLU C 49 -36.79 -8.89 15.00
CA GLU C 49 -37.41 -7.57 15.23
C GLU C 49 -37.54 -6.73 13.97
N ASP C 50 -38.60 -5.93 13.93
CA ASP C 50 -39.05 -5.25 12.71
C ASP C 50 -38.10 -4.17 12.19
N SER C 51 -37.43 -3.46 13.11
CA SER C 51 -36.47 -2.41 12.77
C SER C 51 -35.32 -2.89 11.87
N LEU C 52 -35.02 -4.19 11.97
CA LEU C 52 -33.98 -4.84 11.18
C LEU C 52 -34.48 -5.59 9.94
N ASN C 53 -35.80 -5.66 9.80
CA ASN C 53 -36.42 -6.28 8.63
C ASN C 53 -37.41 -5.33 7.99
N VAL C 54 -36.88 -4.28 7.38
CA VAL C 54 -37.70 -3.26 6.73
C VAL C 54 -37.90 -3.65 5.27
N ALA C 55 -39.18 -3.74 4.87
CA ALA C 55 -39.57 -4.05 3.50
C ALA C 55 -39.19 -2.88 2.57
N ASP C 56 -39.85 -1.74 2.75
CA ASP C 56 -39.60 -0.54 1.97
C ASP C 56 -38.50 0.32 2.60
N LEU C 57 -37.37 0.41 1.92
CA LEU C 57 -36.20 1.19 2.40
C LEU C 57 -36.40 2.71 2.31
N SER C 58 -37.48 3.12 1.63
CA SER C 58 -37.89 4.53 1.57
C SER C 58 -38.45 5.04 2.89
N SER C 59 -38.93 4.11 3.74
CA SER C 59 -39.39 4.43 5.08
C SER C 59 -38.24 4.83 6.01
N LEU C 60 -37.03 4.38 5.67
CA LEU C 60 -35.79 4.78 6.37
C LEU C 60 -35.47 6.26 6.19
N ARG C 61 -35.75 6.78 4.99
CA ARG C 61 -35.48 8.17 4.59
C ARG C 61 -35.90 9.18 5.65
N ALA C 62 -34.99 10.08 5.98
CA ALA C 62 -35.21 11.13 6.98
C ALA C 62 -35.53 12.47 6.28
N PRO C 63 -36.33 13.35 6.95
CA PRO C 63 -36.65 14.65 6.34
C PRO C 63 -35.41 15.53 6.21
N LEU C 64 -35.35 16.31 5.13
CA LEU C 64 -34.14 17.08 4.82
C LEU C 64 -34.27 18.60 4.94
N ASP C 65 -35.50 19.13 4.75
CA ASP C 65 -35.82 20.57 4.91
C ASP C 65 -34.82 21.58 4.32
N ILE C 66 -34.21 21.28 3.18
CA ILE C 66 -33.31 22.26 2.55
C ILE C 66 -34.08 23.01 1.47
N PRO C 67 -34.06 24.37 1.50
CA PRO C 67 -34.77 25.17 0.50
C PRO C 67 -34.28 24.92 -0.93
N ILE C 68 -35.21 24.55 -1.81
CA ILE C 68 -34.95 24.38 -3.24
C ILE C 68 -34.76 25.78 -3.86
N PRO C 69 -33.67 25.99 -4.65
CA PRO C 69 -33.48 27.28 -5.33
C PRO C 69 -34.43 27.48 -6.51
N ASP C 70 -34.66 28.73 -6.88
CA ASP C 70 -35.49 29.08 -8.02
C ASP C 70 -34.69 29.84 -9.09
N PRO C 71 -34.79 29.40 -10.37
CA PRO C 71 -34.02 30.01 -11.47
C PRO C 71 -34.55 31.38 -11.88
N LYS C 90 -30.49 31.60 7.02
CA LYS C 90 -30.06 30.99 5.77
C LYS C 90 -30.61 29.55 5.63
N CYS C 91 -30.29 28.71 6.61
CA CYS C 91 -30.68 27.30 6.62
C CYS C 91 -31.09 26.83 8.02
N GLY C 92 -32.18 26.06 8.08
CA GLY C 92 -32.71 25.53 9.35
C GLY C 92 -31.89 24.39 9.93
N TYR C 93 -32.31 23.94 11.10
CA TYR C 93 -31.66 22.83 11.81
C TYR C 93 -31.97 21.49 11.14
N LEU C 94 -30.92 20.75 10.81
CA LEU C 94 -31.04 19.49 10.05
C LEU C 94 -30.66 18.28 10.92
N PRO C 95 -31.67 17.60 11.50
CA PRO C 95 -31.40 16.47 12.40
C PRO C 95 -30.90 15.22 11.68
N GLY C 96 -30.19 14.36 12.40
CA GLY C 96 -29.79 13.06 11.90
C GLY C 96 -30.94 12.08 11.88
N ASN C 97 -30.75 10.96 11.18
CA ASN C 97 -31.77 9.91 11.08
C ASN C 97 -31.96 9.20 12.42
N GLU C 98 -33.18 9.23 12.93
CA GLU C 98 -33.55 8.59 14.20
C GLU C 98 -33.53 7.08 14.12
N LYS C 99 -34.06 6.54 13.02
CA LYS C 99 -34.19 5.10 12.79
C LYS C 99 -32.83 4.39 12.82
N LEU C 100 -31.84 5.01 12.15
CA LEU C 100 -30.47 4.52 12.14
C LEU C 100 -29.81 4.63 13.51
N LEU C 101 -30.05 5.76 14.19
CA LEU C 101 -29.56 5.98 15.56
C LEU C 101 -30.02 4.92 16.56
N ALA C 102 -31.31 4.58 16.48
CA ALA C 102 -31.91 3.54 17.30
C ALA C 102 -31.34 2.16 16.98
N LEU C 103 -31.11 1.90 15.68
CA LEU C 103 -30.46 0.67 15.23
C LEU C 103 -29.01 0.60 15.69
N LEU C 104 -28.28 1.71 15.53
CA LEU C 104 -26.87 1.81 15.94
C LEU C 104 -26.69 1.48 17.41
N ALA C 105 -27.56 2.02 18.26
CA ALA C 105 -27.57 1.74 19.70
C ALA C 105 -27.78 0.26 20.05
N LEU C 106 -28.25 -0.53 19.08
CA LEU C 106 -28.44 -1.98 19.28
C LEU C 106 -27.24 -2.81 18.81
N VAL C 107 -26.72 -2.50 17.62
CA VAL C 107 -25.57 -3.22 17.03
C VAL C 107 -24.23 -2.85 17.66
N LYS C 108 -24.06 -1.57 17.95
CA LYS C 108 -22.80 -0.99 18.44
C LYS C 108 -22.24 -1.64 19.73
N PRO C 109 -23.10 -1.85 20.78
CA PRO C 109 -22.57 -2.52 21.97
C PRO C 109 -22.24 -4.00 21.72
N GLU C 110 -22.92 -4.60 20.75
CA GLU C 110 -22.69 -6.00 20.35
C GLU C 110 -21.33 -6.21 19.69
N VAL C 111 -20.89 -5.21 18.91
CA VAL C 111 -19.57 -5.21 18.24
C VAL C 111 -18.46 -5.16 19.30
N TRP C 112 -18.59 -4.24 20.25
CA TRP C 112 -17.62 -4.06 21.34
C TRP C 112 -17.49 -5.27 22.24
N THR C 113 -18.63 -5.84 22.65
CA THR C 113 -18.65 -7.02 23.53
C THR C 113 -18.03 -8.27 22.89
N LEU C 114 -18.16 -8.42 21.57
CA LEU C 114 -17.48 -9.52 20.85
C LEU C 114 -15.98 -9.32 20.79
N LYS C 115 -15.55 -8.10 20.44
CA LYS C 115 -14.14 -7.73 20.40
C LYS C 115 -13.46 -8.05 21.73
N GLU C 116 -14.15 -7.72 22.83
CA GLU C 116 -13.71 -8.06 24.19
C GLU C 116 -13.57 -9.56 24.41
N LYS C 117 -14.56 -10.32 23.93
CA LYS C 117 -14.59 -11.78 24.09
C LYS C 117 -13.54 -12.47 23.22
N CYS C 118 -13.22 -11.87 22.08
CA CYS C 118 -12.12 -12.31 21.22
C CYS C 118 -10.78 -12.26 21.95
N ILE C 119 -10.56 -11.17 22.68
CA ILE C 119 -9.37 -10.99 23.53
C ILE C 119 -9.33 -12.06 24.62
N LEU C 120 -10.48 -12.33 25.23
CA LEU C 120 -10.62 -13.37 26.27
C LEU C 120 -10.24 -14.77 25.77
N VAL C 121 -10.78 -15.16 24.60
CA VAL C 121 -10.45 -16.46 24.00
C VAL C 121 -8.96 -16.56 23.68
N ILE C 122 -8.41 -15.46 23.13
CA ILE C 122 -7.00 -15.36 22.78
C ILE C 122 -6.12 -15.58 24.02
N THR C 123 -6.39 -14.83 25.10
CA THR C 123 -5.64 -14.98 26.37
C THR C 123 -5.74 -16.40 26.92
N TRP C 124 -6.91 -17.02 26.75
CA TRP C 124 -7.18 -18.39 27.18
C TRP C 124 -6.33 -19.42 26.43
N ILE C 125 -6.43 -19.44 25.10
CA ILE C 125 -5.72 -20.41 24.25
C ILE C 125 -4.19 -20.29 24.40
N GLN C 126 -3.71 -19.05 24.56
CA GLN C 126 -2.27 -18.78 24.68
C GLN C 126 -1.67 -19.27 26.00
N HIS C 127 -2.49 -19.26 27.06
CA HIS C 127 -2.11 -19.85 28.36
C HIS C 127 -2.18 -21.38 28.33
N LEU C 128 -2.75 -21.93 27.27
CA LEU C 128 -2.81 -23.37 27.05
C LEU C 128 -1.72 -23.89 26.10
N ILE C 129 -0.97 -22.96 25.48
CA ILE C 129 0.22 -23.30 24.70
C ILE C 129 1.31 -23.83 25.66
N PRO C 130 1.76 -25.07 25.43
CA PRO C 130 2.77 -25.66 26.32
C PRO C 130 4.18 -25.22 25.93
N LYS C 131 5.14 -25.70 26.72
CA LYS C 131 6.56 -25.60 26.43
C LYS C 131 6.85 -26.01 24.99
N ILE C 132 7.55 -25.15 24.23
CA ILE C 132 7.92 -25.51 22.86
C ILE C 132 8.94 -26.64 22.92
N GLU C 133 8.50 -27.80 22.44
CA GLU C 133 9.24 -29.05 22.56
C GLU C 133 9.16 -29.78 21.24
N ASP C 134 10.24 -30.50 20.92
CA ASP C 134 10.37 -31.23 19.65
C ASP C 134 9.39 -32.40 19.54
N GLY C 135 9.07 -33.01 20.68
CA GLY C 135 8.11 -34.11 20.75
C GLY C 135 6.69 -33.68 20.47
N ASN C 136 6.04 -34.38 19.54
CA ASN C 136 4.62 -34.24 19.21
C ASN C 136 4.22 -32.83 18.73
N ASP C 137 4.67 -32.48 17.53
CA ASP C 137 4.43 -31.15 16.94
C ASP C 137 2.98 -30.89 16.53
N PHE C 138 2.26 -31.93 16.14
CA PHE C 138 0.91 -31.84 15.57
C PHE C 138 -0.11 -31.11 16.47
N GLY C 139 -0.07 -31.41 17.77
CA GLY C 139 -1.00 -30.85 18.73
C GLY C 139 -0.98 -29.33 18.83
N VAL C 140 0.22 -28.76 18.86
CA VAL C 140 0.43 -27.31 18.95
C VAL C 140 -0.02 -26.60 17.66
N ALA C 141 0.12 -27.28 16.52
CA ALA C 141 -0.34 -26.77 15.21
C ALA C 141 -1.84 -26.51 15.18
N ILE C 142 -2.61 -27.35 15.89
CA ILE C 142 -4.06 -27.18 16.06
C ILE C 142 -4.38 -25.90 16.83
N GLN C 143 -3.58 -25.63 17.86
CA GLN C 143 -3.78 -24.49 18.77
C GLN C 143 -3.57 -23.19 18.02
N GLU C 144 -2.54 -23.16 17.17
CA GLU C 144 -2.18 -22.00 16.36
C GLU C 144 -3.22 -21.69 15.29
N LYS C 145 -3.84 -22.74 14.72
CA LYS C 145 -4.92 -22.61 13.73
C LYS C 145 -6.18 -21.97 14.34
N VAL C 146 -6.61 -22.48 15.49
CA VAL C 146 -7.77 -21.93 16.22
C VAL C 146 -7.49 -20.48 16.61
N LEU C 147 -6.26 -20.21 17.05
CA LEU C 147 -5.84 -18.87 17.45
C LEU C 147 -5.84 -17.86 16.30
N GLU C 148 -5.30 -18.26 15.13
CA GLU C 148 -5.28 -17.41 13.94
C GLU C 148 -6.69 -17.13 13.40
N ARG C 149 -7.62 -18.06 13.62
CA ARG C 149 -9.04 -17.89 13.30
C ARG C 149 -9.71 -16.82 14.12
N VAL C 150 -9.47 -16.87 15.44
CA VAL C 150 -10.02 -15.91 16.41
C VAL C 150 -9.48 -14.51 16.09
N ASN C 151 -8.20 -14.42 15.75
CA ASN C 151 -7.55 -13.18 15.31
C ASN C 151 -8.19 -12.60 14.04
N ALA C 152 -8.58 -13.48 13.11
CA ALA C 152 -9.28 -13.09 11.87
C ALA C 152 -10.68 -12.55 12.13
N VAL C 153 -11.34 -13.07 13.17
CA VAL C 153 -12.65 -12.60 13.62
C VAL C 153 -12.51 -11.19 14.23
N LYS C 154 -11.51 -11.02 15.12
CA LYS C 154 -11.18 -9.72 15.73
C LYS C 154 -10.88 -8.64 14.69
N THR C 155 -10.12 -9.01 13.66
CA THR C 155 -9.78 -8.13 12.53
C THR C 155 -11.04 -7.62 11.82
N LYS C 156 -11.98 -8.53 11.55
CA LYS C 156 -13.27 -8.20 10.94
C LYS C 156 -14.17 -7.35 11.82
N VAL C 157 -14.13 -7.61 13.13
CA VAL C 157 -14.88 -6.85 14.12
C VAL C 157 -14.35 -5.41 14.21
N GLU C 158 -13.02 -5.26 14.15
CA GLU C 158 -12.38 -3.93 14.12
C GLU C 158 -12.64 -3.19 12.81
N ALA C 159 -12.84 -3.96 11.73
CA ALA C 159 -13.29 -3.42 10.45
C ALA C 159 -14.73 -2.91 10.50
N PHE C 160 -15.53 -3.49 11.40
CA PHE C 160 -16.91 -3.03 11.64
C PHE C 160 -16.96 -1.68 12.36
N GLN C 161 -16.10 -1.51 13.37
CA GLN C 161 -16.01 -0.25 14.12
C GLN C 161 -15.58 0.93 13.26
N THR C 162 -14.67 0.66 12.32
CA THR C 162 -14.21 1.67 11.36
C THR C 162 -15.26 1.99 10.28
N THR C 163 -16.23 1.09 10.10
CA THR C 163 -17.41 1.32 9.24
C THR C 163 -18.43 2.23 9.94
N ILE C 164 -18.60 2.03 11.26
CA ILE C 164 -19.50 2.84 12.09
C ILE C 164 -18.98 4.28 12.22
N SER C 165 -17.69 4.42 12.51
CA SER C 165 -17.01 5.73 12.58
C SER C 165 -17.09 6.49 11.24
N LYS C 166 -17.05 5.72 10.15
CA LYS C 166 -17.16 6.26 8.79
C LYS C 166 -18.55 6.84 8.52
N TYR C 167 -19.59 6.31 9.17
CA TYR C 167 -20.98 6.74 8.92
C TYR C 167 -21.27 8.19 9.28
N PHE C 168 -20.96 8.58 10.52
CA PHE C 168 -21.31 9.91 11.04
C PHE C 168 -20.58 11.05 10.35
N SER C 169 -19.27 10.89 10.14
CA SER C 169 -18.43 11.86 9.44
C SER C 169 -18.85 12.02 7.98
N GLU C 170 -19.19 10.90 7.35
CA GLU C 170 -19.64 10.91 5.95
C GLU C 170 -21.04 11.45 5.73
N ARG C 171 -21.98 11.12 6.64
CA ARG C 171 -23.33 11.69 6.57
C ARG C 171 -23.31 13.18 6.91
N GLY C 172 -22.43 13.55 7.84
CA GLY C 172 -22.21 14.95 8.21
C GLY C 172 -21.70 15.82 7.07
N ASP C 173 -20.64 15.35 6.42
CA ASP C 173 -20.07 16.02 5.23
C ASP C 173 -21.06 16.07 4.07
N ALA C 174 -21.97 15.09 4.04
CA ALA C 174 -23.01 14.98 3.02
C ALA C 174 -24.07 16.07 3.16
N VAL C 175 -24.63 16.22 4.36
CA VAL C 175 -25.64 17.27 4.65
C VAL C 175 -25.02 18.67 4.62
N ALA C 176 -23.76 18.79 5.02
CA ALA C 176 -23.01 20.04 4.99
C ALA C 176 -22.78 20.52 3.56
N LYS C 177 -22.49 19.57 2.66
CA LYS C 177 -22.36 19.85 1.22
C LYS C 177 -23.71 20.16 0.57
N ALA C 178 -24.75 19.41 0.97
CA ALA C 178 -26.11 19.57 0.43
C ALA C 178 -26.75 20.91 0.80
N SER C 179 -26.47 21.39 2.01
CA SER C 179 -26.98 22.67 2.49
C SER C 179 -26.24 23.87 1.88
N LYS C 180 -24.90 23.77 1.82
CA LYS C 180 -24.03 24.80 1.21
C LYS C 180 -24.33 25.01 -0.28
N ASP C 181 -24.40 23.89 -1.01
CA ASP C 181 -24.75 23.88 -2.44
C ASP C 181 -26.14 23.26 -2.61
N THR C 182 -27.16 24.13 -2.52
CA THR C 182 -28.58 23.74 -2.58
C THR C 182 -28.98 23.20 -3.96
N HIS C 183 -28.35 23.75 -4.99
CA HIS C 183 -28.70 23.48 -6.39
C HIS C 183 -28.45 22.05 -6.88
N VAL C 184 -27.47 21.38 -6.27
CA VAL C 184 -27.07 20.03 -6.70
C VAL C 184 -27.81 18.91 -5.97
N MET C 185 -28.70 18.25 -6.71
CA MET C 185 -29.59 17.20 -6.19
C MET C 185 -28.87 15.97 -5.68
N ASP C 186 -27.78 15.60 -6.36
CA ASP C 186 -27.03 14.38 -6.07
C ASP C 186 -26.46 14.32 -4.65
N TYR C 187 -26.15 15.50 -4.09
CA TYR C 187 -25.74 15.61 -2.69
C TYR C 187 -26.86 15.21 -1.74
N ARG C 188 -28.06 15.74 -1.98
CA ARG C 188 -29.25 15.44 -1.19
C ARG C 188 -29.68 13.98 -1.31
N ALA C 189 -29.57 13.43 -2.52
CA ALA C 189 -29.90 12.04 -2.82
C ALA C 189 -28.95 11.06 -2.13
N LEU C 190 -27.69 11.45 -1.99
CA LEU C 190 -26.69 10.59 -1.36
C LEU C 190 -26.84 10.47 0.15
N VAL C 191 -27.35 11.52 0.80
CA VAL C 191 -27.57 11.52 2.25
C VAL C 191 -28.53 10.38 2.62
N HIS C 192 -29.64 10.30 1.88
CA HIS C 192 -30.61 9.22 2.00
C HIS C 192 -29.99 7.87 1.61
N GLU C 193 -29.04 7.89 0.68
CA GLU C 193 -28.34 6.70 0.22
C GLU C 193 -27.36 6.14 1.26
N ARG C 194 -26.69 7.03 1.98
CA ARG C 194 -25.78 6.67 3.08
C ARG C 194 -26.52 5.93 4.19
N ASP C 195 -27.72 6.43 4.50
CA ASP C 195 -28.62 5.81 5.49
C ASP C 195 -29.06 4.41 5.08
N GLU C 196 -29.36 4.23 3.80
CA GLU C 196 -29.67 2.92 3.22
C GLU C 196 -28.44 2.02 3.22
N ALA C 197 -27.30 2.59 2.83
CA ALA C 197 -26.00 1.88 2.81
C ALA C 197 -25.57 1.46 4.21
N ALA C 198 -25.78 2.34 5.19
CA ALA C 198 -25.52 2.05 6.60
C ALA C 198 -26.45 0.95 7.11
N TYR C 199 -27.75 1.12 6.88
CA TYR C 199 -28.77 0.13 7.27
C TYR C 199 -28.41 -1.28 6.79
N GLY C 200 -28.14 -1.41 5.50
CA GLY C 200 -27.76 -2.67 4.87
C GLY C 200 -26.50 -3.28 5.48
N ALA C 201 -25.52 -2.41 5.76
CA ALA C 201 -24.26 -2.82 6.37
C ALA C 201 -24.45 -3.27 7.81
N LEU C 202 -25.29 -2.53 8.54
CA LEU C 202 -25.62 -2.83 9.94
C LEU C 202 -26.43 -4.13 10.08
N ARG C 203 -27.26 -4.40 9.08
CA ARG C 203 -27.98 -5.67 8.99
C ARG C 203 -27.00 -6.83 8.77
N ALA C 204 -26.08 -6.65 7.82
CA ALA C 204 -25.01 -7.61 7.53
C ALA C 204 -24.11 -7.86 8.75
N MET C 205 -23.90 -6.80 9.54
CA MET C 205 -23.12 -6.86 10.78
C MET C 205 -23.68 -7.87 11.79
N VAL C 206 -25.00 -7.82 12.06
CA VAL C 206 -25.64 -8.73 13.01
C VAL C 206 -25.50 -10.18 12.54
N LEU C 207 -25.79 -10.41 11.25
CA LEU C 207 -25.63 -11.71 10.61
C LEU C 207 -24.22 -12.26 10.78
N ASP C 208 -23.24 -11.42 10.50
CA ASP C 208 -21.82 -11.76 10.68
C ASP C 208 -21.47 -12.09 12.13
N LEU C 209 -21.89 -11.23 13.06
CA LEU C 209 -21.67 -11.41 14.50
C LEU C 209 -22.25 -12.73 15.01
N ARG C 210 -23.47 -13.05 14.57
CA ARG C 210 -24.12 -14.32 14.87
C ARG C 210 -23.28 -15.47 14.35
N ALA C 211 -22.89 -15.37 13.09
CA ALA C 211 -22.04 -16.34 12.41
C ALA C 211 -20.67 -16.49 13.08
N PHE C 212 -20.10 -15.37 13.55
CA PHE C 212 -18.80 -15.36 14.24
C PHE C 212 -18.85 -16.09 15.58
N TYR C 213 -19.82 -15.73 16.42
CA TYR C 213 -20.06 -16.42 17.69
C TYR C 213 -20.28 -17.93 17.47
N ALA C 214 -21.12 -18.25 16.48
CA ALA C 214 -21.43 -19.63 16.08
C ALA C 214 -20.20 -20.40 15.62
N GLU C 215 -19.39 -19.73 14.80
CA GLU C 215 -18.17 -20.27 14.24
C GLU C 215 -17.14 -20.59 15.32
N LEU C 216 -16.99 -19.66 16.28
CA LEU C 216 -16.08 -19.83 17.40
C LEU C 216 -16.47 -21.02 18.26
N TYR C 217 -17.74 -21.07 18.66
CA TYR C 217 -18.27 -22.18 19.44
C TYR C 217 -17.95 -23.52 18.79
N HIS C 218 -18.30 -23.67 17.51
CA HIS C 218 -18.12 -24.91 16.77
C HIS C 218 -16.66 -25.35 16.64
N ILE C 219 -15.78 -24.39 16.32
CA ILE C 219 -14.33 -24.65 16.15
C ILE C 219 -13.68 -25.06 17.48
N ILE C 220 -14.01 -24.34 18.55
CA ILE C 220 -13.49 -24.65 19.90
C ILE C 220 -14.08 -25.96 20.44
N SER C 221 -15.42 -26.07 20.43
CA SER C 221 -16.14 -27.25 20.94
C SER C 221 -15.66 -28.57 20.36
N SER C 222 -15.61 -28.65 19.03
CA SER C 222 -15.22 -29.86 18.32
C SER C 222 -13.76 -30.25 18.56
N ASN C 223 -12.91 -29.26 18.83
CA ASN C 223 -11.46 -29.49 19.01
C ASN C 223 -10.94 -29.34 20.46
N LEU C 224 -11.83 -29.02 21.40
CA LEU C 224 -11.47 -28.68 22.80
C LEU C 224 -10.48 -29.65 23.45
N GLU C 225 -10.75 -30.94 23.27
CA GLU C 225 -9.88 -32.06 23.66
C GLU C 225 -8.40 -31.75 23.41
N LYS C 226 -8.08 -31.47 22.14
CA LYS C 226 -6.72 -31.15 21.71
C LYS C 226 -6.26 -29.75 22.14
N ILE C 227 -7.21 -28.82 22.26
CA ILE C 227 -6.93 -27.43 22.65
C ILE C 227 -6.41 -27.32 24.10
N VAL C 228 -6.97 -28.12 25.01
CA VAL C 228 -6.57 -28.07 26.43
C VAL C 228 -5.21 -28.76 26.66
N ASN C 229 -5.03 -29.94 26.06
CA ASN C 229 -3.72 -30.62 26.08
C ASN C 229 -3.30 -31.15 24.70
N PRO C 230 -2.51 -30.34 23.95
CA PRO C 230 -1.98 -30.75 22.64
C PRO C 230 -1.06 -31.97 22.71
N LYS C 231 -0.48 -32.19 23.89
CA LYS C 231 0.47 -33.27 24.15
C LYS C 231 -0.20 -34.61 24.49
N GLY C 232 -1.30 -34.55 25.23
CA GLY C 232 -1.97 -35.74 25.74
C GLY C 232 -1.38 -36.20 27.06
N GLU C 233 -1.96 -35.72 28.16
CA GLU C 233 -1.53 -36.06 29.54
C GLU C 233 -2.72 -36.26 30.48
N GLU C 234 -2.45 -36.83 31.66
CA GLU C 234 -3.46 -37.02 32.71
C GLU C 234 -2.83 -37.14 34.10
N LYS C 235 -3.41 -36.41 35.07
CA LYS C 235 -3.11 -36.57 36.50
C LYS C 235 -4.27 -36.06 37.35
N GLY D 6 -14.85 -34.38 24.81
CA GLY D 6 -15.60 -33.38 23.99
C GLY D 6 -15.71 -32.03 24.67
N VAL D 7 -16.91 -31.45 24.63
CA VAL D 7 -17.19 -30.12 25.19
C VAL D 7 -18.20 -30.16 26.36
N ARG D 8 -17.91 -29.37 27.39
CA ARG D 8 -18.82 -29.17 28.52
C ARG D 8 -20.03 -28.32 28.10
N LEU D 9 -21.23 -28.72 28.56
CA LEU D 9 -22.49 -28.05 28.24
C LEU D 9 -23.58 -28.24 29.30
N SER D 10 -24.38 -27.20 29.52
CA SER D 10 -25.58 -27.30 30.37
C SER D 10 -26.72 -27.98 29.61
N GLY D 11 -27.74 -28.41 30.35
CA GLY D 11 -28.96 -28.98 29.76
C GLY D 11 -29.76 -27.97 28.96
N GLU D 12 -29.75 -26.72 29.43
CA GLU D 12 -30.38 -25.59 28.75
C GLU D 12 -29.49 -25.07 27.61
N ALA D 13 -28.17 -25.04 27.85
CA ALA D 13 -27.20 -24.53 26.89
C ALA D 13 -27.06 -25.35 25.61
N ARG D 14 -27.20 -26.68 25.74
CA ARG D 14 -27.14 -27.59 24.59
C ARG D 14 -28.38 -27.48 23.71
N LYS D 15 -29.54 -27.25 24.35
CA LYS D 15 -30.80 -27.08 23.64
C LYS D 15 -30.86 -25.77 22.84
N GLN D 16 -30.27 -24.70 23.38
CA GLN D 16 -30.21 -23.41 22.67
C GLN D 16 -29.13 -23.35 21.59
N VAL D 17 -28.10 -24.17 21.72
CA VAL D 17 -27.11 -24.38 20.64
C VAL D 17 -27.76 -25.15 19.49
N ASP D 18 -28.51 -26.19 19.86
CA ASP D 18 -29.17 -27.11 18.91
C ASP D 18 -30.24 -26.45 18.05
N VAL D 19 -31.12 -25.66 18.68
CA VAL D 19 -32.21 -24.98 17.96
C VAL D 19 -31.69 -24.11 16.84
N PHE D 20 -30.63 -23.34 17.13
CA PHE D 20 -29.96 -22.52 16.13
C PHE D 20 -29.32 -23.38 15.03
N ARG D 21 -28.57 -24.41 15.45
CA ARG D 21 -27.89 -25.32 14.53
C ARG D 21 -28.88 -25.94 13.53
N GLN D 22 -29.95 -26.52 14.07
CA GLN D 22 -31.04 -27.12 13.28
C GLN D 22 -31.73 -26.11 12.38
N ASN D 23 -31.98 -24.90 12.92
CA ASN D 23 -32.62 -23.80 12.19
C ASN D 23 -31.76 -23.32 11.02
N LEU D 24 -30.45 -23.23 11.25
CA LEU D 24 -29.45 -22.86 10.25
C LEU D 24 -29.37 -23.88 9.12
N PHE D 25 -29.28 -25.16 9.49
CA PHE D 25 -29.20 -26.25 8.50
C PHE D 25 -30.42 -26.31 7.61
N GLN D 26 -31.60 -26.12 8.22
CA GLN D 26 -32.85 -26.03 7.49
C GLN D 26 -32.86 -24.82 6.55
N GLU D 27 -32.37 -23.69 7.04
CA GLU D 27 -32.23 -22.46 6.26
C GLU D 27 -31.36 -22.65 5.02
N ALA D 28 -30.19 -23.27 5.22
CA ALA D 28 -29.22 -23.51 4.15
C ALA D 28 -29.74 -24.48 3.10
N ASP D 29 -30.34 -25.58 3.57
CA ASP D 29 -30.96 -26.58 2.69
C ASP D 29 -32.15 -26.02 1.92
N ASP D 30 -32.88 -25.10 2.56
CA ASP D 30 -33.98 -24.36 1.94
C ASP D 30 -33.45 -23.41 0.86
N PHE D 31 -32.44 -22.62 1.21
CA PHE D 31 -31.79 -21.69 0.28
C PHE D 31 -31.25 -22.37 -0.98
N LEU D 32 -30.55 -23.49 -0.77
CA LEU D 32 -29.90 -24.24 -1.86
C LEU D 32 -30.90 -24.83 -2.86
N CYS D 33 -32.01 -25.34 -2.35
CA CYS D 33 -32.99 -26.09 -3.15
C CYS D 33 -34.04 -25.20 -3.83
N THR D 34 -34.61 -24.27 -3.08
CA THR D 34 -35.71 -23.43 -3.59
C THR D 34 -35.25 -22.05 -4.04
N PHE D 35 -34.60 -21.30 -3.14
CA PHE D 35 -34.23 -19.90 -3.36
C PHE D 35 -33.28 -19.69 -4.53
N LEU D 36 -32.15 -20.40 -4.52
CA LEU D 36 -31.08 -20.23 -5.50
C LEU D 36 -31.53 -20.41 -6.97
N PRO D 37 -32.22 -21.53 -7.31
CA PRO D 37 -32.70 -21.67 -8.69
C PRO D 37 -33.68 -20.56 -9.12
N ARG D 38 -34.57 -20.16 -8.21
CA ARG D 38 -35.54 -19.08 -8.45
C ARG D 38 -34.85 -17.75 -8.73
N LYS D 39 -33.84 -17.42 -7.92
CA LYS D 39 -33.03 -16.21 -8.04
C LYS D 39 -32.29 -16.20 -9.38
N ILE D 40 -31.50 -17.26 -9.64
CA ILE D 40 -30.80 -17.49 -10.92
C ILE D 40 -31.63 -17.09 -12.15
N ILE D 41 -32.90 -17.54 -12.16
CA ILE D 41 -33.84 -17.25 -13.23
C ILE D 41 -34.30 -15.80 -13.16
N SER D 42 -34.75 -15.39 -11.97
CA SER D 42 -35.36 -14.07 -11.75
C SER D 42 -34.52 -12.89 -12.25
N LEU D 43 -33.20 -12.93 -11.99
CA LEU D 43 -32.31 -11.90 -12.53
C LEU D 43 -31.99 -12.05 -14.01
N SER D 44 -31.85 -13.29 -14.49
CA SER D 44 -31.67 -13.52 -15.93
C SER D 44 -32.90 -13.04 -16.73
N GLN D 45 -34.07 -13.11 -16.08
CA GLN D 45 -35.32 -12.52 -16.57
C GLN D 45 -35.32 -10.99 -16.50
N LEU D 46 -34.67 -10.45 -15.46
CA LEU D 46 -34.45 -9.01 -15.31
C LEU D 46 -33.53 -8.48 -16.41
N LEU D 47 -32.50 -9.26 -16.74
CA LEU D 47 -31.59 -8.95 -17.85
C LEU D 47 -32.29 -8.81 -19.21
N GLN D 48 -33.46 -9.41 -19.34
CA GLN D 48 -34.29 -9.25 -20.53
C GLN D 48 -34.95 -7.89 -20.63
N GLU D 49 -35.28 -7.29 -19.47
CA GLU D 49 -35.97 -6.00 -19.41
C GLU D 49 -35.20 -4.87 -20.09
N ASP D 50 -35.96 -3.94 -20.67
CA ASP D 50 -35.45 -2.92 -21.59
C ASP D 50 -34.49 -1.90 -20.96
N SER D 51 -34.75 -1.54 -19.70
CA SER D 51 -33.93 -0.59 -18.95
C SER D 51 -32.45 -1.00 -18.82
N LEU D 52 -32.21 -2.31 -18.89
CA LEU D 52 -30.87 -2.90 -18.82
C LEU D 52 -30.27 -3.25 -20.17
N ASN D 53 -31.06 -3.09 -21.23
CA ASN D 53 -30.58 -3.33 -22.60
C ASN D 53 -30.87 -2.11 -23.47
N VAL D 54 -30.13 -1.05 -23.20
CA VAL D 54 -30.30 0.20 -23.92
C VAL D 54 -29.34 0.21 -25.12
N ALA D 55 -29.92 0.39 -26.31
CA ALA D 55 -29.16 0.49 -27.55
C ALA D 55 -28.32 1.77 -27.57
N ASP D 56 -29.00 2.92 -27.62
CA ASP D 56 -28.34 4.23 -27.63
C ASP D 56 -28.13 4.75 -26.20
N LEU D 57 -26.86 4.84 -25.79
CA LEU D 57 -26.47 5.30 -24.44
C LEU D 57 -26.67 6.82 -24.24
N SER D 58 -26.95 7.52 -25.33
CA SER D 58 -27.28 8.95 -25.30
C SER D 58 -28.67 9.20 -24.70
N SER D 59 -29.54 8.18 -24.76
CA SER D 59 -30.86 8.23 -24.13
C SER D 59 -30.77 8.23 -22.60
N LEU D 60 -29.67 7.69 -22.06
CA LEU D 60 -29.36 7.73 -20.63
C LEU D 60 -29.13 9.15 -20.11
N ARG D 61 -28.49 9.97 -20.93
CA ARG D 61 -28.11 11.36 -20.62
C ARG D 61 -29.26 12.15 -19.99
N ALA D 62 -28.95 12.80 -18.87
CA ALA D 62 -29.91 13.61 -18.12
C ALA D 62 -29.73 15.09 -18.43
N PRO D 63 -30.82 15.90 -18.34
CA PRO D 63 -30.70 17.34 -18.61
C PRO D 63 -29.83 18.04 -17.57
N LEU D 64 -29.06 19.03 -18.00
CA LEU D 64 -28.07 19.68 -17.13
C LEU D 64 -28.37 21.13 -16.75
N ASP D 65 -29.10 21.85 -17.60
CA ASP D 65 -29.55 23.25 -17.34
C ASP D 65 -28.52 24.22 -16.73
N ILE D 66 -27.26 24.11 -17.10
CA ILE D 66 -26.25 25.07 -16.59
C ILE D 66 -26.05 26.16 -17.64
N PRO D 67 -26.17 27.45 -17.24
CA PRO D 67 -25.98 28.56 -18.18
C PRO D 67 -24.59 28.59 -18.81
N ILE D 68 -24.55 28.59 -20.14
CA ILE D 68 -23.32 28.73 -20.91
C ILE D 68 -22.85 30.19 -20.81
N PRO D 69 -21.56 30.41 -20.48
CA PRO D 69 -21.02 31.79 -20.42
C PRO D 69 -20.82 32.39 -21.81
N ASP D 70 -20.81 33.73 -21.87
CA ASP D 70 -20.57 34.47 -23.12
C ASP D 70 -19.31 35.33 -23.02
N PRO D 71 -18.41 35.22 -24.03
CA PRO D 71 -17.12 35.96 -24.03
C PRO D 71 -17.29 37.45 -24.29
N CYS D 91 -27.67 29.99 -10.63
CA CYS D 91 -28.00 28.65 -11.14
C CYS D 91 -29.29 28.11 -10.52
N GLY D 92 -30.08 27.42 -11.34
CA GLY D 92 -31.38 26.89 -10.94
C GLY D 92 -31.31 25.58 -10.18
N TYR D 93 -32.11 24.61 -10.61
CA TYR D 93 -32.18 23.30 -9.99
C TYR D 93 -31.70 22.22 -10.96
N LEU D 94 -30.70 21.46 -10.53
CA LEU D 94 -30.08 20.43 -11.36
C LEU D 94 -30.45 19.04 -10.83
N PRO D 95 -31.34 18.32 -11.54
CA PRO D 95 -31.82 17.03 -11.05
C PRO D 95 -30.87 15.87 -11.31
N GLY D 96 -30.90 14.87 -10.43
CA GLY D 96 -30.16 13.63 -10.63
C GLY D 96 -30.79 12.77 -11.71
N ASN D 97 -30.00 11.85 -12.28
CA ASN D 97 -30.46 10.96 -13.34
C ASN D 97 -31.49 9.96 -12.81
N GLU D 98 -32.71 10.05 -13.34
CA GLU D 98 -33.84 9.20 -12.96
C GLU D 98 -33.66 7.75 -13.41
N LYS D 99 -33.17 7.58 -14.65
CA LYS D 99 -32.98 6.27 -15.27
C LYS D 99 -32.03 5.39 -14.46
N LEU D 100 -30.91 5.99 -14.02
CA LEU D 100 -29.93 5.32 -13.16
C LEU D 100 -30.48 5.01 -11.79
N LEU D 101 -31.22 5.96 -11.20
CA LEU D 101 -31.90 5.78 -9.92
C LEU D 101 -32.86 4.60 -9.90
N ALA D 102 -33.66 4.48 -10.97
CA ALA D 102 -34.60 3.37 -11.16
C ALA D 102 -33.86 2.04 -11.34
N LEU D 103 -32.74 2.07 -12.06
CA LEU D 103 -31.88 0.90 -12.23
C LEU D 103 -31.23 0.51 -10.90
N LEU D 104 -30.69 1.51 -10.19
CA LEU D 104 -30.04 1.29 -8.88
C LEU D 104 -30.96 0.60 -7.89
N ALA D 105 -32.22 1.04 -7.84
CA ALA D 105 -33.25 0.44 -6.99
C ALA D 105 -33.55 -1.04 -7.31
N LEU D 106 -33.09 -1.50 -8.47
CA LEU D 106 -33.25 -2.91 -8.87
C LEU D 106 -32.02 -3.77 -8.55
N VAL D 107 -30.83 -3.26 -8.86
CA VAL D 107 -29.57 -3.99 -8.59
C VAL D 107 -29.14 -3.98 -7.12
N LYS D 108 -29.33 -2.84 -6.47
CA LYS D 108 -28.88 -2.60 -5.10
C LYS D 108 -29.39 -3.60 -4.05
N PRO D 109 -30.72 -3.92 -4.05
CA PRO D 109 -31.17 -4.93 -3.09
C PRO D 109 -30.65 -6.34 -3.41
N GLU D 110 -30.35 -6.58 -4.68
CA GLU D 110 -29.80 -7.86 -5.14
C GLU D 110 -28.37 -8.10 -4.65
N VAL D 111 -27.59 -7.03 -4.57
CA VAL D 111 -26.21 -7.05 -4.04
C VAL D 111 -26.23 -7.43 -2.56
N TRP D 112 -27.08 -6.75 -1.78
CA TRP D 112 -27.22 -6.97 -0.34
C TRP D 112 -27.70 -8.38 0.00
N THR D 113 -28.72 -8.86 -0.72
CA THR D 113 -29.29 -10.19 -0.48
C THR D 113 -28.31 -11.33 -0.77
N LEU D 114 -27.43 -11.15 -1.76
CA LEU D 114 -26.36 -12.13 -2.03
C LEU D 114 -25.30 -12.14 -0.94
N LYS D 115 -24.86 -10.94 -0.52
CA LYS D 115 -23.89 -10.79 0.56
C LYS D 115 -24.37 -11.51 1.82
N GLU D 116 -25.66 -11.36 2.12
CA GLU D 116 -26.33 -12.06 3.22
C GLU D 116 -26.28 -13.59 3.05
N LYS D 117 -26.56 -14.06 1.83
CA LYS D 117 -26.57 -15.49 1.51
C LYS D 117 -25.17 -16.11 1.53
N CYS D 118 -24.17 -15.30 1.19
CA CYS D 118 -22.76 -15.69 1.30
C CYS D 118 -22.39 -16.01 2.75
N ILE D 119 -22.85 -15.16 3.67
CA ILE D 119 -22.67 -15.36 5.12
C ILE D 119 -23.36 -16.66 5.57
N LEU D 120 -24.57 -16.89 5.06
CA LEU D 120 -25.33 -18.12 5.36
C LEU D 120 -24.62 -19.41 4.94
N VAL D 121 -24.11 -19.43 3.71
CA VAL D 121 -23.35 -20.56 3.15
C VAL D 121 -22.07 -20.79 3.97
N ILE D 122 -21.39 -19.69 4.33
CA ILE D 122 -20.18 -19.72 5.16
C ILE D 122 -20.46 -20.36 6.53
N THR D 123 -21.49 -19.86 7.24
CA THR D 123 -21.90 -20.41 8.54
C THR D 123 -22.26 -21.90 8.45
N TRP D 124 -22.88 -22.28 7.33
CA TRP D 124 -23.27 -23.65 7.06
C TRP D 124 -22.06 -24.59 6.91
N ILE D 125 -21.16 -24.28 5.96
CA ILE D 125 -19.99 -25.12 5.67
C ILE D 125 -19.06 -25.24 6.89
N GLN D 126 -18.95 -24.16 7.68
CA GLN D 126 -18.07 -24.15 8.86
C GLN D 126 -18.60 -25.02 10.00
N HIS D 127 -19.91 -25.14 10.10
CA HIS D 127 -20.55 -26.08 11.05
C HIS D 127 -20.46 -27.53 10.57
N LEU D 128 -20.03 -27.71 9.33
CA LEU D 128 -19.80 -29.03 8.74
C LEU D 128 -18.34 -29.47 8.79
N ILE D 129 -17.45 -28.54 9.19
CA ILE D 129 -16.04 -28.86 9.45
C ILE D 129 -15.96 -29.75 10.70
N PRO D 130 -15.38 -30.96 10.54
CA PRO D 130 -15.29 -31.87 11.68
C PRO D 130 -14.09 -31.58 12.56
N LYS D 131 -13.96 -32.35 13.64
CA LYS D 131 -12.79 -32.39 14.51
C LYS D 131 -11.52 -32.49 13.67
N ILE D 132 -10.56 -31.60 13.91
CA ILE D 132 -9.27 -31.65 13.21
C ILE D 132 -8.54 -32.91 13.68
N GLU D 133 -8.42 -33.84 12.75
CA GLU D 133 -7.91 -35.18 13.00
C GLU D 133 -6.92 -35.55 11.91
N ASP D 134 -5.90 -36.32 12.28
CA ASP D 134 -4.84 -36.75 11.36
C ASP D 134 -5.34 -37.70 10.27
N GLY D 135 -6.34 -38.51 10.61
CA GLY D 135 -6.96 -39.44 9.67
C GLY D 135 -7.76 -38.76 8.59
N ASN D 136 -7.46 -39.12 7.34
CA ASN D 136 -8.21 -38.70 6.13
C ASN D 136 -8.23 -37.17 5.93
N ASP D 137 -7.07 -36.61 5.57
CA ASP D 137 -6.92 -35.16 5.38
C ASP D 137 -7.62 -34.59 4.15
N PHE D 138 -7.74 -35.40 3.09
CA PHE D 138 -8.27 -34.98 1.78
C PHE D 138 -9.66 -34.35 1.82
N GLY D 139 -10.55 -34.95 2.60
CA GLY D 139 -11.95 -34.50 2.71
C GLY D 139 -12.11 -33.07 3.20
N VAL D 140 -11.36 -32.71 4.23
CA VAL D 140 -11.39 -31.36 4.83
C VAL D 140 -10.83 -30.31 3.87
N ALA D 141 -9.84 -30.72 3.05
CA ALA D 141 -9.24 -29.85 2.03
C ALA D 141 -10.26 -29.37 0.98
N ILE D 142 -11.24 -30.23 0.67
CA ILE D 142 -12.36 -29.90 -0.22
C ILE D 142 -13.23 -28.80 0.40
N GLN D 143 -13.47 -28.91 1.71
CA GLN D 143 -14.35 -28.00 2.44
C GLN D 143 -13.77 -26.59 2.46
N GLU D 144 -12.45 -26.53 2.67
CA GLU D 144 -11.70 -25.27 2.71
C GLU D 144 -11.65 -24.57 1.36
N LYS D 145 -11.58 -25.36 0.27
CA LYS D 145 -11.60 -24.82 -1.10
C LYS D 145 -12.94 -24.17 -1.46
N VAL D 146 -14.05 -24.87 -1.16
CA VAL D 146 -15.40 -24.35 -1.37
C VAL D 146 -15.61 -23.08 -0.53
N LEU D 147 -15.12 -23.12 0.71
CA LEU D 147 -15.23 -21.99 1.64
C LEU D 147 -14.47 -20.74 1.16
N GLU D 148 -13.22 -20.93 0.70
CA GLU D 148 -12.40 -19.83 0.18
C GLU D 148 -12.99 -19.22 -1.10
N ARG D 149 -13.71 -20.05 -1.87
CA ARG D 149 -14.44 -19.63 -3.07
C ARG D 149 -15.59 -18.69 -2.74
N VAL D 150 -16.39 -19.08 -1.74
CA VAL D 150 -17.54 -18.29 -1.26
C VAL D 150 -17.06 -16.94 -0.68
N ASN D 151 -15.94 -16.97 0.05
CA ASN D 151 -15.28 -15.77 0.56
C ASN D 151 -14.82 -14.82 -0.55
N ALA D 152 -14.36 -15.40 -1.67
CA ALA D 152 -13.98 -14.65 -2.86
C ALA D 152 -15.18 -14.01 -3.56
N VAL D 153 -16.38 -14.66 -3.51
CA VAL D 153 -17.55 -13.93 -4.07
C VAL D 153 -18.01 -12.81 -3.16
N LYS D 154 -18.00 -13.05 -1.84
CA LYS D 154 -18.32 -12.01 -0.84
C LYS D 154 -17.44 -10.77 -1.00
N THR D 155 -16.14 -10.99 -1.20
CA THR D 155 -15.16 -9.93 -1.46
C THR D 155 -15.54 -9.09 -2.69
N LYS D 156 -15.91 -9.77 -3.79
CA LYS D 156 -16.36 -9.10 -5.02
C LYS D 156 -17.69 -8.36 -4.85
N VAL D 157 -18.58 -8.94 -4.06
CA VAL D 157 -19.89 -8.32 -3.76
C VAL D 157 -19.71 -7.04 -2.93
N GLU D 158 -18.78 -7.08 -1.98
CA GLU D 158 -18.41 -5.91 -1.18
C GLU D 158 -17.69 -4.84 -2.01
N ALA D 159 -16.99 -5.28 -3.05
CA ALA D 159 -16.39 -4.39 -4.05
C ALA D 159 -17.46 -3.71 -4.92
N PHE D 160 -18.61 -4.36 -5.07
CA PHE D 160 -19.76 -3.78 -5.78
C PHE D 160 -20.41 -2.64 -4.99
N GLN D 161 -20.59 -2.85 -3.68
CA GLN D 161 -21.18 -1.84 -2.79
C GLN D 161 -20.34 -0.56 -2.72
N THR D 162 -19.02 -0.72 -2.75
CA THR D 162 -18.08 0.41 -2.77
C THR D 162 -18.04 1.12 -4.13
N THR D 163 -18.49 0.44 -5.19
CA THR D 163 -18.68 1.05 -6.51
C THR D 163 -19.97 1.90 -6.55
N ILE D 164 -21.01 1.42 -5.88
CA ILE D 164 -22.30 2.12 -5.77
C ILE D 164 -22.16 3.40 -4.93
N SER D 165 -21.49 3.28 -3.77
CA SER D 165 -21.19 4.42 -2.90
C SER D 165 -20.34 5.47 -3.61
N LYS D 166 -19.45 5.00 -4.48
CA LYS D 166 -18.58 5.85 -5.29
C LYS D 166 -19.36 6.68 -6.32
N TYR D 167 -20.51 6.18 -6.78
CA TYR D 167 -21.30 6.84 -7.83
C TYR D 167 -21.88 8.20 -7.41
N PHE D 168 -22.59 8.22 -6.28
CA PHE D 168 -23.31 9.42 -5.84
C PHE D 168 -22.40 10.58 -5.45
N SER D 169 -21.34 10.28 -4.69
CA SER D 169 -20.35 11.27 -4.29
C SER D 169 -19.58 11.82 -5.48
N GLU D 170 -19.28 10.96 -6.44
CA GLU D 170 -18.55 11.36 -7.64
C GLU D 170 -19.38 12.14 -8.64
N ARG D 171 -20.65 11.76 -8.83
CA ARG D 171 -21.57 12.51 -9.68
C ARG D 171 -21.92 13.86 -9.05
N GLY D 172 -22.03 13.87 -7.73
CA GLY D 172 -22.27 15.08 -6.94
C GLY D 172 -21.16 16.10 -7.08
N ASP D 173 -19.91 15.66 -6.87
CA ASP D 173 -18.72 16.50 -7.05
C ASP D 173 -18.54 16.96 -8.49
N ALA D 174 -19.08 16.17 -9.43
CA ALA D 174 -19.03 16.46 -10.85
C ALA D 174 -19.94 17.63 -11.25
N VAL D 175 -21.21 17.57 -10.84
CA VAL D 175 -22.17 18.65 -11.08
C VAL D 175 -21.84 19.92 -10.30
N ALA D 176 -21.30 19.75 -9.09
CA ALA D 176 -20.85 20.86 -8.24
C ALA D 176 -19.68 21.61 -8.86
N LYS D 177 -18.76 20.88 -9.49
CA LYS D 177 -17.65 21.47 -10.24
C LYS D 177 -18.12 22.12 -11.54
N ALA D 178 -19.05 21.46 -12.23
CA ALA D 178 -19.60 21.94 -13.51
C ALA D 178 -20.41 23.23 -13.38
N SER D 179 -21.13 23.36 -12.26
CA SER D 179 -21.94 24.56 -11.97
C SER D 179 -21.08 25.74 -11.51
N LYS D 180 -20.12 25.46 -10.62
CA LYS D 180 -19.18 26.47 -10.11
C LYS D 180 -18.31 27.07 -11.22
N ASP D 181 -17.77 26.18 -12.07
CA ASP D 181 -16.97 26.57 -13.22
C ASP D 181 -17.75 26.26 -14.50
N THR D 182 -18.53 27.24 -14.94
CA THR D 182 -19.43 27.11 -16.10
C THR D 182 -18.69 27.06 -17.42
N HIS D 183 -17.52 27.69 -17.45
CA HIS D 183 -16.72 27.88 -18.68
C HIS D 183 -16.06 26.62 -19.23
N VAL D 184 -15.90 25.60 -18.39
CA VAL D 184 -15.23 24.36 -18.78
C VAL D 184 -16.23 23.27 -19.21
N MET D 185 -16.17 22.91 -20.50
CA MET D 185 -17.12 21.95 -21.11
C MET D 185 -16.79 20.48 -20.83
N ASP D 186 -15.61 20.24 -20.24
CA ASP D 186 -15.18 18.90 -19.87
C ASP D 186 -15.85 18.38 -18.60
N TYR D 187 -16.11 19.29 -17.65
CA TYR D 187 -16.85 18.97 -16.43
C TYR D 187 -18.27 18.51 -16.73
N ARG D 188 -18.93 19.23 -17.64
CA ARG D 188 -20.28 18.90 -18.12
C ARG D 188 -20.31 17.53 -18.81
N ALA D 189 -19.28 17.26 -19.60
CA ALA D 189 -19.15 16.03 -20.39
C ALA D 189 -18.90 14.78 -19.54
N LEU D 190 -18.28 14.96 -18.38
CA LEU D 190 -18.00 13.83 -17.50
C LEU D 190 -19.20 13.38 -16.67
N VAL D 191 -20.10 14.31 -16.34
CA VAL D 191 -21.31 13.98 -15.55
C VAL D 191 -22.14 12.95 -16.31
N HIS D 192 -22.34 13.21 -17.60
CA HIS D 192 -23.01 12.28 -18.51
C HIS D 192 -22.20 10.99 -18.69
N GLU D 193 -20.88 11.10 -18.58
CA GLU D 193 -19.96 9.96 -18.70
C GLU D 193 -20.02 9.03 -17.50
N ARG D 194 -20.15 9.62 -16.30
CA ARG D 194 -20.31 8.87 -15.04
C ARG D 194 -21.56 8.02 -15.06
N ASP D 195 -22.65 8.59 -15.59
CA ASP D 195 -23.93 7.90 -15.76
C ASP D 195 -23.82 6.71 -16.72
N GLU D 196 -23.08 6.88 -17.81
CA GLU D 196 -22.77 5.81 -18.75
C GLU D 196 -21.86 4.76 -18.11
N ALA D 197 -20.85 5.23 -17.38
CA ALA D 197 -19.89 4.37 -16.67
C ALA D 197 -20.59 3.57 -15.57
N ALA D 198 -21.51 4.22 -14.85
CA ALA D 198 -22.33 3.56 -13.84
C ALA D 198 -23.25 2.52 -14.48
N TYR D 199 -23.99 2.92 -15.52
CA TYR D 199 -24.88 2.02 -16.27
C TYR D 199 -24.17 0.73 -16.69
N GLY D 200 -23.04 0.89 -17.36
CA GLY D 200 -22.23 -0.24 -17.83
C GLY D 200 -21.77 -1.14 -16.71
N ALA D 201 -21.36 -0.53 -15.59
CA ALA D 201 -20.93 -1.24 -14.40
C ALA D 201 -22.07 -1.99 -13.73
N LEU D 202 -23.24 -1.34 -13.65
CA LEU D 202 -24.46 -1.92 -13.08
C LEU D 202 -25.01 -3.06 -13.90
N ARG D 203 -24.82 -2.98 -15.23
CA ARG D 203 -25.15 -4.06 -16.14
C ARG D 203 -24.24 -5.27 -15.91
N ALA D 204 -22.93 -5.01 -15.80
CA ALA D 204 -21.92 -6.01 -15.47
C ALA D 204 -22.19 -6.66 -14.12
N MET D 205 -22.69 -5.87 -13.17
CA MET D 205 -23.07 -6.33 -11.83
C MET D 205 -24.09 -7.46 -11.87
N VAL D 206 -25.19 -7.28 -12.62
CA VAL D 206 -26.25 -8.30 -12.73
C VAL D 206 -25.69 -9.60 -13.32
N LEU D 207 -24.94 -9.48 -14.41
CA LEU D 207 -24.28 -10.62 -15.05
C LEU D 207 -23.40 -11.38 -14.07
N ASP D 208 -22.59 -10.64 -13.31
CA ASP D 208 -21.73 -11.20 -12.27
C ASP D 208 -22.53 -11.91 -11.19
N LEU D 209 -23.57 -11.26 -10.67
CA LEU D 209 -24.44 -11.83 -9.61
C LEU D 209 -25.09 -13.12 -10.07
N ARG D 210 -25.58 -13.14 -11.30
CA ARG D 210 -26.15 -14.33 -11.92
C ARG D 210 -25.11 -15.44 -11.97
N ALA D 211 -23.92 -15.09 -12.47
CA ALA D 211 -22.78 -16.00 -12.55
C ALA D 211 -22.32 -16.49 -11.18
N PHE D 212 -22.36 -15.61 -10.18
CA PHE D 212 -21.99 -15.95 -8.79
C PHE D 212 -22.93 -16.97 -8.15
N TYR D 213 -24.24 -16.70 -8.24
CA TYR D 213 -25.29 -17.62 -7.78
C TYR D 213 -25.14 -18.98 -8.48
N ALA D 214 -24.98 -18.93 -9.81
CA ALA D 214 -24.79 -20.12 -10.65
C ALA D 214 -23.55 -20.93 -10.27
N GLU D 215 -22.46 -20.20 -10.05
CA GLU D 215 -21.17 -20.77 -9.66
C GLU D 215 -21.24 -21.48 -8.32
N LEU D 216 -21.91 -20.84 -7.35
CA LEU D 216 -22.08 -21.40 -6.00
C LEU D 216 -22.88 -22.69 -6.06
N TYR D 217 -24.04 -22.65 -6.72
CA TYR D 217 -24.89 -23.83 -6.92
C TYR D 217 -24.09 -25.01 -7.46
N HIS D 218 -23.38 -24.79 -8.57
CA HIS D 218 -22.62 -25.84 -9.25
C HIS D 218 -21.49 -26.43 -8.39
N ILE D 219 -20.74 -25.57 -7.71
CA ILE D 219 -19.61 -25.99 -6.85
C ILE D 219 -20.10 -26.80 -5.64
N ILE D 220 -21.16 -26.31 -4.99
CA ILE D 220 -21.77 -27.00 -3.84
C ILE D 220 -22.47 -28.31 -4.28
N SER D 221 -23.36 -28.21 -5.27
CA SER D 221 -24.14 -29.37 -5.77
C SER D 221 -23.28 -30.57 -6.15
N SER D 222 -22.28 -30.33 -7.00
CA SER D 222 -21.40 -31.39 -7.50
C SER D 222 -20.54 -32.03 -6.40
N ASN D 223 -20.23 -31.26 -5.35
CA ASN D 223 -19.38 -31.73 -4.25
C ASN D 223 -20.07 -32.02 -2.92
N LEU D 224 -21.40 -31.81 -2.87
CA LEU D 224 -22.20 -31.87 -1.62
C LEU D 224 -21.92 -33.08 -0.76
N GLU D 225 -21.85 -34.24 -1.41
CA GLU D 225 -21.48 -35.52 -0.82
C GLU D 225 -20.31 -35.40 0.15
N LYS D 226 -19.19 -34.89 -0.36
CA LYS D 226 -17.98 -34.67 0.43
C LYS D 226 -18.09 -33.50 1.41
N ILE D 227 -18.90 -32.49 1.06
CA ILE D 227 -19.10 -31.29 1.89
C ILE D 227 -19.81 -31.61 3.22
N VAL D 228 -20.79 -32.51 3.19
CA VAL D 228 -21.55 -32.86 4.40
C VAL D 228 -20.75 -33.77 5.34
N ASN D 229 -20.08 -34.79 4.77
CA ASN D 229 -19.16 -35.63 5.54
C ASN D 229 -17.83 -35.88 4.81
N PRO D 230 -16.81 -35.05 5.12
CA PRO D 230 -15.46 -35.19 4.54
C PRO D 230 -14.79 -36.52 4.92
N LYS D 231 -15.24 -37.10 6.03
CA LYS D 231 -14.69 -38.34 6.58
C LYS D 231 -15.27 -39.58 5.91
N ARG E 14 -35.85 -29.41 -10.48
CA ARG E 14 -34.50 -28.82 -10.74
C ARG E 14 -34.15 -28.72 -12.23
N LYS E 15 -35.17 -28.87 -13.08
CA LYS E 15 -35.03 -28.70 -14.54
C LYS E 15 -35.05 -27.22 -14.96
N GLN E 16 -35.34 -26.35 -14.00
CA GLN E 16 -35.29 -24.90 -14.17
C GLN E 16 -33.84 -24.36 -14.16
N VAL E 17 -32.92 -25.15 -13.61
CA VAL E 17 -31.49 -24.85 -13.62
C VAL E 17 -30.87 -25.23 -14.98
N ASP E 18 -31.43 -26.27 -15.58
CA ASP E 18 -31.01 -26.81 -16.89
C ASP E 18 -31.13 -25.84 -18.05
N VAL E 19 -32.25 -25.12 -18.14
CA VAL E 19 -32.49 -24.15 -19.22
C VAL E 19 -31.38 -23.09 -19.29
N PHE E 20 -30.99 -22.58 -18.12
CA PHE E 20 -29.89 -21.63 -18.01
C PHE E 20 -28.57 -22.26 -18.42
N ARG E 21 -28.28 -23.45 -17.87
CA ARG E 21 -27.06 -24.19 -18.16
C ARG E 21 -26.88 -24.41 -19.66
N GLN E 22 -27.92 -24.96 -20.29
CA GLN E 22 -27.97 -25.21 -21.74
C GLN E 22 -27.84 -23.92 -22.55
N ASN E 23 -28.53 -22.87 -22.10
CA ASN E 23 -28.51 -21.54 -22.73
C ASN E 23 -27.12 -20.90 -22.67
N LEU E 24 -26.47 -21.04 -21.51
CA LEU E 24 -25.10 -20.57 -21.30
C LEU E 24 -24.08 -21.29 -22.19
N PHE E 25 -24.17 -22.62 -22.24
CA PHE E 25 -23.27 -23.44 -23.05
C PHE E 25 -23.38 -23.12 -24.52
N GLN E 26 -24.61 -22.94 -24.99
CA GLN E 26 -24.88 -22.51 -26.35
C GLN E 26 -24.31 -21.11 -26.62
N GLU E 27 -24.48 -20.20 -25.65
CA GLU E 27 -23.93 -18.84 -25.71
C GLU E 27 -22.41 -18.85 -25.85
N ALA E 28 -21.74 -19.64 -25.02
CA ALA E 28 -20.28 -19.74 -25.00
C ALA E 28 -19.72 -20.35 -26.29
N ASP E 29 -20.34 -21.44 -26.75
CA ASP E 29 -19.98 -22.11 -27.99
C ASP E 29 -20.23 -21.23 -29.21
N ASP E 30 -21.28 -20.40 -29.13
CA ASP E 30 -21.60 -19.39 -30.14
C ASP E 30 -20.55 -18.28 -30.16
N PHE E 31 -20.22 -17.75 -28.99
CA PHE E 31 -19.22 -16.70 -28.82
C PHE E 31 -17.84 -17.12 -29.36
N LEU E 32 -17.41 -18.33 -29.00
CA LEU E 32 -16.11 -18.86 -29.36
C LEU E 32 -15.93 -19.05 -30.88
N CYS E 33 -16.99 -19.54 -31.53
CA CYS E 33 -16.94 -19.93 -32.94
C CYS E 33 -17.20 -18.78 -33.91
N THR E 34 -18.25 -17.99 -33.66
CA THR E 34 -18.66 -16.93 -34.57
C THR E 34 -18.15 -15.54 -34.15
N PHE E 35 -18.49 -15.12 -32.92
CA PHE E 35 -18.23 -13.77 -32.42
C PHE E 35 -16.75 -13.40 -32.36
N LEU E 36 -15.97 -14.24 -31.68
CA LEU E 36 -14.54 -13.98 -31.44
C LEU E 36 -13.71 -13.74 -32.72
N PRO E 37 -13.80 -14.63 -33.73
CA PRO E 37 -13.05 -14.36 -34.97
C PRO E 37 -13.47 -13.07 -35.67
N ARG E 38 -14.77 -12.79 -35.69
CA ARG E 38 -15.33 -11.56 -36.27
C ARG E 38 -14.80 -10.31 -35.58
N LYS E 39 -14.81 -10.32 -34.24
CA LYS E 39 -14.30 -9.22 -33.40
C LYS E 39 -12.82 -8.99 -33.70
N ILE E 40 -12.00 -10.05 -33.53
CA ILE E 40 -10.56 -10.05 -33.83
C ILE E 40 -10.21 -9.26 -35.10
N ILE E 41 -10.97 -9.52 -36.16
CA ILE E 41 -10.81 -8.87 -37.45
C ILE E 41 -11.33 -7.43 -37.38
N SER E 42 -12.56 -7.26 -36.90
CA SER E 42 -13.25 -5.96 -36.88
C SER E 42 -12.44 -4.83 -36.24
N LEU E 43 -11.78 -5.09 -35.11
CA LEU E 43 -10.91 -4.09 -34.50
C LEU E 43 -9.55 -3.92 -35.19
N SER E 44 -8.98 -5.00 -35.71
CA SER E 44 -7.76 -4.90 -36.51
C SER E 44 -8.01 -4.09 -37.79
N GLN E 45 -9.25 -4.16 -38.29
CA GLN E 45 -9.74 -3.30 -39.37
C GLN E 45 -9.96 -1.84 -38.93
N LEU E 46 -10.37 -1.67 -37.67
CA LEU E 46 -10.50 -0.35 -37.04
C LEU E 46 -9.13 0.30 -36.92
N LEU E 47 -8.13 -0.50 -36.55
CA LEU E 47 -6.74 -0.04 -36.45
C LEU E 47 -6.17 0.51 -37.75
N GLN E 48 -6.77 0.12 -38.88
CA GLN E 48 -6.43 0.68 -40.18
C GLN E 48 -6.93 2.09 -40.39
N GLU E 49 -8.08 2.42 -39.78
CA GLU E 49 -8.71 3.74 -39.92
C GLU E 49 -7.81 4.88 -39.48
N ASP E 50 -7.96 6.02 -40.15
CA ASP E 50 -7.04 7.16 -40.05
C ASP E 50 -7.00 7.86 -38.70
N SER E 51 -8.16 7.93 -38.04
CA SER E 51 -8.30 8.56 -36.71
C SER E 51 -7.39 7.93 -35.64
N LEU E 52 -7.05 6.65 -35.84
CA LEU E 52 -6.17 5.90 -34.96
C LEU E 52 -4.72 5.81 -35.41
N ASN E 53 -4.44 6.33 -36.60
CA ASN E 53 -3.09 6.38 -37.14
C ASN E 53 -2.74 7.79 -37.57
N VAL E 54 -2.57 8.66 -36.57
CA VAL E 54 -2.27 10.07 -36.81
C VAL E 54 -0.75 10.24 -36.83
N ALA E 55 -0.24 10.78 -37.93
CA ALA E 55 1.18 11.09 -38.10
C ALA E 55 1.60 12.20 -37.15
N ASP E 56 1.08 13.41 -37.39
CA ASP E 56 1.38 14.59 -36.56
C ASP E 56 0.38 14.71 -35.40
N LEU E 57 0.88 14.52 -34.18
CA LEU E 57 0.07 14.59 -32.95
C LEU E 57 -0.36 16.01 -32.58
N SER E 58 0.21 17.00 -33.27
CA SER E 58 -0.20 18.41 -33.13
C SER E 58 -1.57 18.68 -33.74
N SER E 59 -1.97 17.83 -34.69
CA SER E 59 -3.31 17.91 -35.30
C SER E 59 -4.41 17.52 -34.29
N LEU E 60 -4.04 16.73 -33.29
CA LEU E 60 -4.93 16.37 -32.17
C LEU E 60 -5.32 17.57 -31.32
N ARG E 61 -4.37 18.48 -31.12
CA ARG E 61 -4.50 19.69 -30.29
C ARG E 61 -5.81 20.44 -30.56
N ALA E 62 -6.52 20.76 -29.48
CA ALA E 62 -7.80 21.47 -29.53
C ALA E 62 -7.60 22.95 -29.20
N PRO E 63 -8.46 23.85 -29.75
CA PRO E 63 -8.33 25.28 -29.46
C PRO E 63 -8.62 25.58 -27.99
N LEU E 64 -7.89 26.54 -27.42
CA LEU E 64 -7.98 26.81 -25.99
C LEU E 64 -8.62 28.14 -25.60
N ASP E 65 -8.52 29.15 -26.48
CA ASP E 65 -9.15 30.49 -26.30
C ASP E 65 -9.04 31.14 -24.92
N ILE E 66 -7.93 30.95 -24.21
CA ILE E 66 -7.76 31.62 -22.92
C ILE E 66 -6.95 32.91 -23.12
N PRO E 67 -7.47 34.05 -22.62
CA PRO E 67 -6.76 35.34 -22.77
C PRO E 67 -5.38 35.33 -22.10
N ILE E 68 -4.35 35.65 -22.89
CA ILE E 68 -2.98 35.81 -22.40
C ILE E 68 -2.90 37.14 -21.60
N PRO E 69 -2.33 37.09 -20.37
CA PRO E 69 -2.18 38.32 -19.59
C PRO E 69 -1.06 39.23 -20.13
N ASP E 70 -1.15 40.52 -19.81
CA ASP E 70 -0.14 41.51 -20.20
C ASP E 70 0.52 42.14 -18.97
N PRO E 71 1.89 42.18 -18.94
CA PRO E 71 2.63 42.71 -17.79
C PRO E 71 2.57 44.24 -17.68
N PRO E 72 2.52 44.77 -16.44
CA PRO E 72 2.47 46.23 -16.22
C PRO E 72 3.77 46.96 -16.59
N CYS E 91 -13.44 35.01 -19.10
CA CYS E 91 -13.16 33.93 -20.04
C CYS E 91 -14.43 33.40 -20.69
N GLY E 92 -14.30 32.93 -21.94
CA GLY E 92 -15.43 32.41 -22.73
C GLY E 92 -15.84 31.00 -22.35
N TYR E 93 -16.03 30.14 -23.34
CA TYR E 93 -16.28 28.72 -23.11
C TYR E 93 -15.23 27.84 -23.78
N LEU E 94 -14.72 26.87 -23.02
CA LEU E 94 -13.59 26.05 -23.47
C LEU E 94 -14.05 24.65 -23.85
N PRO E 95 -14.07 24.33 -25.17
CA PRO E 95 -14.60 23.05 -25.63
C PRO E 95 -13.65 21.88 -25.38
N GLY E 96 -14.23 20.71 -25.12
CA GLY E 96 -13.48 19.46 -25.05
C GLY E 96 -13.01 19.03 -26.43
N ASN E 97 -11.98 18.18 -26.47
CA ASN E 97 -11.40 17.72 -27.72
C ASN E 97 -12.36 16.77 -28.46
N GLU E 98 -12.82 17.23 -29.63
CA GLU E 98 -13.76 16.48 -30.47
C GLU E 98 -13.16 15.18 -30.98
N LYS E 99 -11.90 15.26 -31.41
CA LYS E 99 -11.17 14.13 -31.98
C LYS E 99 -11.05 12.96 -31.01
N LEU E 100 -10.74 13.29 -29.75
CA LEU E 100 -10.67 12.31 -28.66
C LEU E 100 -12.04 11.74 -28.32
N LEU E 101 -13.06 12.60 -28.27
CA LEU E 101 -14.46 12.19 -28.04
C LEU E 101 -14.97 11.18 -29.06
N ALA E 102 -14.67 11.44 -30.33
CA ALA E 102 -15.02 10.54 -31.44
C ALA E 102 -14.28 9.20 -31.34
N LEU E 103 -13.00 9.27 -30.95
CA LEU E 103 -12.19 8.07 -30.70
C LEU E 103 -12.72 7.28 -29.50
N LEU E 104 -13.02 7.99 -28.40
CA LEU E 104 -13.56 7.39 -27.18
C LEU E 104 -14.83 6.60 -27.44
N ALA E 105 -15.74 7.17 -28.24
CA ALA E 105 -16.98 6.53 -28.66
C ALA E 105 -16.77 5.22 -29.44
N LEU E 106 -15.55 5.00 -29.94
CA LEU E 106 -15.21 3.78 -30.65
C LEU E 106 -14.58 2.71 -29.76
N VAL E 107 -13.63 3.11 -28.92
CA VAL E 107 -12.93 2.18 -28.00
C VAL E 107 -13.75 1.79 -26.79
N LYS E 108 -14.50 2.74 -26.24
CA LYS E 108 -15.26 2.58 -24.99
C LYS E 108 -16.28 1.43 -25.01
N PRO E 109 -17.11 1.29 -26.08
CA PRO E 109 -18.02 0.14 -26.09
C PRO E 109 -17.31 -1.20 -26.27
N GLU E 110 -16.12 -1.16 -26.89
CA GLU E 110 -15.28 -2.36 -27.08
C GLU E 110 -14.70 -2.90 -25.77
N VAL E 111 -14.35 -1.98 -24.85
CA VAL E 111 -13.86 -2.32 -23.51
C VAL E 111 -14.95 -3.05 -22.71
N TRP E 112 -16.14 -2.47 -22.71
CA TRP E 112 -17.31 -3.02 -21.99
C TRP E 112 -17.73 -4.39 -22.50
N THR E 113 -17.81 -4.53 -23.83
CA THR E 113 -18.21 -5.79 -24.46
C THR E 113 -17.25 -6.95 -24.18
N LEU E 114 -15.95 -6.65 -24.08
CA LEU E 114 -14.94 -7.66 -23.70
C LEU E 114 -15.08 -8.07 -22.24
N LYS E 115 -15.22 -7.08 -21.36
CA LYS E 115 -15.44 -7.33 -19.92
C LYS E 115 -16.63 -8.27 -19.70
N GLU E 116 -17.71 -8.03 -20.45
CA GLU E 116 -18.89 -8.89 -20.47
C GLU E 116 -18.58 -10.32 -20.93
N LYS E 117 -17.78 -10.44 -21.99
CA LYS E 117 -17.41 -11.74 -22.56
C LYS E 117 -16.44 -12.52 -21.66
N CYS E 118 -15.62 -11.79 -20.91
CA CYS E 118 -14.75 -12.37 -19.89
C CYS E 118 -15.57 -13.07 -18.81
N ILE E 119 -16.65 -12.44 -18.37
CA ILE E 119 -17.61 -13.01 -17.41
C ILE E 119 -18.26 -14.27 -17.98
N LEU E 120 -18.65 -14.22 -19.26
CA LEU E 120 -19.23 -15.36 -19.97
C LEU E 120 -18.32 -16.59 -20.01
N VAL E 121 -17.05 -16.37 -20.39
CA VAL E 121 -16.02 -17.42 -20.45
C VAL E 121 -15.78 -18.01 -19.05
N ILE E 122 -15.72 -17.13 -18.04
CA ILE E 122 -15.57 -17.52 -16.64
C ILE E 122 -16.72 -18.44 -16.19
N THR E 123 -17.97 -18.00 -16.40
CA THR E 123 -19.17 -18.79 -16.04
C THR E 123 -19.17 -20.15 -16.75
N TRP E 124 -18.70 -20.16 -17.99
CA TRP E 124 -18.60 -21.37 -18.81
C TRP E 124 -17.60 -22.38 -18.25
N ILE E 125 -16.34 -21.98 -18.06
CA ILE E 125 -15.27 -22.86 -17.56
C ILE E 125 -15.58 -23.40 -16.16
N GLN E 126 -16.20 -22.58 -15.32
CA GLN E 126 -16.55 -22.96 -13.94
C GLN E 126 -17.65 -24.01 -13.86
N HIS E 127 -18.57 -23.98 -14.82
CA HIS E 127 -19.59 -25.02 -14.97
C HIS E 127 -19.03 -26.32 -15.56
N LEU E 128 -17.79 -26.24 -16.05
CA LEU E 128 -17.06 -27.41 -16.56
C LEU E 128 -16.10 -28.02 -15.55
N ILE E 129 -15.92 -27.34 -14.41
CA ILE E 129 -15.18 -27.91 -13.28
C ILE E 129 -15.97 -29.07 -12.69
N PRO E 130 -15.36 -30.27 -12.66
CA PRO E 130 -16.06 -31.44 -12.13
C PRO E 130 -15.97 -31.52 -10.61
N LYS E 131 -16.63 -32.55 -10.07
CA LYS E 131 -16.52 -32.96 -8.67
C LYS E 131 -15.05 -33.02 -8.25
N ILE E 132 -14.70 -32.34 -7.15
CA ILE E 132 -13.33 -32.40 -6.64
C ILE E 132 -13.07 -33.81 -6.12
N GLU E 133 -12.19 -34.49 -6.83
CA GLU E 133 -11.92 -35.91 -6.63
C GLU E 133 -10.41 -36.13 -6.66
N ASP E 134 -9.95 -37.08 -5.86
CA ASP E 134 -8.52 -37.40 -5.73
C ASP E 134 -7.93 -37.99 -7.02
N GLY E 135 -8.75 -38.72 -7.77
CA GLY E 135 -8.34 -39.31 -9.04
C GLY E 135 -8.13 -38.27 -10.13
N ASN E 136 -6.95 -38.35 -10.76
CA ASN E 136 -6.56 -37.56 -11.94
C ASN E 136 -6.59 -36.04 -11.70
N ASP E 137 -5.63 -35.56 -10.91
CA ASP E 137 -5.52 -34.15 -10.53
C ASP E 137 -5.12 -33.21 -11.67
N PHE E 138 -4.31 -33.72 -12.61
CA PHE E 138 -3.72 -32.91 -13.69
C PHE E 138 -4.72 -32.14 -14.55
N GLY E 139 -5.83 -32.79 -14.89
CA GLY E 139 -6.85 -32.21 -15.76
C GLY E 139 -7.47 -30.93 -15.22
N VAL E 140 -7.80 -30.94 -13.93
CA VAL E 140 -8.41 -29.78 -13.25
C VAL E 140 -7.43 -28.61 -13.13
N ALA E 141 -6.14 -28.92 -13.00
CA ALA E 141 -5.06 -27.92 -12.95
C ALA E 141 -4.99 -27.06 -14.22
N ILE E 142 -5.29 -27.69 -15.37
CA ILE E 142 -5.38 -27.01 -16.66
C ILE E 142 -6.53 -25.99 -16.66
N GLN E 143 -7.66 -26.39 -16.08
CA GLN E 143 -8.88 -25.57 -16.05
C GLN E 143 -8.66 -24.30 -15.24
N GLU E 144 -7.97 -24.47 -14.11
CA GLU E 144 -7.66 -23.37 -13.19
C GLU E 144 -6.68 -22.37 -13.80
N LYS E 145 -5.73 -22.87 -14.61
CA LYS E 145 -4.77 -22.02 -15.33
C LYS E 145 -5.43 -21.14 -16.39
N VAL E 146 -6.29 -21.74 -17.22
CA VAL E 146 -7.07 -21.00 -18.22
C VAL E 146 -7.96 -19.97 -17.53
N LEU E 147 -8.58 -20.37 -16.42
CA LEU E 147 -9.46 -19.50 -15.65
C LEU E 147 -8.75 -18.28 -15.05
N GLU E 148 -7.58 -18.51 -14.44
CA GLU E 148 -6.76 -17.43 -13.86
C GLU E 148 -6.24 -16.45 -14.93
N ARG E 149 -6.05 -16.96 -16.15
CA ARG E 149 -5.63 -16.17 -17.30
C ARG E 149 -6.74 -15.22 -17.76
N VAL E 150 -7.97 -15.73 -17.84
CA VAL E 150 -9.16 -14.94 -18.19
C VAL E 150 -9.42 -13.84 -17.15
N ASN E 151 -9.24 -14.19 -15.87
CA ASN E 151 -9.33 -13.24 -14.75
C ASN E 151 -8.30 -12.11 -14.84
N ALA E 152 -7.09 -12.44 -15.31
CA ALA E 152 -6.02 -11.47 -15.53
C ALA E 152 -6.33 -10.50 -16.68
N VAL E 153 -7.06 -10.99 -17.69
CA VAL E 153 -7.53 -10.18 -18.81
C VAL E 153 -8.61 -9.20 -18.32
N LYS E 154 -9.58 -9.71 -17.55
CA LYS E 154 -10.64 -8.89 -16.92
C LYS E 154 -10.08 -7.78 -16.04
N THR E 155 -9.06 -8.12 -15.25
CA THR E 155 -8.34 -7.16 -14.38
C THR E 155 -7.75 -6.00 -15.20
N LYS E 156 -7.09 -6.34 -16.32
CA LYS E 156 -6.53 -5.34 -17.25
C LYS E 156 -7.58 -4.49 -17.94
N VAL E 157 -8.71 -5.12 -18.28
CA VAL E 157 -9.85 -4.44 -18.92
C VAL E 157 -10.48 -3.44 -17.94
N GLU E 158 -10.60 -3.82 -16.68
CA GLU E 158 -11.08 -2.93 -15.62
C GLU E 158 -10.10 -1.79 -15.31
N ALA E 159 -8.82 -2.06 -15.53
CA ALA E 159 -7.76 -1.04 -15.46
C ALA E 159 -7.87 -0.04 -16.62
N PHE E 160 -8.43 -0.47 -17.75
CA PHE E 160 -8.70 0.41 -18.88
C PHE E 160 -9.84 1.39 -18.61
N GLN E 161 -10.92 0.90 -17.98
CA GLN E 161 -12.08 1.73 -17.63
C GLN E 161 -11.73 2.83 -16.62
N THR E 162 -10.83 2.51 -15.70
CA THR E 162 -10.33 3.48 -14.71
C THR E 162 -9.36 4.49 -15.32
N THR E 163 -8.78 4.16 -16.48
CA THR E 163 -7.96 5.09 -17.28
C THR E 163 -8.85 6.08 -18.04
N ILE E 164 -9.98 5.59 -18.55
CA ILE E 164 -10.97 6.41 -19.26
C ILE E 164 -11.65 7.42 -18.31
N SER E 165 -12.09 6.93 -17.15
CA SER E 165 -12.65 7.77 -16.09
C SER E 165 -11.68 8.85 -15.60
N LYS E 166 -10.40 8.49 -15.59
CA LYS E 166 -9.30 9.39 -15.22
C LYS E 166 -9.13 10.54 -16.22
N TYR E 167 -9.46 10.32 -17.48
CA TYR E 167 -9.27 11.32 -18.55
C TYR E 167 -10.09 12.60 -18.38
N PHE E 168 -11.41 12.44 -18.23
CA PHE E 168 -12.34 13.58 -18.18
C PHE E 168 -12.16 14.48 -16.97
N SER E 169 -12.02 13.86 -15.79
CA SER E 169 -11.78 14.58 -14.54
C SER E 169 -10.44 15.30 -14.53
N GLU E 170 -9.42 14.67 -15.12
CA GLU E 170 -8.09 15.24 -15.20
C GLU E 170 -7.95 16.36 -16.24
N ARG E 171 -8.59 16.19 -17.40
CA ARG E 171 -8.62 17.26 -18.42
C ARG E 171 -9.47 18.44 -17.95
N GLY E 172 -10.54 18.14 -17.23
CA GLY E 172 -11.42 19.15 -16.63
C GLY E 172 -10.70 20.01 -15.60
N ASP E 173 -10.00 19.37 -14.66
CA ASP E 173 -9.19 20.07 -13.65
C ASP E 173 -8.03 20.84 -14.28
N ALA E 174 -7.59 20.38 -15.46
CA ALA E 174 -6.52 21.01 -16.22
C ALA E 174 -6.92 22.35 -16.83
N VAL E 175 -8.05 22.35 -17.54
CA VAL E 175 -8.61 23.58 -18.14
C VAL E 175 -9.11 24.56 -17.09
N ALA E 176 -9.65 24.03 -15.98
CA ALA E 176 -10.13 24.83 -14.86
C ALA E 176 -8.98 25.56 -14.17
N LYS E 177 -7.84 24.88 -14.04
CA LYS E 177 -6.61 25.48 -13.52
C LYS E 177 -5.99 26.48 -14.49
N ALA E 178 -6.01 26.14 -15.78
CA ALA E 178 -5.44 26.99 -16.84
C ALA E 178 -6.21 28.30 -17.04
N SER E 179 -7.53 28.26 -16.87
CA SER E 179 -8.39 29.43 -17.00
C SER E 179 -8.30 30.34 -15.76
N LYS E 180 -8.32 29.74 -14.57
CA LYS E 180 -8.19 30.45 -13.30
C LYS E 180 -6.85 31.18 -13.15
N ASP E 181 -5.77 30.47 -13.43
CA ASP E 181 -4.42 31.03 -13.43
C ASP E 181 -3.92 31.14 -14.87
N THR E 182 -4.20 32.30 -15.47
CA THR E 182 -3.88 32.58 -16.89
C THR E 182 -2.37 32.76 -17.13
N HIS E 183 -1.67 33.23 -16.10
CA HIS E 183 -0.25 33.59 -16.19
C HIS E 183 0.71 32.40 -16.36
N VAL E 184 0.30 31.22 -15.88
CA VAL E 184 1.12 30.00 -15.95
C VAL E 184 0.82 29.18 -17.22
N MET E 185 1.81 29.12 -18.10
CA MET E 185 1.66 28.56 -19.45
C MET E 185 1.84 27.04 -19.51
N ASP E 186 2.39 26.45 -18.45
CA ASP E 186 2.54 25.00 -18.37
C ASP E 186 1.21 24.29 -18.14
N TYR E 187 0.27 24.99 -17.52
CA TYR E 187 -1.12 24.53 -17.33
C TYR E 187 -1.82 24.34 -18.68
N ARG E 188 -1.60 25.31 -19.58
CA ARG E 188 -2.10 25.25 -20.96
C ARG E 188 -1.48 24.06 -21.70
N ALA E 189 -0.16 23.92 -21.57
CA ALA E 189 0.64 22.90 -22.26
C ALA E 189 0.29 21.46 -21.87
N LEU E 190 -0.19 21.29 -20.63
CA LEU E 190 -0.56 19.96 -20.15
C LEU E 190 -1.91 19.49 -20.67
N VAL E 191 -2.84 20.41 -20.90
CA VAL E 191 -4.18 20.07 -21.41
C VAL E 191 -4.05 19.38 -22.77
N HIS E 192 -3.23 19.98 -23.64
CA HIS E 192 -2.87 19.39 -24.94
C HIS E 192 -2.09 18.08 -24.78
N GLU E 193 -1.32 17.99 -23.69
CA GLU E 193 -0.52 16.80 -23.37
C GLU E 193 -1.37 15.62 -22.91
N ARG E 194 -2.42 15.91 -22.13
CA ARG E 194 -3.39 14.92 -21.67
C ARG E 194 -4.09 14.25 -22.85
N ASP E 195 -4.47 15.07 -23.84
CA ASP E 195 -5.09 14.61 -25.09
C ASP E 195 -4.18 13.70 -25.90
N GLU E 196 -2.89 14.04 -25.96
CA GLU E 196 -1.87 13.20 -26.57
C GLU E 196 -1.65 11.92 -25.77
N ALA E 197 -1.59 12.06 -24.44
CA ALA E 197 -1.43 10.93 -23.52
C ALA E 197 -2.62 9.98 -23.57
N ALA E 198 -3.82 10.54 -23.67
CA ALA E 198 -5.05 9.77 -23.83
C ALA E 198 -5.06 9.05 -25.17
N TYR E 199 -4.80 9.79 -26.25
CA TYR E 199 -4.73 9.22 -27.62
C TYR E 199 -3.81 7.99 -27.67
N GLY E 200 -2.58 8.17 -27.20
CA GLY E 200 -1.58 7.09 -27.16
C GLY E 200 -2.04 5.88 -26.35
N ALA E 201 -2.68 6.14 -25.22
CA ALA E 201 -3.23 5.10 -24.35
C ALA E 201 -4.40 4.38 -25.00
N LEU E 202 -5.27 5.14 -25.67
CA LEU E 202 -6.44 4.60 -26.38
C LEU E 202 -6.05 3.77 -27.59
N ARG E 203 -4.95 4.16 -28.23
CA ARG E 203 -4.36 3.38 -29.31
C ARG E 203 -3.83 2.05 -28.79
N ALA E 204 -3.08 2.11 -27.69
CA ALA E 204 -2.57 0.93 -26.98
C ALA E 204 -3.70 -0.01 -26.52
N MET E 205 -4.81 0.60 -26.12
CA MET E 205 -6.03 -0.13 -25.71
C MET E 205 -6.54 -1.07 -26.79
N VAL E 206 -6.70 -0.57 -28.02
CA VAL E 206 -7.21 -1.39 -29.14
C VAL E 206 -6.26 -2.56 -29.43
N LEU E 207 -4.97 -2.27 -29.48
CA LEU E 207 -3.93 -3.30 -29.68
C LEU E 207 -4.02 -4.39 -28.62
N ASP E 208 -4.14 -3.97 -27.36
CA ASP E 208 -4.32 -4.87 -26.22
C ASP E 208 -5.58 -5.71 -26.34
N LEU E 209 -6.72 -5.08 -26.64
CA LEU E 209 -8.00 -5.77 -26.80
C LEU E 209 -7.97 -6.83 -27.90
N ARG E 210 -7.36 -6.47 -29.04
CA ARG E 210 -7.12 -7.40 -30.14
C ARG E 210 -6.30 -8.58 -29.67
N ALA E 211 -5.18 -8.28 -28.99
CA ALA E 211 -4.28 -9.27 -28.42
C ALA E 211 -4.97 -10.15 -27.36
N PHE E 212 -5.85 -9.54 -26.56
CA PHE E 212 -6.61 -10.25 -25.52
C PHE E 212 -7.60 -11.27 -26.11
N TYR E 213 -8.41 -10.80 -27.07
CA TYR E 213 -9.34 -11.68 -27.80
C TYR E 213 -8.58 -12.83 -28.49
N ALA E 214 -7.48 -12.48 -29.16
CA ALA E 214 -6.59 -13.43 -29.83
C ALA E 214 -5.99 -14.46 -28.88
N GLU E 215 -5.52 -13.97 -27.73
CA GLU E 215 -4.92 -14.78 -26.68
C GLU E 215 -5.91 -15.77 -26.10
N LEU E 216 -7.14 -15.31 -25.83
CA LEU E 216 -8.21 -16.15 -25.30
C LEU E 216 -8.55 -17.28 -26.27
N TYR E 217 -8.80 -16.93 -27.53
CA TYR E 217 -9.09 -17.91 -28.58
C TYR E 217 -8.03 -19.01 -28.61
N HIS E 218 -6.77 -18.61 -28.71
CA HIS E 218 -5.65 -19.55 -28.82
C HIS E 218 -5.50 -20.47 -27.60
N ILE E 219 -5.62 -19.91 -26.40
CA ILE E 219 -5.50 -20.67 -25.14
C ILE E 219 -6.65 -21.68 -24.98
N ILE E 220 -7.87 -21.23 -25.26
CA ILE E 220 -9.05 -22.11 -25.19
C ILE E 220 -9.05 -23.15 -26.31
N SER E 221 -8.89 -22.71 -27.57
CA SER E 221 -8.89 -23.60 -28.75
C SER E 221 -7.92 -24.78 -28.64
N SER E 222 -6.66 -24.47 -28.35
CA SER E 222 -5.59 -25.48 -28.27
C SER E 222 -5.80 -26.48 -27.11
N ASN E 223 -6.48 -26.04 -26.06
CA ASN E 223 -6.69 -26.87 -24.86
C ASN E 223 -8.12 -27.37 -24.65
N LEU E 224 -9.04 -27.01 -25.56
CA LEU E 224 -10.49 -27.26 -25.41
C LEU E 224 -10.85 -28.70 -24.99
N GLU E 225 -10.19 -29.65 -25.64
CA GLU E 225 -10.25 -31.08 -25.33
C GLU E 225 -10.24 -31.34 -23.82
N LYS E 226 -9.19 -30.88 -23.16
CA LYS E 226 -9.01 -31.02 -21.71
C LYS E 226 -9.95 -30.12 -20.90
N ILE E 227 -10.31 -28.96 -21.46
CA ILE E 227 -11.19 -27.98 -20.80
C ILE E 227 -12.63 -28.52 -20.60
N VAL E 228 -13.15 -29.25 -21.59
CA VAL E 228 -14.52 -29.79 -21.51
C VAL E 228 -14.61 -30.99 -20.57
N ASN E 229 -13.65 -31.91 -20.69
CA ASN E 229 -13.54 -33.04 -19.75
C ASN E 229 -12.11 -33.27 -19.25
N PRO E 230 -11.76 -32.68 -18.08
CA PRO E 230 -10.44 -32.86 -17.47
C PRO E 230 -10.15 -34.31 -17.06
N LYS E 231 -11.21 -35.08 -16.87
CA LYS E 231 -11.15 -36.48 -16.45
C LYS E 231 -10.92 -37.46 -17.60
N GLY E 232 -11.46 -37.13 -18.78
CA GLY E 232 -11.34 -37.98 -19.96
C GLY E 232 -12.60 -38.79 -20.22
N ARG F 8 -13.57 -26.84 -32.57
CA ARG F 8 -14.73 -26.46 -33.44
C ARG F 8 -14.35 -25.27 -34.32
N LEU F 9 -14.75 -25.34 -35.60
CA LEU F 9 -14.46 -24.29 -36.59
C LEU F 9 -15.62 -24.14 -37.57
N SER F 10 -15.87 -22.91 -38.00
CA SER F 10 -16.83 -22.63 -39.08
C SER F 10 -16.12 -21.99 -40.28
N GLY F 11 -16.81 -21.96 -41.43
CA GLY F 11 -16.27 -21.49 -42.71
C GLY F 11 -15.66 -20.09 -42.72
N GLU F 12 -16.28 -19.18 -42.00
CA GLU F 12 -15.79 -17.81 -41.82
C GLU F 12 -14.68 -17.74 -40.77
N ALA F 13 -14.84 -18.50 -39.69
CA ALA F 13 -13.90 -18.55 -38.55
C ALA F 13 -12.52 -19.09 -38.92
N ARG F 14 -12.49 -20.05 -39.84
CA ARG F 14 -11.26 -20.64 -40.37
C ARG F 14 -10.34 -19.57 -40.98
N LYS F 15 -10.92 -18.72 -41.83
CA LYS F 15 -10.19 -17.67 -42.53
C LYS F 15 -9.76 -16.56 -41.58
N GLN F 16 -10.73 -16.00 -40.86
CA GLN F 16 -10.55 -14.83 -39.97
C GLN F 16 -9.43 -14.99 -38.94
N VAL F 17 -9.29 -16.18 -38.37
CA VAL F 17 -8.25 -16.48 -37.39
C VAL F 17 -6.88 -16.60 -38.07
N ASP F 18 -6.83 -17.35 -39.16
CA ASP F 18 -5.58 -17.62 -39.89
C ASP F 18 -4.92 -16.38 -40.46
N VAL F 19 -5.70 -15.52 -41.11
CA VAL F 19 -5.18 -14.27 -41.72
C VAL F 19 -4.48 -13.40 -40.69
N PHE F 20 -5.12 -13.24 -39.53
CA PHE F 20 -4.53 -12.51 -38.41
C PHE F 20 -3.27 -13.18 -37.89
N ARG F 21 -3.37 -14.50 -37.65
CA ARG F 21 -2.25 -15.29 -37.14
C ARG F 21 -1.01 -15.14 -38.04
N GLN F 22 -1.20 -15.38 -39.33
CA GLN F 22 -0.17 -15.24 -40.36
C GLN F 22 0.39 -13.81 -40.43
N ASN F 23 -0.52 -12.84 -40.37
CA ASN F 23 -0.18 -11.41 -40.42
C ASN F 23 0.66 -11.00 -39.20
N LEU F 24 0.29 -11.50 -38.03
CA LEU F 24 1.00 -11.27 -36.77
C LEU F 24 2.41 -11.86 -36.80
N PHE F 25 2.52 -13.12 -37.24
CA PHE F 25 3.81 -13.81 -37.31
C PHE F 25 4.78 -13.12 -38.25
N GLN F 26 4.25 -12.67 -39.39
CA GLN F 26 5.02 -11.88 -40.34
C GLN F 26 5.46 -10.56 -39.73
N GLU F 27 4.55 -9.90 -39.00
CA GLU F 27 4.83 -8.65 -38.28
C GLU F 27 5.97 -8.81 -37.28
N ALA F 28 5.90 -9.87 -36.47
CA ALA F 28 6.89 -10.15 -35.43
C ALA F 28 8.26 -10.48 -36.01
N ASP F 29 8.27 -11.33 -37.04
CA ASP F 29 9.50 -11.71 -37.75
C ASP F 29 10.12 -10.52 -38.48
N ASP F 30 9.27 -9.61 -38.97
CA ASP F 30 9.68 -8.34 -39.57
C ASP F 30 10.30 -7.42 -38.54
N PHE F 31 9.61 -7.23 -37.41
CA PHE F 31 10.08 -6.40 -36.29
C PHE F 31 11.44 -6.85 -35.76
N LEU F 32 11.59 -8.15 -35.54
CA LEU F 32 12.79 -8.75 -34.96
C LEU F 32 14.03 -8.57 -35.86
N CYS F 33 13.83 -8.73 -37.17
CA CYS F 33 14.93 -8.74 -38.13
C CYS F 33 15.35 -7.37 -38.65
N THR F 34 14.38 -6.54 -39.01
CA THR F 34 14.66 -5.23 -39.61
C THR F 34 14.55 -4.08 -38.60
N PHE F 35 13.38 -3.95 -37.97
CA PHE F 35 13.05 -2.81 -37.10
C PHE F 35 13.99 -2.67 -35.89
N LEU F 36 14.11 -3.74 -35.11
CA LEU F 36 14.87 -3.74 -33.85
C LEU F 36 16.35 -3.28 -34.00
N PRO F 37 17.12 -3.88 -34.96
CA PRO F 37 18.50 -3.40 -35.13
C PRO F 37 18.60 -1.92 -35.54
N ARG F 38 17.68 -1.49 -36.42
CA ARG F 38 17.60 -0.09 -36.87
C ARG F 38 17.33 0.88 -35.72
N LYS F 39 16.34 0.53 -34.87
CA LYS F 39 16.00 1.28 -33.66
C LYS F 39 17.20 1.40 -32.73
N ILE F 40 17.72 0.24 -32.31
CA ILE F 40 18.93 0.13 -31.46
C ILE F 40 20.00 1.16 -31.81
N ILE F 41 20.28 1.28 -33.12
CA ILE F 41 21.26 2.22 -33.64
C ILE F 41 20.71 3.64 -33.58
N SER F 42 19.50 3.83 -34.12
CA SER F 42 18.89 5.16 -34.27
C SER F 42 18.87 6.00 -32.98
N LEU F 43 18.51 5.37 -31.86
CA LEU F 43 18.56 6.06 -30.56
C LEU F 43 19.96 6.23 -29.99
N SER F 44 20.84 5.25 -30.19
CA SER F 44 22.25 5.39 -29.78
C SER F 44 22.92 6.53 -30.56
N GLN F 45 22.45 6.75 -31.80
CA GLN F 45 22.81 7.91 -32.62
C GLN F 45 22.20 9.21 -32.10
N LEU F 46 20.99 9.12 -31.55
CA LEU F 46 20.30 10.23 -30.89
C LEU F 46 21.08 10.66 -29.65
N LEU F 47 21.57 9.67 -28.91
CA LEU F 47 22.40 9.90 -27.72
C LEU F 47 23.68 10.69 -28.00
N GLN F 48 24.12 10.68 -29.25
CA GLN F 48 25.25 11.49 -29.69
C GLN F 48 24.91 12.97 -29.81
N GLU F 49 23.66 13.28 -30.16
CA GLU F 49 23.21 14.66 -30.37
C GLU F 49 23.38 15.53 -29.11
N ASP F 50 23.65 16.81 -29.36
CA ASP F 50 24.09 17.76 -28.33
C ASP F 50 23.05 18.08 -27.26
N SER F 51 21.77 18.12 -27.65
CA SER F 51 20.65 18.41 -26.74
C SER F 51 20.56 17.43 -25.57
N LEU F 52 21.06 16.21 -25.78
CA LEU F 52 21.07 15.15 -24.77
C LEU F 52 22.40 15.01 -24.03
N ASN F 53 23.41 15.76 -24.46
CA ASN F 53 24.72 15.77 -23.82
C ASN F 53 25.12 17.19 -23.47
N VAL F 54 24.43 17.75 -22.48
CA VAL F 54 24.67 19.12 -22.05
C VAL F 54 25.69 19.10 -20.90
N ALA F 55 26.79 19.83 -21.11
CA ALA F 55 27.84 19.98 -20.11
C ALA F 55 27.32 20.76 -18.89
N ASP F 56 27.02 22.05 -19.10
CA ASP F 56 26.50 22.93 -18.06
C ASP F 56 24.96 22.87 -18.00
N LEU F 57 24.44 22.33 -16.91
CA LEU F 57 22.99 22.19 -16.70
C LEU F 57 22.28 23.51 -16.40
N SER F 58 23.07 24.56 -16.17
CA SER F 58 22.56 25.92 -15.99
C SER F 58 22.04 26.52 -17.30
N SER F 59 22.53 25.99 -18.43
CA SER F 59 22.06 26.38 -19.77
C SER F 59 20.62 25.90 -20.02
N LEU F 60 20.23 24.84 -19.32
CA LEU F 60 18.85 24.33 -19.34
C LEU F 60 17.84 25.32 -18.76
N ARG F 61 18.25 26.02 -17.70
CA ARG F 61 17.44 26.99 -16.97
C ARG F 61 16.68 27.95 -17.88
N ALA F 62 15.37 28.06 -17.63
CA ALA F 62 14.47 28.92 -18.39
C ALA F 62 14.21 30.24 -17.64
N PRO F 63 13.89 31.27 -18.38
CA PRO F 63 13.64 32.57 -17.81
C PRO F 63 12.47 32.49 -16.89
N LEU F 64 12.53 33.18 -15.78
CA LEU F 64 11.42 33.19 -14.89
C LEU F 64 11.04 34.64 -14.74
N ASP F 65 9.86 34.99 -15.21
CA ASP F 65 9.42 36.36 -15.12
C ASP F 65 8.68 36.61 -13.83
N ILE F 66 9.40 36.81 -12.74
CA ILE F 66 8.70 37.10 -11.51
C ILE F 66 9.26 38.29 -10.79
N PRO F 67 8.38 39.21 -10.42
CA PRO F 67 8.85 40.38 -9.66
C PRO F 67 9.29 40.03 -8.23
N ILE F 68 10.53 40.40 -7.91
CA ILE F 68 11.09 40.26 -6.56
C ILE F 68 10.43 41.31 -5.65
N PRO F 69 9.92 40.89 -4.47
CA PRO F 69 9.33 41.86 -3.53
C PRO F 69 10.39 42.72 -2.83
N ASP F 70 9.96 43.89 -2.35
CA ASP F 70 10.84 44.80 -1.60
C ASP F 70 10.33 45.01 -0.17
N PRO F 71 11.23 44.87 0.84
CA PRO F 71 10.85 44.99 2.26
C PRO F 71 10.56 46.43 2.70
N PRO F 72 9.57 46.62 3.61
CA PRO F 72 9.23 47.95 4.13
C PRO F 72 10.05 48.32 5.37
N CYS F 91 1.87 40.40 -12.59
CA CYS F 91 2.71 39.41 -13.24
C CYS F 91 2.18 39.04 -14.62
N GLY F 92 3.10 38.94 -15.59
CA GLY F 92 2.76 38.63 -16.98
C GLY F 92 2.82 37.16 -17.32
N TYR F 93 3.35 36.84 -18.51
CA TYR F 93 3.45 35.47 -19.00
C TYR F 93 4.64 34.72 -18.42
N LEU F 94 4.42 33.45 -18.09
CA LEU F 94 5.48 32.57 -17.57
C LEU F 94 5.62 31.33 -18.48
N PRO F 95 6.49 31.41 -19.50
CA PRO F 95 6.61 30.33 -20.50
C PRO F 95 7.28 29.07 -19.96
N GLY F 96 6.97 27.93 -20.56
CA GLY F 96 7.62 26.67 -20.24
C GLY F 96 9.02 26.58 -20.83
N ASN F 97 9.79 25.61 -20.36
CA ASN F 97 11.15 25.37 -20.84
C ASN F 97 11.13 24.75 -22.23
N GLU F 98 11.56 25.54 -23.21
CA GLU F 98 11.61 25.13 -24.63
C GLU F 98 12.53 23.94 -24.87
N LYS F 99 13.68 23.95 -24.19
CA LYS F 99 14.71 22.92 -24.33
C LYS F 99 14.19 21.54 -23.94
N LEU F 100 13.46 21.50 -22.83
CA LEU F 100 12.81 20.28 -22.34
C LEU F 100 11.69 19.82 -23.28
N LEU F 101 10.87 20.77 -23.74
CA LEU F 101 9.80 20.50 -24.70
C LEU F 101 10.30 19.85 -26.00
N ALA F 102 11.40 20.38 -26.53
CA ALA F 102 12.06 19.84 -27.72
C ALA F 102 12.64 18.44 -27.47
N LEU F 103 13.20 18.24 -26.28
CA LEU F 103 13.69 16.92 -25.85
C LEU F 103 12.53 15.94 -25.68
N LEU F 104 11.47 16.38 -25.01
CA LEU F 104 10.27 15.56 -24.78
C LEU F 104 9.68 15.03 -26.07
N ALA F 105 9.60 15.90 -27.09
CA ALA F 105 9.11 15.54 -28.42
C ALA F 105 9.95 14.46 -29.12
N LEU F 106 11.16 14.22 -28.61
CA LEU F 106 12.04 13.17 -29.14
C LEU F 106 11.95 11.85 -28.40
N VAL F 107 11.94 11.90 -27.06
CA VAL F 107 11.84 10.69 -26.22
C VAL F 107 10.43 10.11 -26.16
N LYS F 108 9.42 10.98 -26.09
CA LYS F 108 8.03 10.62 -25.89
C LYS F 108 7.46 9.64 -26.94
N PRO F 109 7.69 9.88 -28.26
CA PRO F 109 7.19 8.91 -29.24
C PRO F 109 7.94 7.57 -29.18
N GLU F 110 9.19 7.61 -28.70
CA GLU F 110 10.02 6.41 -28.54
C GLU F 110 9.52 5.48 -27.43
N VAL F 111 8.99 6.09 -26.36
CA VAL F 111 8.38 5.36 -25.23
C VAL F 111 7.14 4.59 -25.70
N TRP F 112 6.25 5.30 -26.41
CA TRP F 112 5.01 4.75 -26.94
C TRP F 112 5.23 3.61 -27.94
N THR F 113 6.16 3.83 -28.88
CA THR F 113 6.47 2.83 -29.90
C THR F 113 7.05 1.52 -29.32
N LEU F 114 7.83 1.61 -28.24
CA LEU F 114 8.33 0.42 -27.54
C LEU F 114 7.22 -0.33 -26.82
N LYS F 115 6.37 0.40 -26.10
CA LYS F 115 5.21 -0.16 -25.40
C LYS F 115 4.33 -0.97 -26.37
N GLU F 116 4.13 -0.41 -27.57
CA GLU F 116 3.42 -1.08 -28.66
C GLU F 116 4.12 -2.37 -29.11
N LYS F 117 5.44 -2.31 -29.24
CA LYS F 117 6.25 -3.47 -29.67
C LYS F 117 6.33 -4.56 -28.61
N CYS F 118 6.27 -4.15 -27.34
CA CYS F 118 6.17 -5.08 -26.21
C CYS F 118 4.90 -5.93 -26.31
N ILE F 119 3.79 -5.28 -26.65
CA ILE F 119 2.49 -5.95 -26.87
C ILE F 119 2.59 -6.94 -28.04
N LEU F 120 3.26 -6.51 -29.12
CA LEU F 120 3.50 -7.35 -30.30
C LEU F 120 4.27 -8.65 -30.00
N VAL F 121 5.38 -8.50 -29.27
CA VAL F 121 6.22 -9.63 -28.83
C VAL F 121 5.43 -10.58 -27.92
N ILE F 122 4.64 -9.99 -27.01
CA ILE F 122 3.77 -10.75 -26.10
C ILE F 122 2.76 -11.59 -26.88
N THR F 123 2.02 -10.95 -27.80
CA THR F 123 1.02 -11.65 -28.66
C THR F 123 1.68 -12.78 -29.46
N TRP F 124 2.91 -12.53 -29.92
CA TRP F 124 3.69 -13.49 -30.69
C TRP F 124 4.06 -14.73 -29.88
N ILE F 125 4.73 -14.55 -28.74
CA ILE F 125 5.18 -15.66 -27.88
C ILE F 125 4.01 -16.50 -27.35
N GLN F 126 2.89 -15.84 -27.05
CA GLN F 126 1.70 -16.52 -26.52
C GLN F 126 0.99 -17.41 -27.54
N HIS F 127 1.07 -17.01 -28.82
CA HIS F 127 0.58 -17.84 -29.93
C HIS F 127 1.53 -19.01 -30.24
N LEU F 128 2.72 -18.98 -29.64
CA LEU F 128 3.70 -20.05 -29.75
C LEU F 128 3.67 -21.02 -28.58
N ILE F 129 2.90 -20.68 -27.53
CA ILE F 129 2.64 -21.59 -26.42
C ILE F 129 1.79 -22.77 -26.93
N PRO F 130 2.30 -24.01 -26.78
CA PRO F 130 1.57 -25.16 -27.26
C PRO F 130 0.53 -25.64 -26.25
N LYS F 131 -0.21 -26.68 -26.64
CA LYS F 131 -1.11 -27.43 -25.79
C LYS F 131 -0.41 -27.79 -24.46
N ILE F 132 -1.04 -27.46 -23.34
CA ILE F 132 -0.49 -27.82 -22.02
C ILE F 132 -0.54 -29.33 -21.89
N GLU F 133 0.65 -29.92 -21.89
CA GLU F 133 0.83 -31.37 -21.94
C GLU F 133 1.90 -31.77 -20.93
N ASP F 134 1.73 -32.95 -20.34
CA ASP F 134 2.63 -33.46 -19.30
C ASP F 134 4.03 -33.77 -19.85
N GLY F 135 4.10 -34.19 -21.12
CA GLY F 135 5.35 -34.48 -21.79
C GLY F 135 6.20 -33.24 -22.05
N ASN F 136 7.46 -33.31 -21.63
CA ASN F 136 8.50 -32.30 -21.89
C ASN F 136 8.15 -30.89 -21.35
N ASP F 137 8.18 -30.76 -20.02
CA ASP F 137 7.83 -29.51 -19.34
C ASP F 137 8.84 -28.37 -19.52
N PHE F 138 10.12 -28.72 -19.67
CA PHE F 138 11.23 -27.76 -19.70
C PHE F 138 11.09 -26.67 -20.78
N GLY F 139 10.67 -27.07 -21.97
CA GLY F 139 10.54 -26.16 -23.11
C GLY F 139 9.59 -24.99 -22.88
N VAL F 140 8.43 -25.28 -22.30
CA VAL F 140 7.40 -24.27 -22.00
C VAL F 140 7.86 -23.30 -20.91
N ALA F 141 8.68 -23.80 -19.98
CA ALA F 141 9.27 -22.99 -18.90
C ALA F 141 10.16 -21.86 -19.44
N ILE F 142 10.85 -22.13 -20.55
CA ILE F 142 11.66 -21.13 -21.26
C ILE F 142 10.79 -20.01 -21.82
N GLN F 143 9.63 -20.40 -22.37
CA GLN F 143 8.70 -19.47 -23.02
C GLN F 143 8.13 -18.49 -22.00
N GLU F 144 7.79 -19.01 -20.84
CA GLU F 144 7.23 -18.23 -19.73
C GLU F 144 8.24 -17.24 -19.14
N LYS F 145 9.51 -17.64 -19.10
CA LYS F 145 10.61 -16.77 -18.63
C LYS F 145 10.82 -15.57 -19.56
N VAL F 146 10.91 -15.83 -20.87
CA VAL F 146 11.04 -14.76 -21.88
C VAL F 146 9.82 -13.83 -21.82
N LEU F 147 8.64 -14.42 -21.66
CA LEU F 147 7.39 -13.66 -21.58
C LEU F 147 7.32 -12.74 -20.35
N GLU F 148 7.70 -13.27 -19.17
CA GLU F 148 7.72 -12.48 -17.93
C GLU F 148 8.75 -11.34 -17.98
N ARG F 149 9.81 -11.55 -18.75
CA ARG F 149 10.85 -10.54 -18.98
C ARG F 149 10.31 -9.38 -19.81
N VAL F 150 9.60 -9.69 -20.89
CA VAL F 150 8.98 -8.68 -21.77
C VAL F 150 7.93 -7.87 -21.00
N ASN F 151 7.16 -8.55 -20.15
CA ASN F 151 6.20 -7.90 -19.25
C ASN F 151 6.85 -6.93 -18.26
N ALA F 152 8.04 -7.29 -17.78
CA ALA F 152 8.83 -6.43 -16.89
C ALA F 152 9.36 -5.18 -17.59
N VAL F 153 9.64 -5.30 -18.88
CA VAL F 153 10.05 -4.18 -19.73
C VAL F 153 8.86 -3.23 -19.95
N LYS F 154 7.70 -3.79 -20.29
CA LYS F 154 6.44 -3.04 -20.44
C LYS F 154 6.07 -2.25 -19.16
N THR F 155 6.22 -2.90 -18.01
CA THR F 155 5.98 -2.30 -16.69
C THR F 155 6.86 -1.05 -16.48
N LYS F 156 8.15 -1.17 -16.80
CA LYS F 156 9.10 -0.06 -16.72
C LYS F 156 8.82 1.07 -17.71
N VAL F 157 8.36 0.70 -18.90
CA VAL F 157 7.99 1.65 -19.96
C VAL F 157 6.74 2.45 -19.52
N GLU F 158 5.78 1.76 -18.89
CA GLU F 158 4.59 2.41 -18.34
C GLU F 158 4.91 3.30 -17.14
N ALA F 159 5.97 2.94 -16.41
CA ALA F 159 6.54 3.76 -15.34
C ALA F 159 7.20 5.04 -15.88
N PHE F 160 7.68 4.98 -17.13
CA PHE F 160 8.24 6.15 -17.82
C PHE F 160 7.16 7.16 -18.21
N GLN F 161 6.04 6.67 -18.73
CA GLN F 161 4.90 7.52 -19.11
C GLN F 161 4.31 8.28 -17.93
N THR F 162 4.27 7.62 -16.77
CA THR F 162 3.79 8.24 -15.52
C THR F 162 4.80 9.24 -14.93
N THR F 163 6.06 9.14 -15.36
CA THR F 163 7.10 10.12 -15.02
C THR F 163 6.94 11.38 -15.90
N ILE F 164 6.59 11.19 -17.17
CA ILE F 164 6.36 12.29 -18.12
C ILE F 164 5.11 13.10 -17.74
N SER F 165 4.02 12.38 -17.43
CA SER F 165 2.78 13.00 -16.95
C SER F 165 2.98 13.79 -15.66
N LYS F 166 3.88 13.28 -14.81
CA LYS F 166 4.25 13.91 -13.55
C LYS F 166 4.98 15.25 -13.75
N TYR F 167 5.71 15.40 -14.87
CA TYR F 167 6.51 16.60 -15.13
C TYR F 167 5.70 17.89 -15.29
N PHE F 168 4.71 17.86 -16.19
CA PHE F 168 3.93 19.05 -16.52
C PHE F 168 3.07 19.60 -15.38
N SER F 169 2.38 18.69 -14.69
CA SER F 169 1.55 19.03 -13.53
C SER F 169 2.39 19.56 -12.36
N GLU F 170 3.56 18.96 -12.17
CA GLU F 170 4.48 19.36 -11.11
C GLU F 170 5.21 20.68 -11.38
N ARG F 171 5.64 20.90 -12.63
CA ARG F 171 6.25 22.18 -13.02
C ARG F 171 5.21 23.30 -13.01
N GLY F 172 3.98 22.97 -13.41
CA GLY F 172 2.85 23.90 -13.38
C GLY F 172 2.52 24.38 -11.99
N ASP F 173 2.36 23.44 -11.05
CA ASP F 173 2.12 23.74 -9.64
C ASP F 173 3.28 24.50 -8.99
N ALA F 174 4.48 24.29 -9.55
CA ALA F 174 5.69 24.95 -9.09
C ALA F 174 5.73 26.43 -9.43
N VAL F 175 5.47 26.76 -10.70
CA VAL F 175 5.41 28.16 -11.15
C VAL F 175 4.19 28.90 -10.59
N ALA F 176 3.09 28.17 -10.42
CA ALA F 176 1.86 28.72 -9.82
C ALA F 176 2.07 29.09 -8.36
N LYS F 177 2.82 28.28 -7.63
CA LYS F 177 3.22 28.57 -6.25
C LYS F 177 4.24 29.70 -6.17
N ALA F 178 5.20 29.70 -7.09
CA ALA F 178 6.27 30.70 -7.14
C ALA F 178 5.75 32.11 -7.47
N SER F 179 4.74 32.19 -8.33
CA SER F 179 4.13 33.46 -8.72
C SER F 179 3.20 34.02 -7.63
N LYS F 180 2.39 33.14 -7.04
CA LYS F 180 1.46 33.49 -5.95
C LYS F 180 2.20 33.99 -4.70
N ASP F 181 3.25 33.26 -4.33
CA ASP F 181 4.11 33.64 -3.21
C ASP F 181 5.48 34.08 -3.76
N THR F 182 5.59 35.37 -4.02
CA THR F 182 6.78 35.99 -4.62
C THR F 182 7.99 36.03 -3.67
N HIS F 183 7.71 36.04 -2.37
CA HIS F 183 8.73 36.20 -1.32
C HIS F 183 9.67 35.01 -1.13
N VAL F 184 9.14 33.79 -1.29
CA VAL F 184 9.94 32.57 -1.18
C VAL F 184 10.77 32.32 -2.44
N MET F 185 12.09 32.18 -2.23
CA MET F 185 13.07 31.95 -3.28
C MET F 185 13.25 30.45 -3.58
N ASP F 186 12.82 29.61 -2.65
CA ASP F 186 12.89 28.15 -2.77
C ASP F 186 11.96 27.59 -3.84
N TYR F 187 10.79 28.22 -4.01
CA TYR F 187 9.83 27.86 -5.06
C TYR F 187 10.41 28.11 -6.45
N ARG F 188 11.05 29.28 -6.62
CA ARG F 188 11.74 29.66 -7.86
C ARG F 188 12.88 28.69 -8.19
N ALA F 189 13.61 28.29 -7.15
CA ALA F 189 14.76 27.39 -7.26
C ALA F 189 14.36 25.97 -7.68
N LEU F 190 13.17 25.53 -7.27
CA LEU F 190 12.71 24.19 -7.58
C LEU F 190 12.21 24.02 -9.01
N VAL F 191 11.65 25.09 -9.58
CA VAL F 191 11.15 25.06 -10.97
C VAL F 191 12.30 24.73 -11.92
N HIS F 192 13.43 25.41 -11.73
CA HIS F 192 14.67 25.13 -12.45
C HIS F 192 15.21 23.74 -12.13
N GLU F 193 14.97 23.28 -10.90
CA GLU F 193 15.39 21.95 -10.43
C GLU F 193 14.60 20.81 -11.07
N ARG F 194 13.29 21.03 -11.24
CA ARG F 194 12.40 20.07 -11.92
C ARG F 194 12.85 19.83 -13.36
N ASP F 195 13.24 20.91 -14.04
CA ASP F 195 13.76 20.88 -15.41
C ASP F 195 15.05 20.08 -15.51
N GLU F 196 15.94 20.27 -14.52
CA GLU F 196 17.17 19.48 -14.40
C GLU F 196 16.87 18.02 -14.07
N ALA F 197 15.93 17.81 -13.14
CA ALA F 197 15.48 16.48 -12.73
C ALA F 197 14.81 15.74 -13.88
N ALA F 198 13.99 16.46 -14.67
CA ALA F 198 13.36 15.92 -15.87
C ALA F 198 14.41 15.56 -16.91
N TYR F 199 15.30 16.51 -17.22
CA TYR F 199 16.40 16.30 -18.17
C TYR F 199 17.19 15.03 -17.89
N GLY F 200 17.65 14.91 -16.65
CA GLY F 200 18.42 13.75 -16.18
C GLY F 200 17.65 12.43 -16.33
N ALA F 201 16.36 12.48 -15.99
CA ALA F 201 15.46 11.33 -16.10
C ALA F 201 15.22 10.95 -17.57
N LEU F 202 15.02 11.96 -18.41
CA LEU F 202 14.80 11.78 -19.85
C LEU F 202 16.03 11.24 -20.56
N ARG F 203 17.21 11.63 -20.07
CA ARG F 203 18.48 11.08 -20.54
C ARG F 203 18.60 9.60 -20.17
N ALA F 204 18.29 9.29 -18.92
CA ALA F 204 18.24 7.90 -18.41
C ALA F 204 17.23 7.05 -19.18
N MET F 205 16.12 7.66 -19.58
CA MET F 205 15.08 7.01 -20.38
C MET F 205 15.60 6.44 -21.71
N VAL F 206 16.34 7.25 -22.47
CA VAL F 206 16.90 6.83 -23.76
C VAL F 206 17.85 5.65 -23.58
N LEU F 207 18.76 5.78 -22.62
CA LEU F 207 19.70 4.73 -22.23
C LEU F 207 18.99 3.43 -21.91
N ASP F 208 17.94 3.51 -21.09
CA ASP F 208 17.10 2.37 -20.72
C ASP F 208 16.42 1.75 -21.92
N LEU F 209 15.79 2.59 -22.76
CA LEU F 209 15.11 2.16 -23.98
C LEU F 209 16.03 1.41 -24.94
N ARG F 210 17.24 1.95 -25.11
CA ARG F 210 18.30 1.30 -25.91
C ARG F 210 18.63 -0.06 -25.33
N ALA F 211 18.86 -0.08 -24.01
CA ALA F 211 19.16 -1.29 -23.27
C ALA F 211 18.02 -2.30 -23.33
N PHE F 212 16.76 -1.82 -23.29
CA PHE F 212 15.58 -2.67 -23.37
C PHE F 212 15.43 -3.36 -24.72
N TYR F 213 15.52 -2.59 -25.80
CA TYR F 213 15.53 -3.11 -27.17
C TYR F 213 16.65 -4.13 -27.36
N ALA F 214 17.85 -3.77 -26.90
CA ALA F 214 19.05 -4.64 -26.94
C ALA F 214 18.86 -5.94 -26.17
N GLU F 215 18.29 -5.81 -24.97
CA GLU F 215 18.02 -6.92 -24.08
C GLU F 215 17.02 -7.90 -24.69
N LEU F 216 15.95 -7.37 -25.29
CA LEU F 216 14.93 -8.18 -25.94
C LEU F 216 15.51 -8.98 -27.10
N TYR F 217 16.22 -8.28 -27.99
CA TYR F 217 16.90 -8.92 -29.13
C TYR F 217 17.74 -10.10 -28.69
N HIS F 218 18.63 -9.86 -27.72
CA HIS F 218 19.56 -10.88 -27.22
C HIS F 218 18.88 -12.10 -26.59
N ILE F 219 17.86 -11.84 -25.76
CA ILE F 219 17.11 -12.91 -25.07
C ILE F 219 16.32 -13.77 -26.07
N ILE F 220 15.64 -13.10 -27.01
CA ILE F 220 14.87 -13.81 -28.05
C ILE F 220 15.81 -14.53 -29.04
N SER F 221 16.78 -13.81 -29.61
CA SER F 221 17.73 -14.36 -30.60
C SER F 221 18.43 -15.63 -30.14
N SER F 222 19.05 -15.58 -28.96
CA SER F 222 19.80 -16.71 -28.40
C SER F 222 18.93 -17.93 -28.08
N ASN F 223 17.66 -17.69 -27.78
CA ASN F 223 16.72 -18.76 -27.40
C ASN F 223 15.64 -19.11 -28.43
N LEU F 224 15.65 -18.42 -29.58
CA LEU F 224 14.58 -18.52 -30.60
C LEU F 224 14.19 -19.95 -30.96
N GLU F 225 15.20 -20.78 -31.15
CA GLU F 225 15.08 -22.22 -31.37
C GLU F 225 14.01 -22.86 -30.48
N LYS F 226 14.20 -22.72 -29.18
CA LYS F 226 13.28 -23.23 -28.17
C LYS F 226 11.96 -22.46 -28.08
N ILE F 227 12.01 -21.17 -28.39
CA ILE F 227 10.83 -20.28 -28.36
C ILE F 227 9.76 -20.66 -29.40
N VAL F 228 10.20 -21.05 -30.60
CA VAL F 228 9.27 -21.41 -31.69
C VAL F 228 8.65 -22.79 -31.48
N ASN F 229 9.48 -23.78 -31.10
CA ASN F 229 8.99 -25.10 -30.72
C ASN F 229 9.63 -25.63 -29.42
N PRO F 230 8.94 -25.40 -28.28
CA PRO F 230 9.41 -25.90 -26.97
C PRO F 230 9.46 -27.43 -26.89
N LYS F 231 8.68 -28.08 -27.74
CA LYS F 231 8.55 -29.54 -27.79
C LYS F 231 9.62 -30.22 -28.65
N GLY F 232 9.99 -29.58 -29.75
CA GLY F 232 10.85 -30.17 -30.77
C GLY F 232 10.13 -30.41 -32.09
N GLU F 233 10.76 -31.22 -32.94
CA GLU F 233 10.28 -31.59 -34.30
C GLU F 233 9.62 -30.47 -35.12
N VAL G 7 15.97 -16.48 -38.90
CA VAL G 7 16.41 -15.85 -40.18
C VAL G 7 17.67 -15.02 -39.94
N ARG G 8 18.70 -15.31 -40.73
CA ARG G 8 20.00 -14.61 -40.64
C ARG G 8 19.87 -13.20 -41.22
N LEU G 9 20.61 -12.26 -40.63
CA LEU G 9 20.49 -10.84 -40.95
C LEU G 9 21.46 -10.38 -42.04
N SER G 10 21.12 -9.27 -42.68
CA SER G 10 21.93 -8.65 -43.74
C SER G 10 23.30 -8.18 -43.23
N GLY G 11 24.25 -8.06 -44.14
CA GLY G 11 25.65 -7.67 -43.85
C GLY G 11 25.82 -6.39 -43.06
N GLU G 12 24.90 -5.44 -43.25
CA GLU G 12 24.85 -4.19 -42.49
C GLU G 12 24.06 -4.33 -41.19
N ALA G 13 23.09 -5.24 -41.17
CA ALA G 13 22.19 -5.42 -40.02
C ALA G 13 22.85 -6.01 -38.77
N ARG G 14 23.54 -7.14 -38.93
CA ARG G 14 24.25 -7.78 -37.80
C ARG G 14 25.54 -7.07 -37.41
N LYS G 15 26.17 -6.39 -38.37
CA LYS G 15 27.36 -5.57 -38.11
C LYS G 15 27.03 -4.37 -37.23
N GLN G 16 25.82 -3.84 -37.39
CA GLN G 16 25.30 -2.76 -36.54
C GLN G 16 24.87 -3.24 -35.15
N VAL G 17 24.49 -4.51 -35.04
CA VAL G 17 24.27 -5.16 -33.74
C VAL G 17 25.64 -5.36 -33.05
N ASP G 18 26.64 -5.72 -33.85
CA ASP G 18 28.01 -5.96 -33.41
C ASP G 18 28.75 -4.72 -32.93
N VAL G 19 28.65 -3.62 -33.69
CA VAL G 19 29.33 -2.36 -33.33
C VAL G 19 28.91 -1.86 -31.95
N PHE G 20 27.60 -1.93 -31.67
CA PHE G 20 27.06 -1.57 -30.37
C PHE G 20 27.56 -2.53 -29.29
N ARG G 21 27.47 -3.83 -29.56
CA ARG G 21 27.90 -4.88 -28.62
C ARG G 21 29.36 -4.68 -28.21
N GLN G 22 30.24 -4.55 -29.21
CA GLN G 22 31.67 -4.30 -29.02
C GLN G 22 31.94 -2.99 -28.28
N ASN G 23 31.20 -1.94 -28.66
CA ASN G 23 31.30 -0.61 -28.05
C ASN G 23 30.89 -0.63 -26.58
N LEU G 24 29.81 -1.36 -26.27
CA LEU G 24 29.31 -1.55 -24.91
C LEU G 24 30.32 -2.31 -24.03
N PHE G 25 30.86 -3.42 -24.55
CA PHE G 25 31.83 -4.24 -23.83
C PHE G 25 33.09 -3.46 -23.49
N GLN G 26 33.56 -2.67 -24.46
CA GLN G 26 34.69 -1.78 -24.27
C GLN G 26 34.38 -0.71 -23.21
N GLU G 27 33.16 -0.15 -23.26
CA GLU G 27 32.68 0.82 -22.29
C GLU G 27 32.69 0.26 -20.87
N ALA G 28 32.14 -0.95 -20.71
CA ALA G 28 32.04 -1.62 -19.41
C ALA G 28 33.40 -1.97 -18.83
N ASP G 29 34.28 -2.53 -19.67
CA ASP G 29 35.65 -2.88 -19.30
C ASP G 29 36.48 -1.63 -18.95
N ASP G 30 36.19 -0.53 -19.65
CA ASP G 30 36.79 0.78 -19.38
C ASP G 30 36.32 1.32 -18.04
N PHE G 31 35.00 1.30 -17.81
CA PHE G 31 34.38 1.75 -16.56
C PHE G 31 34.92 1.01 -15.33
N LEU G 32 34.99 -0.31 -15.44
CA LEU G 32 35.41 -1.19 -14.35
C LEU G 32 36.86 -0.97 -13.93
N CYS G 33 37.74 -0.76 -14.92
CA CYS G 33 39.18 -0.68 -14.69
C CYS G 33 39.69 0.72 -14.32
N THR G 34 39.25 1.73 -15.06
CA THR G 34 39.74 3.10 -14.88
C THR G 34 38.79 3.96 -14.02
N PHE G 35 37.54 4.09 -14.47
CA PHE G 35 36.55 5.00 -13.88
C PHE G 35 36.23 4.71 -12.41
N LEU G 36 35.85 3.47 -12.12
CA LEU G 36 35.40 3.05 -10.79
C LEU G 36 36.43 3.32 -9.67
N PRO G 37 37.71 2.89 -9.82
CA PRO G 37 38.70 3.20 -8.78
C PRO G 37 38.91 4.71 -8.56
N ARG G 38 38.93 5.47 -9.66
CA ARG G 38 39.08 6.93 -9.62
C ARG G 38 37.94 7.60 -8.86
N LYS G 39 36.71 7.18 -9.17
CA LYS G 39 35.48 7.65 -8.53
C LYS G 39 35.51 7.35 -7.02
N ILE G 40 35.68 6.07 -6.68
CA ILE G 40 35.85 5.59 -5.28
C ILE G 40 36.70 6.53 -4.42
N ILE G 41 37.85 6.93 -4.97
CA ILE G 41 38.80 7.83 -4.31
C ILE G 41 38.24 9.26 -4.30
N SER G 42 37.83 9.74 -5.48
CA SER G 42 37.40 11.14 -5.68
C SER G 42 36.33 11.61 -4.67
N LEU G 43 35.33 10.76 -4.41
CA LEU G 43 34.30 11.08 -3.40
C LEU G 43 34.81 10.96 -1.98
N SER G 44 35.64 9.95 -1.70
CA SER G 44 36.21 9.77 -0.37
C SER G 44 37.13 10.97 -0.05
N GLN G 45 37.72 11.55 -1.09
CA GLN G 45 38.45 12.82 -1.02
C GLN G 45 37.52 14.02 -0.81
N LEU G 46 36.33 13.95 -1.40
CA LEU G 46 35.26 14.95 -1.21
C LEU G 46 34.80 14.94 0.25
N LEU G 47 34.67 13.74 0.80
CA LEU G 47 34.30 13.54 2.20
C LEU G 47 35.26 14.19 3.20
N GLN G 48 36.48 14.44 2.76
CA GLN G 48 37.47 15.18 3.55
C GLN G 48 37.17 16.67 3.62
N GLU G 49 36.58 17.22 2.56
CA GLU G 49 36.29 18.66 2.46
C GLU G 49 35.37 19.16 3.57
N ASP G 50 35.60 20.41 3.97
CA ASP G 50 35.02 21.00 5.19
C ASP G 50 33.51 21.18 5.16
N SER G 51 32.96 21.49 3.97
CA SER G 51 31.52 21.68 3.77
C SER G 51 30.68 20.46 4.16
N LEU G 52 31.31 19.29 4.07
CA LEU G 52 30.69 18.00 4.42
C LEU G 52 31.01 17.50 5.82
N ASN G 53 31.91 18.20 6.51
CA ASN G 53 32.27 17.86 7.89
C ASN G 53 32.12 19.08 8.79
N VAL G 54 30.86 19.46 9.02
CA VAL G 54 30.56 20.63 9.83
C VAL G 54 30.38 20.18 11.28
N ALA G 55 31.16 20.79 12.17
CA ALA G 55 31.08 20.54 13.61
C ALA G 55 29.76 21.05 14.17
N ASP G 56 29.58 22.37 14.15
CA ASP G 56 28.35 23.02 14.65
C ASP G 56 27.32 23.16 13.52
N LEU G 57 26.21 22.43 13.65
CA LEU G 57 25.12 22.44 12.67
C LEU G 57 24.29 23.73 12.68
N SER G 58 24.52 24.57 13.69
CA SER G 58 23.91 25.90 13.77
C SER G 58 24.49 26.87 12.75
N SER G 59 25.72 26.58 12.29
CA SER G 59 26.36 27.36 11.21
C SER G 59 25.67 27.16 9.86
N LEU G 60 24.99 26.02 9.71
CA LEU G 60 24.16 25.73 8.53
C LEU G 60 22.97 26.66 8.40
N ARG G 61 22.38 27.02 9.55
CA ARG G 61 21.19 27.86 9.65
C ARG G 61 21.26 29.11 8.78
N ALA G 62 20.20 29.33 8.00
CA ALA G 62 20.10 30.47 7.09
C ALA G 62 19.23 31.57 7.71
N PRO G 63 19.49 32.86 7.35
CA PRO G 63 18.68 33.96 7.89
C PRO G 63 17.24 33.89 7.41
N LEU G 64 16.30 34.25 8.28
CA LEU G 64 14.88 34.09 7.97
C LEU G 64 14.09 35.38 7.76
N ASP G 65 14.52 36.47 8.38
CA ASP G 65 13.92 37.83 8.23
C ASP G 65 12.38 37.92 8.25
N ILE G 66 11.70 37.11 9.04
CA ILE G 66 10.25 37.22 9.14
C ILE G 66 9.90 38.07 10.37
N PRO G 67 9.07 39.13 10.18
CA PRO G 67 8.67 40.00 11.31
C PRO G 67 7.94 39.24 12.41
N ILE G 68 8.46 39.35 13.64
CA ILE G 68 7.83 38.80 14.84
C ILE G 68 6.60 39.67 15.18
N PRO G 69 5.43 39.03 15.41
CA PRO G 69 4.24 39.80 15.81
C PRO G 69 4.31 40.30 17.26
N ASP G 70 3.56 41.36 17.55
CA ASP G 70 3.47 41.92 18.90
C ASP G 70 2.04 41.83 19.46
N PRO G 71 1.88 41.31 20.70
CA PRO G 71 0.56 41.13 21.31
C PRO G 71 -0.09 42.44 21.75
N CYS G 91 6.36 41.68 4.86
CA CYS G 91 7.43 40.71 4.65
C CYS G 91 8.23 41.01 3.39
N GLY G 92 9.55 40.82 3.47
CA GLY G 92 10.47 41.05 2.35
C GLY G 92 10.56 39.83 1.44
N TYR G 93 11.78 39.40 1.15
CA TYR G 93 12.01 38.19 0.37
C TYR G 93 12.99 37.24 1.08
N LEU G 94 12.63 35.96 1.11
CA LEU G 94 13.31 34.96 1.92
C LEU G 94 14.18 34.03 1.07
N PRO G 95 15.53 34.20 1.15
CA PRO G 95 16.44 33.44 0.30
C PRO G 95 16.61 32.00 0.74
N GLY G 96 16.97 31.12 -0.21
CA GLY G 96 17.29 29.73 0.08
C GLY G 96 18.62 29.59 0.79
N ASN G 97 18.84 28.44 1.41
CA ASN G 97 20.08 28.15 2.12
C ASN G 97 21.21 27.90 1.11
N GLU G 98 22.16 28.84 1.06
CA GLU G 98 23.30 28.81 0.14
C GLU G 98 24.20 27.60 0.34
N LYS G 99 24.47 27.29 1.62
CA LYS G 99 25.35 26.20 2.03
C LYS G 99 24.86 24.86 1.51
N LEU G 100 23.55 24.62 1.65
CA LEU G 100 22.90 23.41 1.12
C LEU G 100 22.89 23.35 -0.40
N LEU G 101 22.62 24.49 -1.04
CA LEU G 101 22.67 24.63 -2.50
C LEU G 101 24.03 24.27 -3.09
N ALA G 102 25.10 24.77 -2.46
CA ALA G 102 26.48 24.46 -2.84
C ALA G 102 26.82 22.98 -2.64
N LEU G 103 26.32 22.41 -1.54
CA LEU G 103 26.45 20.97 -1.26
C LEU G 103 25.67 20.13 -2.28
N LEU G 104 24.42 20.54 -2.54
CA LEU G 104 23.56 19.85 -3.51
C LEU G 104 24.20 19.75 -4.89
N ALA G 105 24.80 20.85 -5.34
CA ALA G 105 25.53 20.92 -6.62
C ALA G 105 26.72 19.94 -6.70
N LEU G 106 27.15 19.42 -5.55
CA LEU G 106 28.25 18.45 -5.50
C LEU G 106 27.75 16.99 -5.48
N VAL G 107 26.75 16.71 -4.64
CA VAL G 107 26.18 15.35 -4.53
C VAL G 107 25.27 14.95 -5.70
N LYS G 108 24.47 15.92 -6.17
CA LYS G 108 23.44 15.69 -7.18
C LYS G 108 23.96 15.10 -8.51
N PRO G 109 25.08 15.63 -9.08
CA PRO G 109 25.59 15.02 -10.31
C PRO G 109 26.18 13.63 -10.06
N GLU G 110 26.62 13.37 -8.84
CA GLU G 110 27.18 12.06 -8.44
C GLU G 110 26.12 10.97 -8.38
N VAL G 111 24.90 11.34 -7.95
CA VAL G 111 23.74 10.44 -7.91
C VAL G 111 23.36 10.01 -9.34
N TRP G 112 23.24 10.99 -10.23
CA TRP G 112 22.87 10.75 -11.63
C TRP G 112 23.89 9.88 -12.38
N THR G 113 25.17 10.20 -12.20
CA THR G 113 26.26 9.46 -12.87
C THR G 113 26.35 8.00 -12.43
N LEU G 114 26.04 7.70 -11.16
CA LEU G 114 25.97 6.31 -10.68
C LEU G 114 24.77 5.57 -11.27
N LYS G 115 23.60 6.20 -11.27
CA LYS G 115 22.38 5.64 -11.86
C LYS G 115 22.62 5.23 -13.32
N GLU G 116 23.32 6.09 -14.05
CA GLU G 116 23.75 5.82 -15.42
C GLU G 116 24.67 4.61 -15.52
N LYS G 117 25.63 4.51 -14.61
CA LYS G 117 26.60 3.41 -14.58
C LYS G 117 25.97 2.08 -14.16
N CYS G 118 24.94 2.16 -13.31
CA CYS G 118 24.12 1.00 -12.94
C CYS G 118 23.46 0.38 -14.17
N ILE G 119 22.91 1.23 -15.04
CA ILE G 119 22.30 0.82 -16.31
C ILE G 119 23.35 0.16 -17.22
N LEU G 120 24.56 0.75 -17.27
CA LEU G 120 25.68 0.21 -18.05
C LEU G 120 26.10 -1.19 -17.63
N VAL G 121 26.26 -1.39 -16.31
CA VAL G 121 26.61 -2.70 -15.73
C VAL G 121 25.51 -3.74 -16.01
N ILE G 122 24.26 -3.31 -15.88
CA ILE G 122 23.08 -4.13 -16.18
C ILE G 122 23.09 -4.60 -17.64
N THR G 123 23.22 -3.67 -18.59
CA THR G 123 23.28 -3.98 -20.02
C THR G 123 24.44 -4.94 -20.33
N TRP G 124 25.56 -4.75 -19.64
CA TRP G 124 26.75 -5.58 -19.77
C TRP G 124 26.52 -7.04 -19.34
N ILE G 125 26.08 -7.23 -18.09
CA ILE G 125 25.85 -8.58 -17.53
C ILE G 125 24.78 -9.36 -18.30
N GLN G 126 23.75 -8.66 -18.78
CA GLN G 126 22.64 -9.28 -19.52
C GLN G 126 23.05 -9.77 -20.90
N HIS G 127 24.01 -9.08 -21.53
CA HIS G 127 24.60 -9.54 -22.79
C HIS G 127 25.58 -10.70 -22.59
N LEU G 128 25.91 -10.98 -21.33
CA LEU G 128 26.75 -12.11 -20.95
C LEU G 128 25.96 -13.33 -20.50
N ILE G 129 24.64 -13.17 -20.36
CA ILE G 129 23.73 -14.29 -20.11
C ILE G 129 23.66 -15.17 -21.36
N PRO G 130 24.03 -16.46 -21.21
CA PRO G 130 24.03 -17.35 -22.36
C PRO G 130 22.65 -17.92 -22.65
N LYS G 131 22.57 -18.73 -23.72
CA LYS G 131 21.42 -19.54 -24.07
C LYS G 131 20.92 -20.31 -22.84
N ILE G 132 19.63 -20.19 -22.53
CA ILE G 132 19.04 -20.95 -21.41
C ILE G 132 19.07 -22.43 -21.77
N GLU G 133 19.90 -23.15 -21.04
CA GLU G 133 20.21 -24.54 -21.32
C GLU G 133 20.20 -25.32 -20.01
N ASP G 134 19.77 -26.58 -20.09
CA ASP G 134 19.65 -27.47 -18.93
C ASP G 134 21.00 -27.81 -18.30
N GLY G 135 22.04 -27.89 -19.13
CA GLY G 135 23.40 -28.17 -18.69
C GLY G 135 24.02 -27.03 -17.89
N ASN G 136 24.53 -27.37 -16.72
CA ASN G 136 25.31 -26.49 -15.83
C ASN G 136 24.52 -25.24 -15.38
N ASP G 137 23.53 -25.45 -14.51
CA ASP G 137 22.65 -24.37 -14.02
C ASP G 137 23.33 -23.38 -13.08
N PHE G 138 24.31 -23.84 -12.31
CA PHE G 138 24.97 -23.06 -11.25
C PHE G 138 25.57 -21.72 -11.71
N GLY G 139 26.22 -21.74 -12.87
CA GLY G 139 26.90 -20.57 -13.42
C GLY G 139 25.98 -19.38 -13.68
N VAL G 140 24.81 -19.64 -14.26
CA VAL G 140 23.81 -18.61 -14.58
C VAL G 140 23.20 -18.02 -13.30
N ALA G 141 23.07 -18.85 -12.25
CA ALA G 141 22.58 -18.43 -10.94
C ALA G 141 23.44 -17.33 -10.31
N ILE G 142 24.75 -17.40 -10.54
CA ILE G 142 25.71 -16.37 -10.10
C ILE G 142 25.44 -15.04 -10.81
N GLN G 143 25.13 -15.10 -12.10
CA GLN G 143 24.92 -13.93 -12.94
C GLN G 143 23.68 -13.17 -12.49
N GLU G 144 22.63 -13.93 -12.17
CA GLU G 144 21.36 -13.38 -11.70
C GLU G 144 21.48 -12.72 -10.32
N LYS G 145 22.32 -13.28 -9.46
CA LYS G 145 22.59 -12.71 -8.12
C LYS G 145 23.31 -11.36 -8.21
N VAL G 146 24.36 -11.29 -9.02
CA VAL G 146 25.10 -10.03 -9.25
C VAL G 146 24.16 -8.99 -9.87
N LEU G 147 23.33 -9.43 -10.81
CA LEU G 147 22.36 -8.57 -11.49
C LEU G 147 21.31 -7.98 -10.54
N GLU G 148 20.72 -8.83 -9.69
CA GLU G 148 19.73 -8.40 -8.70
C GLU G 148 20.31 -7.43 -7.66
N ARG G 149 21.61 -7.58 -7.38
CA ARG G 149 22.36 -6.70 -6.50
C ARG G 149 22.50 -5.29 -7.09
N VAL G 150 22.88 -5.23 -8.37
CA VAL G 150 23.03 -3.95 -9.09
C VAL G 150 21.68 -3.23 -9.19
N ASN G 151 20.60 -3.99 -9.42
CA ASN G 151 19.23 -3.47 -9.42
C ASN G 151 18.81 -2.88 -8.07
N ALA G 152 19.27 -3.51 -6.98
CA ALA G 152 19.04 -3.02 -5.63
C ALA G 152 19.77 -1.71 -5.33
N VAL G 153 20.94 -1.54 -5.94
CA VAL G 153 21.72 -0.30 -5.85
C VAL G 153 21.01 0.83 -6.61
N LYS G 154 20.55 0.53 -7.84
CA LYS G 154 19.77 1.46 -8.66
C LYS G 154 18.49 1.94 -7.95
N THR G 155 17.79 1.00 -7.31
CA THR G 155 16.59 1.28 -6.51
C THR G 155 16.86 2.30 -5.39
N LYS G 156 17.96 2.09 -4.66
CA LYS G 156 18.41 3.01 -3.61
C LYS G 156 18.85 4.37 -4.13
N VAL G 157 19.48 4.38 -5.31
CA VAL G 157 19.92 5.61 -5.97
C VAL G 157 18.71 6.44 -6.41
N GLU G 158 17.68 5.76 -6.93
CA GLU G 158 16.41 6.40 -7.31
C GLU G 158 15.63 6.90 -6.09
N ALA G 159 15.83 6.22 -4.96
CA ALA G 159 15.30 6.67 -3.66
C ALA G 159 16.01 7.94 -3.17
N PHE G 160 17.26 8.13 -3.59
CA PHE G 160 18.01 9.35 -3.27
C PHE G 160 17.49 10.56 -4.05
N GLN G 161 17.19 10.37 -5.33
CA GLN G 161 16.65 11.45 -6.18
C GLN G 161 15.29 11.95 -5.70
N THR G 162 14.47 11.03 -5.20
CA THR G 162 13.16 11.37 -4.63
C THR G 162 13.28 12.05 -3.25
N THR G 163 14.42 11.89 -2.59
CA THR G 163 14.75 12.61 -1.35
C THR G 163 15.17 14.06 -1.66
N ILE G 164 15.92 14.25 -2.75
CA ILE G 164 16.36 15.56 -3.21
C ILE G 164 15.17 16.41 -3.69
N SER G 165 14.30 15.80 -4.51
CA SER G 165 13.06 16.43 -4.99
C SER G 165 12.15 16.83 -3.82
N LYS G 166 12.15 16.01 -2.78
CA LYS G 166 11.38 16.24 -1.56
C LYS G 166 11.87 17.48 -0.78
N TYR G 167 13.16 17.81 -0.89
CA TYR G 167 13.76 18.92 -0.13
C TYR G 167 13.20 20.29 -0.49
N PHE G 168 13.24 20.63 -1.78
CA PHE G 168 12.85 21.97 -2.24
C PHE G 168 11.38 22.31 -2.04
N SER G 169 10.51 21.36 -2.38
CA SER G 169 9.06 21.50 -2.20
C SER G 169 8.69 21.61 -0.72
N GLU G 170 9.37 20.83 0.11
CA GLU G 170 9.13 20.83 1.56
C GLU G 170 9.67 22.05 2.29
N ARG G 171 10.86 22.52 1.90
CA ARG G 171 11.42 23.77 2.45
C ARG G 171 10.61 24.98 1.99
N GLY G 172 10.15 24.92 0.74
CA GLY G 172 9.29 25.95 0.16
C GLY G 172 7.98 26.10 0.89
N ASP G 173 7.27 24.99 1.10
CA ASP G 173 6.02 24.95 1.87
C ASP G 173 6.21 25.37 3.32
N ALA G 174 7.44 25.15 3.82
CA ALA G 174 7.83 25.49 5.18
C ALA G 174 7.94 27.00 5.40
N VAL G 175 8.69 27.68 4.53
CA VAL G 175 8.84 29.15 4.58
C VAL G 175 7.55 29.87 4.22
N ALA G 176 6.77 29.28 3.30
CA ALA G 176 5.46 29.81 2.89
C ALA G 176 4.47 29.77 4.04
N LYS G 177 4.50 28.70 4.83
CA LYS G 177 3.68 28.58 6.05
C LYS G 177 4.17 29.50 7.16
N ALA G 178 5.49 29.61 7.31
CA ALA G 178 6.13 30.44 8.34
C ALA G 178 5.89 31.94 8.13
N SER G 179 5.86 32.37 6.87
CA SER G 179 5.62 33.77 6.52
C SER G 179 4.13 34.15 6.64
N LYS G 180 3.25 33.27 6.16
CA LYS G 180 1.80 33.44 6.24
C LYS G 180 1.29 33.51 7.68
N ASP G 181 1.73 32.55 8.50
CA ASP G 181 1.41 32.51 9.92
C ASP G 181 2.67 32.85 10.73
N THR G 182 2.84 34.16 10.96
CA THR G 182 4.03 34.71 11.62
C THR G 182 4.12 34.32 13.10
N HIS G 183 2.95 34.20 13.74
CA HIS G 183 2.82 33.99 15.20
C HIS G 183 3.37 32.66 15.73
N VAL G 184 3.46 31.65 14.87
CA VAL G 184 3.92 30.33 15.26
C VAL G 184 5.42 30.14 15.01
N MET G 185 6.15 29.81 16.08
CA MET G 185 7.61 29.65 16.02
C MET G 185 8.02 28.29 15.46
N ASP G 186 7.16 27.29 15.63
CA ASP G 186 7.43 25.92 15.18
C ASP G 186 7.64 25.80 13.67
N TYR G 187 6.91 26.61 12.90
CA TYR G 187 7.11 26.71 11.45
C TYR G 187 8.51 27.22 11.09
N ARG G 188 8.93 28.29 11.78
CA ARG G 188 10.27 28.88 11.63
C ARG G 188 11.37 27.89 12.02
N ALA G 189 11.12 27.16 13.11
CA ALA G 189 12.06 26.19 13.67
C ALA G 189 12.31 25.01 12.73
N LEU G 190 11.27 24.58 12.02
CA LEU G 190 11.36 23.43 11.13
C LEU G 190 12.12 23.71 9.84
N VAL G 191 12.07 24.96 9.36
CA VAL G 191 12.79 25.34 8.13
C VAL G 191 14.29 25.10 8.31
N HIS G 192 14.80 25.55 9.46
CA HIS G 192 16.18 25.32 9.87
C HIS G 192 16.45 23.83 10.10
N GLU G 193 15.41 23.10 10.54
CA GLU G 193 15.48 21.66 10.79
C GLU G 193 15.56 20.84 9.50
N ARG G 194 14.82 21.27 8.48
CA ARG G 194 14.85 20.65 7.15
C ARG G 194 16.24 20.72 6.54
N ASP G 195 16.89 21.87 6.70
CA ASP G 195 18.26 22.11 6.24
C ASP G 195 19.26 21.20 6.93
N GLU G 196 19.08 21.00 8.24
CA GLU G 196 19.88 20.06 9.01
C GLU G 196 19.58 18.61 8.61
N ALA G 197 18.30 18.31 8.41
CA ALA G 197 17.84 16.99 7.98
C ALA G 197 18.34 16.64 6.57
N ALA G 198 18.33 17.65 5.69
CA ALA G 198 18.87 17.52 4.34
C ALA G 198 20.37 17.30 4.38
N TYR G 199 21.09 18.17 5.11
CA TYR G 199 22.54 18.07 5.29
C TYR G 199 22.97 16.67 5.70
N GLY G 200 22.36 16.17 6.79
CA GLY G 200 22.64 14.84 7.33
C GLY G 200 22.38 13.73 6.32
N ALA G 201 21.28 13.87 5.57
CA ALA G 201 20.90 12.91 4.52
C ALA G 201 21.86 12.95 3.35
N LEU G 202 22.27 14.16 2.96
CA LEU G 202 23.23 14.37 1.86
C LEU G 202 24.63 13.88 2.20
N ARG G 203 24.98 13.96 3.49
CA ARG G 203 26.22 13.38 4.00
C ARG G 203 26.18 11.86 3.91
N ALA G 204 25.07 11.27 4.37
CA ALA G 204 24.82 9.84 4.28
C ALA G 204 24.83 9.34 2.83
N MET G 205 24.33 10.18 1.93
CA MET G 205 24.32 9.90 0.48
C MET G 205 25.70 9.63 -0.08
N VAL G 206 26.68 10.49 0.21
CA VAL G 206 28.05 10.33 -0.28
C VAL G 206 28.66 9.04 0.24
N LEU G 207 28.50 8.78 1.54
CA LEU G 207 28.97 7.54 2.17
C LEU G 207 28.40 6.31 1.49
N ASP G 208 27.08 6.35 1.25
CA ASP G 208 26.38 5.29 0.53
C ASP G 208 26.91 5.09 -0.88
N LEU G 209 27.05 6.18 -1.64
CA LEU G 209 27.55 6.14 -3.02
C LEU G 209 28.95 5.56 -3.11
N ARG G 210 29.82 5.95 -2.18
CA ARG G 210 31.16 5.40 -2.04
C ARG G 210 31.09 3.90 -1.79
N ALA G 211 30.26 3.53 -0.82
CA ALA G 211 30.02 2.13 -0.47
C ALA G 211 29.42 1.32 -1.62
N PHE G 212 28.53 1.96 -2.40
CA PHE G 212 27.90 1.31 -3.56
C PHE G 212 28.89 1.02 -4.68
N TYR G 213 29.68 2.03 -5.06
CA TYR G 213 30.76 1.86 -6.04
C TYR G 213 31.74 0.77 -5.60
N ALA G 214 32.14 0.84 -4.32
CA ALA G 214 33.04 -0.12 -3.70
C ALA G 214 32.49 -1.53 -3.70
N GLU G 215 31.21 -1.65 -3.37
CA GLU G 215 30.48 -2.92 -3.31
C GLU G 215 30.39 -3.56 -4.68
N LEU G 216 30.07 -2.75 -5.69
CA LEU G 216 29.98 -3.21 -7.08
C LEU G 216 31.31 -3.76 -7.57
N TYR G 217 32.38 -2.98 -7.41
CA TYR G 217 33.74 -3.39 -7.76
C TYR G 217 34.08 -4.75 -7.18
N HIS G 218 33.92 -4.88 -5.86
CA HIS G 218 34.27 -6.10 -5.14
C HIS G 218 33.47 -7.33 -5.58
N ILE G 219 32.15 -7.17 -5.76
CA ILE G 219 31.27 -8.26 -6.19
C ILE G 219 31.57 -8.72 -7.62
N ILE G 220 31.77 -7.76 -8.52
CA ILE G 220 32.12 -8.08 -9.92
C ILE G 220 33.55 -8.64 -10.02
N SER G 221 34.53 -7.95 -9.44
CA SER G 221 35.95 -8.35 -9.50
C SER G 221 36.20 -9.77 -9.04
N SER G 222 35.72 -10.09 -7.84
CA SER G 222 35.92 -11.42 -7.24
C SER G 222 35.23 -12.55 -8.02
N ASN G 223 34.15 -12.22 -8.73
CA ASN G 223 33.37 -13.22 -9.46
C ASN G 223 33.48 -13.15 -11.00
N LEU G 224 34.26 -12.21 -11.51
CA LEU G 224 34.34 -11.89 -12.96
C LEU G 224 34.50 -13.11 -13.86
N GLU G 225 35.39 -14.01 -13.44
CA GLU G 225 35.64 -15.31 -14.05
C GLU G 225 34.35 -16.02 -14.47
N LYS G 226 33.47 -16.23 -13.49
CA LYS G 226 32.16 -16.86 -13.70
C LYS G 226 31.16 -15.96 -14.42
N ILE G 227 31.28 -14.64 -14.23
CA ILE G 227 30.39 -13.65 -14.85
C ILE G 227 30.52 -13.60 -16.38
N VAL G 228 31.75 -13.72 -16.90
CA VAL G 228 31.99 -13.67 -18.35
C VAL G 228 31.57 -14.96 -19.04
N ASN G 229 31.93 -16.11 -18.46
CA ASN G 229 31.47 -17.42 -18.95
C ASN G 229 30.96 -18.33 -17.82
N PRO G 230 29.64 -18.32 -17.56
CA PRO G 230 29.02 -19.19 -16.55
C PRO G 230 29.15 -20.68 -16.87
N LYS G 231 29.31 -20.98 -18.15
CA LYS G 231 29.45 -22.35 -18.66
C LYS G 231 30.85 -22.93 -18.43
N GLY G 232 31.83 -22.05 -18.26
CA GLY G 232 33.22 -22.44 -18.02
C GLY G 232 34.08 -22.24 -19.25
N GLU G 233 35.08 -23.11 -19.39
CA GLU G 233 36.03 -23.15 -20.54
C GLU G 233 36.42 -21.79 -21.14
#